data_6C8M
# 
_entry.id   6C8M 
# 
_audit_conform.dict_name       mmcif_pdbx.dic 
_audit_conform.dict_version    5.391 
_audit_conform.dict_location   http://mmcif.pdb.org/dictionaries/ascii/mmcif_pdbx.dic 
# 
loop_
_database_2.database_id 
_database_2.database_code 
_database_2.pdbx_database_accession 
_database_2.pdbx_DOI 
PDB   6C8M         pdb_00006c8m 10.2210/pdb6c8m/pdb 
WWPDB D_1000232283 ?            ?                   
# 
loop_
_pdbx_audit_revision_history.ordinal 
_pdbx_audit_revision_history.data_content_type 
_pdbx_audit_revision_history.major_revision 
_pdbx_audit_revision_history.minor_revision 
_pdbx_audit_revision_history.revision_date 
1 'Structure model' 1 0 2018-05-30 
2 'Structure model' 1 1 2018-10-31 
3 'Structure model' 1 2 2019-11-20 
4 'Structure model' 1 3 2023-10-04 
5 'Structure model' 2 0 2024-05-01 
# 
_pdbx_audit_revision_details.ordinal             1 
_pdbx_audit_revision_details.revision_ordinal    1 
_pdbx_audit_revision_details.data_content_type   'Structure model' 
_pdbx_audit_revision_details.provider            repository 
_pdbx_audit_revision_details.type                'Initial release' 
_pdbx_audit_revision_details.description         ? 
_pdbx_audit_revision_details.details             ? 
# 
loop_
_pdbx_audit_revision_group.ordinal 
_pdbx_audit_revision_group.revision_ordinal 
_pdbx_audit_revision_group.data_content_type 
_pdbx_audit_revision_group.group 
1  2 'Structure model' 'Data collection'            
2  2 'Structure model' 'Database references'        
3  3 'Structure model' 'Author supporting evidence' 
4  4 'Structure model' 'Data collection'            
5  4 'Structure model' 'Database references'        
6  4 'Structure model' 'Derived calculations'       
7  4 'Structure model' 'Refinement description'     
8  5 'Structure model' 'Derived calculations'       
9  5 'Structure model' 'Non-polymer description'    
10 5 'Structure model' 'Structure summary'          
# 
loop_
_pdbx_audit_revision_category.ordinal 
_pdbx_audit_revision_category.revision_ordinal 
_pdbx_audit_revision_category.data_content_type 
_pdbx_audit_revision_category.category 
1  2 'Structure model' citation                      
2  2 'Structure model' citation_author               
3  3 'Structure model' pdbx_audit_support            
4  4 'Structure model' chem_comp_atom                
5  4 'Structure model' chem_comp_bond                
6  4 'Structure model' database_2                    
7  4 'Structure model' pdbx_initial_refinement_model 
8  4 'Structure model' struct_conn                   
9  5 'Structure model' chem_comp                     
10 5 'Structure model' entity                        
11 5 'Structure model' pdbx_entity_nonpoly           
# 
loop_
_pdbx_audit_revision_item.ordinal 
_pdbx_audit_revision_item.revision_ordinal 
_pdbx_audit_revision_item.data_content_type 
_pdbx_audit_revision_item.item 
1  2 'Structure model' '_citation.page_first'                     
2  2 'Structure model' '_citation.pdbx_database_id_PubMed'        
3  2 'Structure model' '_citation.title'                          
4  2 'Structure model' '_citation_author.identifier_ORCID'        
5  3 'Structure model' '_pdbx_audit_support.funding_organization' 
6  4 'Structure model' '_database_2.pdbx_DOI'                     
7  4 'Structure model' '_database_2.pdbx_database_accession'      
8  4 'Structure model' '_struct_conn.pdbx_dist_value'             
9  4 'Structure model' '_struct_conn.pdbx_leaving_atom_flag'      
10 4 'Structure model' '_struct_conn.pdbx_ptnr1_label_alt_id'     
11 4 'Structure model' '_struct_conn.pdbx_ptnr2_label_alt_id'     
12 4 'Structure model' '_struct_conn.ptnr1_auth_asym_id'          
13 4 'Structure model' '_struct_conn.ptnr1_auth_comp_id'          
14 4 'Structure model' '_struct_conn.ptnr1_auth_seq_id'           
15 4 'Structure model' '_struct_conn.ptnr1_label_asym_id'         
16 4 'Structure model' '_struct_conn.ptnr1_label_atom_id'         
17 4 'Structure model' '_struct_conn.ptnr1_label_comp_id'         
18 4 'Structure model' '_struct_conn.ptnr1_label_seq_id'          
19 4 'Structure model' '_struct_conn.ptnr2_auth_asym_id'          
20 4 'Structure model' '_struct_conn.ptnr2_auth_comp_id'          
21 4 'Structure model' '_struct_conn.ptnr2_auth_seq_id'           
22 4 'Structure model' '_struct_conn.ptnr2_label_asym_id'         
23 4 'Structure model' '_struct_conn.ptnr2_label_atom_id'         
24 4 'Structure model' '_struct_conn.ptnr2_label_comp_id'         
25 4 'Structure model' '_struct_conn.ptnr2_label_seq_id'          
26 5 'Structure model' '_chem_comp.formula'                       
27 5 'Structure model' '_chem_comp.name'                          
28 5 'Structure model' '_entity.pdbx_description'                 
29 5 'Structure model' '_pdbx_entity_nonpoly.name'                
# 
_pdbx_database_status.status_code                     REL 
_pdbx_database_status.status_code_sf                  REL 
_pdbx_database_status.status_code_mr                  ? 
_pdbx_database_status.entry_id                        6C8M 
_pdbx_database_status.recvd_initial_deposition_date   2018-01-25 
_pdbx_database_status.SG_entry                        N 
_pdbx_database_status.deposit_site                    RCSB 
_pdbx_database_status.process_site                    RCSB 
_pdbx_database_status.status_code_cs                  ? 
_pdbx_database_status.methods_development_category    ? 
_pdbx_database_status.pdb_format_compatible           Y 
_pdbx_database_status.status_code_nmr_data            ? 
# 
loop_
_audit_author.name 
_audit_author.pdbx_ordinal 
_audit_author.identifier_ORCID 
'Zhang, W.'     1 ? 
'Szostak, J.W.' 2 ? 
# 
_citation.abstract                  ? 
_citation.abstract_id_CAS           ? 
_citation.book_id_ISBN              ? 
_citation.book_publisher            ? 
_citation.book_publisher_city       ? 
_citation.book_title                ? 
_citation.coordinate_linkage        ? 
_citation.country                   US 
_citation.database_id_Medline       ? 
_citation.details                   ? 
_citation.id                        primary 
_citation.journal_abbrev            Elife 
_citation.journal_id_ASTM           ? 
_citation.journal_id_CSD            ? 
_citation.journal_id_ISSN           2050-084X 
_citation.journal_full              ? 
_citation.journal_issue             ? 
_citation.journal_volume            7 
_citation.language                  ? 
_citation.page_first                ? 
_citation.page_last                 ? 
_citation.title                     'Crystallographic observation of nonenzymatic RNA primer extension.' 
_citation.year                      2018 
_citation.database_id_CSD           ? 
_citation.pdbx_database_id_DOI      10.7554/eLife.36422 
_citation.pdbx_database_id_PubMed   29851379 
_citation.unpublished_flag          ? 
# 
loop_
_citation_author.citation_id 
_citation_author.name 
_citation_author.ordinal 
_citation_author.identifier_ORCID 
primary 'Zhang, W.'     1 0000-0003-4811-4384 
primary 'Walton, T.'    2 0000-0001-6812-1579 
primary 'Li, L.'        3 0000-0003-4766-5782 
primary 'Szostak, J.W.' 4 0000-0003-4131-1203 
# 
loop_
_entity.id 
_entity.type 
_entity.src_method 
_entity.pdbx_description 
_entity.formula_weight 
_entity.pdbx_number_of_molecules 
_entity.pdbx_ec 
_entity.pdbx_mutation 
_entity.pdbx_fragment 
_entity.details 
1 polymer     syn 
;RNA (5'-R(*(LCC)P*(LCC)P*(LCC)P*(LCG)P*AP*CP*UP*UP*AP*AP*GP*UP*CP*GP*G)-3')
;
4858.010 1 ? ? ? ? 
2 polymer     syn 
;RNA (5'-R(*(LCC)P*(LCC)P*(LCC)P*(LCG)P*AP*CP*UP*UP*AP*AP*GP*UP*CP*G)-3')
;
4512.804 1 ? ? ? ? 
3 non-polymer syn "5'-O-[(R)-(2-amino-1H-imidazol-1-yl)(hydroxy)phosphoryl]guanosine" 428.297  1 ? ? ? ? 
4 non-polymer syn 
;2-amino-1-[(R)-{[(2R,3S,4R,5R)-5-(2-amino-6-oxo-1,6-dihydro-9H-purin-9-yl)-3,4-dihydroxyoxolan-2-yl]methoxy}(hydroxy)phosphoryl]-3-[(S)-{[(2R,3S,4R,5R)-5-(2-amino-6-oxo-1,6-dihydro-9H-purin-9-yl)-3,4-dihydroxyoxolan-2-yl]methoxy}(hydroxy)phosphoryl]-1H-imidazol-3-ium
;
774.511  2 ? ? ? ? 
5 water       nat water 18.015   6 ? ? ? ? 
# 
loop_
_entity_poly.entity_id 
_entity_poly.type 
_entity_poly.nstd_linkage 
_entity_poly.nstd_monomer 
_entity_poly.pdbx_seq_one_letter_code 
_entity_poly.pdbx_seq_one_letter_code_can 
_entity_poly.pdbx_strand_id 
_entity_poly.pdbx_target_identifier 
1 polyribonucleotide no yes '(LCC)(LCC)(LCC)(LCG)ACUUAAGUCGG' NNNGACUUAAGUCGG A ? 
2 polyribonucleotide no yes '(LCC)(LCC)(LCC)(LCG)ACUUAAGUCG'  NNNGACUUAAGUCG  B ? 
# 
loop_
_pdbx_entity_nonpoly.entity_id 
_pdbx_entity_nonpoly.name 
_pdbx_entity_nonpoly.comp_id 
3 "5'-O-[(R)-(2-amino-1H-imidazol-1-yl)(hydroxy)phosphoryl]guanosine" EQ4 
4 
;2-amino-1-[(R)-{[(2R,3S,4R,5R)-5-(2-amino-6-oxo-1,6-dihydro-9H-purin-9-yl)-3,4-dihydroxyoxolan-2-yl]methoxy}(hydroxy)phosphoryl]-3-[(S)-{[(2R,3S,4R,5R)-5-(2-amino-6-oxo-1,6-dihydro-9H-purin-9-yl)-3,4-dihydroxyoxolan-2-yl]methoxy}(hydroxy)phosphoryl]-1H-imidazol-3-ium
;
EQ1 
5 water HOH 
# 
loop_
_entity_poly_seq.entity_id 
_entity_poly_seq.num 
_entity_poly_seq.mon_id 
_entity_poly_seq.hetero 
1 1  LCC n 
1 2  LCC n 
1 3  LCC n 
1 4  LCG n 
1 5  A   n 
1 6  C   n 
1 7  U   n 
1 8  U   n 
1 9  A   n 
1 10 A   n 
1 11 G   n 
1 12 U   n 
1 13 C   n 
1 14 G   n 
1 15 G   n 
2 1  LCC n 
2 2  LCC n 
2 3  LCC n 
2 4  LCG n 
2 5  A   n 
2 6  C   n 
2 7  U   n 
2 8  U   n 
2 9  A   n 
2 10 A   n 
2 11 G   n 
2 12 U   n 
2 13 C   n 
2 14 G   n 
# 
loop_
_pdbx_entity_src_syn.entity_id 
_pdbx_entity_src_syn.pdbx_src_id 
_pdbx_entity_src_syn.pdbx_alt_source_flag 
_pdbx_entity_src_syn.pdbx_beg_seq_num 
_pdbx_entity_src_syn.pdbx_end_seq_num 
_pdbx_entity_src_syn.organism_scientific 
_pdbx_entity_src_syn.organism_common_name 
_pdbx_entity_src_syn.ncbi_taxonomy_id 
_pdbx_entity_src_syn.details 
1 1 sample 1 15 'synthetic construct' ? 32630 ? 
2 1 sample 1 14 'synthetic construct' ? 32630 ? 
# 
loop_
_chem_comp.id 
_chem_comp.type 
_chem_comp.mon_nstd_flag 
_chem_comp.name 
_chem_comp.pdbx_synonyms 
_chem_comp.formula 
_chem_comp.formula_weight 
A   'RNA linking' y "ADENOSINE-5'-MONOPHOSPHATE" ? 'C10 H14 N5 O7 P'      347.221 
C   'RNA linking' y "CYTIDINE-5'-MONOPHOSPHATE" ? 'C9 H14 N3 O8 P'       323.197 
EQ1 non-polymer   . 
;2-amino-1-[(R)-{[(2R,3S,4R,5R)-5-(2-amino-6-oxo-1,6-dihydro-9H-purin-9-yl)-3,4-dihydroxyoxolan-2-yl]methoxy}(hydroxy)phosphoryl]-3-[(S)-{[(2R,3S,4R,5R)-5-(2-amino-6-oxo-1,6-dihydro-9H-purin-9-yl)-3,4-dihydroxyoxolan-2-yl]methoxy}(hydroxy)phosphoryl]-1H-imidazol-3-ium
;
? 'C23 H30 N13 O14 P2 1' 774.511 
EQ4 'RNA linking' n "5'-O-[(R)-(2-amino-1H-imidazol-1-yl)(hydroxy)phosphoryl]guanosine" ? 'C13 H17 N8 O7 P'      428.297 
G   'RNA linking' y "GUANOSINE-5'-MONOPHOSPHATE" ? 'C10 H14 N5 O8 P'      363.221 
HOH non-polymer   . WATER ? 'H2 O'                 18.015  
LCC 'RNA linking' . 
'[(1R,3R,4R,7S)-7-HYDROXY-3-(5-METHYLCYTOSIN-1-YL)-2,5-DIOXABICYCLO[2.2.1]HEPT-1-YL]METHYL DIHYDROGEN PHOSPHATE' ? 
'C11 H16 N3 O8 P'      349.234 
LCG 'RNA linking' n '[(1R,3R,4R,7S)-7-HYDROXY-3-(GUANIN-9-YL)-2,5-DIOXABICYCLO[2.2.1]HEPT-1-YL]METHYL DIHYDROGEN PHOSPHATE' ? 
'C11 H14 N5 O8 P'      375.231 
U   'RNA linking' y "URIDINE-5'-MONOPHOSPHATE" ? 'C9 H13 N2 O9 P'       324.181 
# 
loop_
_pdbx_poly_seq_scheme.asym_id 
_pdbx_poly_seq_scheme.entity_id 
_pdbx_poly_seq_scheme.seq_id 
_pdbx_poly_seq_scheme.mon_id 
_pdbx_poly_seq_scheme.ndb_seq_num 
_pdbx_poly_seq_scheme.pdb_seq_num 
_pdbx_poly_seq_scheme.auth_seq_num 
_pdbx_poly_seq_scheme.pdb_mon_id 
_pdbx_poly_seq_scheme.auth_mon_id 
_pdbx_poly_seq_scheme.pdb_strand_id 
_pdbx_poly_seq_scheme.pdb_ins_code 
_pdbx_poly_seq_scheme.hetero 
A 1 1  LCC 1  1  1  LCC LCC A . n 
A 1 2  LCC 2  2  2  LCC LCC A . n 
A 1 3  LCC 3  3  3  LCC LCC A . n 
A 1 4  LCG 4  4  4  LCG LCG A . n 
A 1 5  A   5  5  5  A   A   A . n 
A 1 6  C   6  6  6  C   C   A . n 
A 1 7  U   7  7  7  U   U   A . n 
A 1 8  U   8  8  8  U   U   A . n 
A 1 9  A   9  9  9  A   A   A . n 
A 1 10 A   10 10 10 A   A   A . n 
A 1 11 G   11 11 11 G   G   A . n 
A 1 12 U   12 12 12 U   U   A . n 
A 1 13 C   13 13 13 C   C   A . n 
A 1 14 G   14 14 14 G   G   A . n 
A 1 15 G   15 15 15 G   G   A . n 
B 2 1  LCC 1  1  1  LCC LCC B . n 
B 2 2  LCC 2  2  2  LCC LCC B . n 
B 2 3  LCC 3  3  3  LCC LCC B . n 
B 2 4  LCG 4  4  4  LCG LCG B . n 
B 2 5  A   5  5  5  A   A   B . n 
B 2 6  C   6  6  6  C   C   B . n 
B 2 7  U   7  7  7  U   U   B . n 
B 2 8  U   8  8  8  U   U   B . n 
B 2 9  A   9  9  9  A   A   B . n 
B 2 10 A   10 10 10 A   A   B . n 
B 2 11 G   11 11 11 G   G   B . n 
B 2 12 U   12 12 12 U   U   B . n 
B 2 13 C   13 13 13 C   C   B . n 
B 2 14 G   14 14 14 G   G   B . n 
# 
loop_
_pdbx_nonpoly_scheme.asym_id 
_pdbx_nonpoly_scheme.entity_id 
_pdbx_nonpoly_scheme.mon_id 
_pdbx_nonpoly_scheme.ndb_seq_num 
_pdbx_nonpoly_scheme.pdb_seq_num 
_pdbx_nonpoly_scheme.auth_seq_num 
_pdbx_nonpoly_scheme.pdb_mon_id 
_pdbx_nonpoly_scheme.auth_mon_id 
_pdbx_nonpoly_scheme.pdb_strand_id 
_pdbx_nonpoly_scheme.pdb_ins_code 
C 3 EQ4 1 101 16 EQ4 NG  A . 
D 4 EQ1 1 102 1  EQ1 GIM A . 
E 4 EQ1 1 103 2  EQ1 GIM A . 
F 5 HOH 1 201 6  HOH HOH A . 
F 5 HOH 2 202 3  HOH HOH A . 
F 5 HOH 3 203 5  HOH HOH A . 
F 5 HOH 4 204 1  HOH HOH A . 
G 5 HOH 1 101 4  HOH HOH B . 
G 5 HOH 2 102 2  HOH HOH B . 
# 
loop_
_software.citation_id 
_software.classification 
_software.compiler_name 
_software.compiler_version 
_software.contact_author 
_software.contact_author_email 
_software.date 
_software.description 
_software.dependencies 
_software.hardware 
_software.language 
_software.location 
_software.mods 
_software.name 
_software.os 
_software.os_version 
_software.type 
_software.version 
_software.pdbx_ordinal 
? refinement       ? ? ? ? ? ? ? ? ? ? ? REFMAC   ? ? ? 5.8.0135 1 
? 'data reduction' ? ? ? ? ? ? ? ? ? ? ? HKL-2000 ? ? ? .        2 
? 'data scaling'   ? ? ? ? ? ? ? ? ? ? ? HKL-2000 ? ? ? .        3 
? phasing          ? ? ? ? ? ? ? ? ? ? ? PHASER   ? ? ? .        4 
# 
_cell.angle_alpha                  90.00 
_cell.angle_alpha_esd              ? 
_cell.angle_beta                   90.00 
_cell.angle_beta_esd               ? 
_cell.angle_gamma                  120.00 
_cell.angle_gamma_esd              ? 
_cell.entry_id                     6C8M 
_cell.details                      ? 
_cell.formula_units_Z              ? 
_cell.length_a                     47.874 
_cell.length_a_esd                 ? 
_cell.length_b                     47.874 
_cell.length_b_esd                 ? 
_cell.length_c                     82.731 
_cell.length_c_esd                 ? 
_cell.volume                       ? 
_cell.volume_esd                   ? 
_cell.Z_PDB                        6 
_cell.reciprocal_angle_alpha       ? 
_cell.reciprocal_angle_beta        ? 
_cell.reciprocal_angle_gamma       ? 
_cell.reciprocal_angle_alpha_esd   ? 
_cell.reciprocal_angle_beta_esd    ? 
_cell.reciprocal_angle_gamma_esd   ? 
_cell.reciprocal_length_a          ? 
_cell.reciprocal_length_b          ? 
_cell.reciprocal_length_c          ? 
_cell.reciprocal_length_a_esd      ? 
_cell.reciprocal_length_b_esd      ? 
_cell.reciprocal_length_c_esd      ? 
_cell.pdbx_unique_axis             ? 
# 
_symmetry.entry_id                         6C8M 
_symmetry.cell_setting                     ? 
_symmetry.Int_Tables_number                150 
_symmetry.space_group_name_Hall            ? 
_symmetry.space_group_name_H-M             'P 3 2 1' 
_symmetry.pdbx_full_space_group_name_H-M   ? 
# 
_exptl.absorpt_coefficient_mu     ? 
_exptl.absorpt_correction_T_max   ? 
_exptl.absorpt_correction_T_min   ? 
_exptl.absorpt_correction_type    ? 
_exptl.absorpt_process_details    ? 
_exptl.entry_id                   6C8M 
_exptl.crystals_number            1 
_exptl.details                    ? 
_exptl.method                     'X-RAY DIFFRACTION' 
_exptl.method_details             ? 
# 
_exptl_crystal.colour                      ? 
_exptl_crystal.density_diffrn              ? 
_exptl_crystal.density_Matthews            2.82 
_exptl_crystal.density_method              ? 
_exptl_crystal.density_percent_sol         56.34 
_exptl_crystal.description                 ? 
_exptl_crystal.F_000                       ? 
_exptl_crystal.id                          1 
_exptl_crystal.preparation                 ? 
_exptl_crystal.size_max                    ? 
_exptl_crystal.size_mid                    ? 
_exptl_crystal.size_min                    ? 
_exptl_crystal.size_rad                    ? 
_exptl_crystal.colour_lustre               ? 
_exptl_crystal.colour_modifier             ? 
_exptl_crystal.colour_primary              ? 
_exptl_crystal.density_meas                ? 
_exptl_crystal.density_meas_esd            ? 
_exptl_crystal.density_meas_gt             ? 
_exptl_crystal.density_meas_lt             ? 
_exptl_crystal.density_meas_temp           ? 
_exptl_crystal.density_meas_temp_esd       ? 
_exptl_crystal.density_meas_temp_gt        ? 
_exptl_crystal.density_meas_temp_lt        ? 
_exptl_crystal.pdbx_crystal_image_url      ? 
_exptl_crystal.pdbx_crystal_image_format   ? 
_exptl_crystal.pdbx_mosaicity              ? 
_exptl_crystal.pdbx_mosaicity_esd          ? 
# 
_exptl_crystal_grow.apparatus       ? 
_exptl_crystal_grow.atmosphere      ? 
_exptl_crystal_grow.crystal_id      1 
_exptl_crystal_grow.details         ? 
_exptl_crystal_grow.method          'VAPOR DIFFUSION, HANGING DROP' 
_exptl_crystal_grow.method_ref      ? 
_exptl_crystal_grow.pH              7.0 
_exptl_crystal_grow.pressure        ? 
_exptl_crystal_grow.pressure_esd    ? 
_exptl_crystal_grow.seeding         ? 
_exptl_crystal_grow.seeding_ref     ? 
_exptl_crystal_grow.temp            291 
_exptl_crystal_grow.temp_details    ? 
_exptl_crystal_grow.temp_esd        ? 
_exptl_crystal_grow.time            ? 
_exptl_crystal_grow.pdbx_details    
;10% v/v (+/-)-2-Methyl-2,4-pentanediol, 0.040 M Sodium cacodylate trihydrate pH 7.0, 0.012 M Spermine tetrahydrochloride, 0.080 M Sodium chloride, 0.020 M Magnesium chloride
;
_exptl_crystal_grow.pdbx_pH_range   ? 
# 
_diffrn.ambient_environment    ? 
_diffrn.ambient_temp           99 
_diffrn.ambient_temp_details   ? 
_diffrn.ambient_temp_esd       ? 
_diffrn.crystal_id             1 
_diffrn.crystal_support        ? 
_diffrn.crystal_treatment      ? 
_diffrn.details                ? 
_diffrn.id                     1 
_diffrn.ambient_pressure       ? 
_diffrn.ambient_pressure_esd   ? 
_diffrn.ambient_pressure_gt    ? 
_diffrn.ambient_pressure_lt    ? 
_diffrn.ambient_temp_gt        ? 
_diffrn.ambient_temp_lt        ? 
# 
_diffrn_detector.details                      ? 
_diffrn_detector.detector                     CCD 
_diffrn_detector.diffrn_id                    1 
_diffrn_detector.type                         'MAR CCD 130 mm' 
_diffrn_detector.area_resol_mean              ? 
_diffrn_detector.dtime                        ? 
_diffrn_detector.pdbx_frames_total            ? 
_diffrn_detector.pdbx_collection_time_total   ? 
_diffrn_detector.pdbx_collection_date         2016-05-19 
# 
_diffrn_radiation.collimation                      ? 
_diffrn_radiation.diffrn_id                        1 
_diffrn_radiation.filter_edge                      ? 
_diffrn_radiation.inhomogeneity                    ? 
_diffrn_radiation.monochromator                    ? 
_diffrn_radiation.polarisn_norm                    ? 
_diffrn_radiation.polarisn_ratio                   ? 
_diffrn_radiation.probe                            ? 
_diffrn_radiation.type                             ? 
_diffrn_radiation.xray_symbol                      ? 
_diffrn_radiation.wavelength_id                    1 
_diffrn_radiation.pdbx_monochromatic_or_laue_m_l   M 
_diffrn_radiation.pdbx_wavelength_list             ? 
_diffrn_radiation.pdbx_wavelength                  ? 
_diffrn_radiation.pdbx_diffrn_protocol             'SINGLE WAVELENGTH' 
_diffrn_radiation.pdbx_analyzer                    ? 
_diffrn_radiation.pdbx_scattering_type             x-ray 
# 
_diffrn_radiation_wavelength.id           1 
_diffrn_radiation_wavelength.wavelength   1 
_diffrn_radiation_wavelength.wt           1.0 
# 
_diffrn_source.current                     ? 
_diffrn_source.details                     ? 
_diffrn_source.diffrn_id                   1 
_diffrn_source.power                       ? 
_diffrn_source.size                        ? 
_diffrn_source.source                      SYNCHROTRON 
_diffrn_source.target                      ? 
_diffrn_source.type                        'ALS BEAMLINE 8.2.2' 
_diffrn_source.voltage                     ? 
_diffrn_source.take-off_angle              ? 
_diffrn_source.pdbx_wavelength_list        1 
_diffrn_source.pdbx_wavelength             ? 
_diffrn_source.pdbx_synchrotron_beamline   8.2.2 
_diffrn_source.pdbx_synchrotron_site       ALS 
# 
_reflns.B_iso_Wilson_estimate            ? 
_reflns.entry_id                         6C8M 
_reflns.data_reduction_details           ? 
_reflns.data_reduction_method            ? 
_reflns.d_resolution_high                2.40 
_reflns.d_resolution_low                 50 
_reflns.details                          ? 
_reflns.limit_h_max                      ? 
_reflns.limit_h_min                      ? 
_reflns.limit_k_max                      ? 
_reflns.limit_k_min                      ? 
_reflns.limit_l_max                      ? 
_reflns.limit_l_min                      ? 
_reflns.number_all                       ? 
_reflns.number_obs                       4326 
_reflns.observed_criterion               ? 
_reflns.observed_criterion_F_max         ? 
_reflns.observed_criterion_F_min         ? 
_reflns.observed_criterion_I_max         ? 
_reflns.observed_criterion_I_min         ? 
_reflns.observed_criterion_sigma_F       ? 
_reflns.observed_criterion_sigma_I       ? 
_reflns.percent_possible_obs             94.1 
_reflns.R_free_details                   ? 
_reflns.Rmerge_F_all                     ? 
_reflns.Rmerge_F_obs                     ? 
_reflns.Friedel_coverage                 ? 
_reflns.number_gt                        ? 
_reflns.threshold_expression             ? 
_reflns.pdbx_redundancy                  2.7 
_reflns.pdbx_Rmerge_I_obs                0.104 
_reflns.pdbx_Rmerge_I_all                ? 
_reflns.pdbx_Rsym_value                  ? 
_reflns.pdbx_netI_over_av_sigmaI         ? 
_reflns.pdbx_netI_over_sigmaI            10.64 
_reflns.pdbx_res_netI_over_av_sigmaI_2   ? 
_reflns.pdbx_res_netI_over_sigmaI_2      ? 
_reflns.pdbx_chi_squared                 0.883 
_reflns.pdbx_scaling_rejects             ? 
_reflns.pdbx_d_res_high_opt              ? 
_reflns.pdbx_d_res_low_opt               ? 
_reflns.pdbx_d_res_opt_method            ? 
_reflns.phase_calculation_details        ? 
_reflns.pdbx_Rrim_I_all                  0.128 
_reflns.pdbx_Rpim_I_all                  0.072 
_reflns.pdbx_d_opt                       ? 
_reflns.pdbx_number_measured_all         ? 
_reflns.pdbx_diffrn_id                   1 
_reflns.pdbx_ordinal                     1 
_reflns.pdbx_CC_half                     0.977 
_reflns.pdbx_R_split                     ? 
# 
_reflns_shell.d_res_high                  2.40 
_reflns_shell.d_res_low                   2.49 
_reflns_shell.meanI_over_sigI_all         ? 
_reflns_shell.meanI_over_sigI_obs         1.22 
_reflns_shell.number_measured_all         ? 
_reflns_shell.number_measured_obs         ? 
_reflns_shell.number_possible             ? 
_reflns_shell.number_unique_all           ? 
_reflns_shell.number_unique_obs           428 
_reflns_shell.percent_possible_all        96.4 
_reflns_shell.percent_possible_obs        ? 
_reflns_shell.Rmerge_F_all                ? 
_reflns_shell.Rmerge_F_obs                ? 
_reflns_shell.Rmerge_I_all                ? 
_reflns_shell.Rmerge_I_obs                0.732 
_reflns_shell.meanI_over_sigI_gt          ? 
_reflns_shell.meanI_over_uI_all           ? 
_reflns_shell.meanI_over_uI_gt            ? 
_reflns_shell.number_measured_gt          ? 
_reflns_shell.number_unique_gt            ? 
_reflns_shell.percent_possible_gt         ? 
_reflns_shell.Rmerge_F_gt                 ? 
_reflns_shell.Rmerge_I_gt                 ? 
_reflns_shell.pdbx_redundancy             2.6 
_reflns_shell.pdbx_Rsym_value             ? 
_reflns_shell.pdbx_chi_squared            0.503 
_reflns_shell.pdbx_netI_over_sigmaI_all   ? 
_reflns_shell.pdbx_netI_over_sigmaI_obs   ? 
_reflns_shell.pdbx_Rrim_I_all             0.905 
_reflns_shell.pdbx_Rpim_I_all             0.523 
_reflns_shell.pdbx_rejects                ? 
_reflns_shell.pdbx_ordinal                1 
_reflns_shell.pdbx_diffrn_id              1 
_reflns_shell.pdbx_CC_half                0.914 
_reflns_shell.pdbx_R_split                ? 
# 
_refine.aniso_B[1][1]                            0.03 
_refine.aniso_B[1][2]                            0.02 
_refine.aniso_B[1][3]                            0.00 
_refine.aniso_B[2][2]                            0.03 
_refine.aniso_B[2][3]                            -0.00 
_refine.aniso_B[3][3]                            -0.11 
_refine.B_iso_max                                ? 
_refine.B_iso_mean                               63.200 
_refine.B_iso_min                                ? 
_refine.correlation_coeff_Fo_to_Fc               0.957 
_refine.correlation_coeff_Fo_to_Fc_free          0.951 
_refine.details                                  'HYDROGENS HAVE BEEN ADDED IN THE RIDING POSITIONS' 
_refine.diff_density_max                         ? 
_refine.diff_density_max_esd                     ? 
_refine.diff_density_min                         ? 
_refine.diff_density_min_esd                     ? 
_refine.diff_density_rms                         ? 
_refine.diff_density_rms_esd                     ? 
_refine.entry_id                                 6C8M 
_refine.pdbx_refine_id                           'X-RAY DIFFRACTION' 
_refine.ls_abs_structure_details                 ? 
_refine.ls_abs_structure_Flack                   ? 
_refine.ls_abs_structure_Flack_esd               ? 
_refine.ls_abs_structure_Rogers                  ? 
_refine.ls_abs_structure_Rogers_esd              ? 
_refine.ls_d_res_high                            2.40 
_refine.ls_d_res_low                             50 
_refine.ls_extinction_coef                       ? 
_refine.ls_extinction_coef_esd                   ? 
_refine.ls_extinction_expression                 ? 
_refine.ls_extinction_method                     ? 
_refine.ls_goodness_of_fit_all                   ? 
_refine.ls_goodness_of_fit_all_esd               ? 
_refine.ls_goodness_of_fit_obs                   ? 
_refine.ls_goodness_of_fit_obs_esd               ? 
_refine.ls_hydrogen_treatment                    ? 
_refine.ls_matrix_type                           ? 
_refine.ls_number_constraints                    ? 
_refine.ls_number_parameters                     ? 
_refine.ls_number_reflns_all                     ? 
_refine.ls_number_reflns_obs                     4006 
_refine.ls_number_reflns_R_free                  219 
_refine.ls_number_reflns_R_work                  ? 
_refine.ls_number_restraints                     ? 
_refine.ls_percent_reflns_obs                    91.75 
_refine.ls_percent_reflns_R_free                 5.2 
_refine.ls_R_factor_all                          ? 
_refine.ls_R_factor_obs                          0.24164 
_refine.ls_R_factor_R_free                       0.27196 
_refine.ls_R_factor_R_free_error                 ? 
_refine.ls_R_factor_R_free_error_details         ? 
_refine.ls_R_factor_R_work                       0.23995 
_refine.ls_R_Fsqd_factor_obs                     ? 
_refine.ls_R_I_factor_obs                        ? 
_refine.ls_redundancy_reflns_all                 ? 
_refine.ls_redundancy_reflns_obs                 ? 
_refine.ls_restrained_S_all                      ? 
_refine.ls_restrained_S_obs                      ? 
_refine.ls_shift_over_esd_max                    ? 
_refine.ls_shift_over_esd_mean                   ? 
_refine.ls_structure_factor_coef                 ? 
_refine.ls_weighting_details                     ? 
_refine.ls_weighting_scheme                      ? 
_refine.ls_wR_factor_all                         ? 
_refine.ls_wR_factor_obs                         ? 
_refine.ls_wR_factor_R_free                      ? 
_refine.ls_wR_factor_R_work                      ? 
_refine.occupancy_max                            ? 
_refine.occupancy_min                            ? 
_refine.solvent_model_details                    ? 
_refine.solvent_model_param_bsol                 ? 
_refine.solvent_model_param_ksol                 ? 
_refine.ls_R_factor_gt                           ? 
_refine.ls_goodness_of_fit_gt                    ? 
_refine.ls_goodness_of_fit_ref                   ? 
_refine.ls_shift_over_su_max                     ? 
_refine.ls_shift_over_su_max_lt                  ? 
_refine.ls_shift_over_su_mean                    ? 
_refine.ls_shift_over_su_mean_lt                 ? 
_refine.pdbx_ls_sigma_I                          ? 
_refine.pdbx_ls_sigma_F                          ? 
_refine.pdbx_ls_sigma_Fsqd                       ? 
_refine.pdbx_data_cutoff_high_absF               ? 
_refine.pdbx_data_cutoff_high_rms_absF           ? 
_refine.pdbx_data_cutoff_low_absF                ? 
_refine.pdbx_isotropic_thermal_model             ? 
_refine.pdbx_ls_cross_valid_method               THROUGHOUT 
_refine.pdbx_method_to_determine_struct          'MOLECULAR REPLACEMENT' 
_refine.pdbx_starting_model                      5dhc 
_refine.pdbx_stereochemistry_target_values       ? 
_refine.pdbx_R_Free_selection_details            RANDOM 
_refine.pdbx_stereochem_target_val_spec_case     ? 
_refine.pdbx_overall_ESU_R                       0.536 
_refine.pdbx_overall_ESU_R_Free                  0.298 
_refine.pdbx_solvent_vdw_probe_radii             1.20 
_refine.pdbx_solvent_ion_probe_radii             0.80 
_refine.pdbx_solvent_shrinkage_radii             0.80 
_refine.pdbx_real_space_R                        ? 
_refine.pdbx_density_correlation                 ? 
_refine.pdbx_pd_number_of_powder_patterns        ? 
_refine.pdbx_pd_number_of_points                 ? 
_refine.pdbx_pd_meas_number_of_points            ? 
_refine.pdbx_pd_proc_ls_prof_R_factor            ? 
_refine.pdbx_pd_proc_ls_prof_wR_factor           ? 
_refine.pdbx_pd_Marquardt_correlation_coeff      ? 
_refine.pdbx_pd_Fsqrd_R_factor                   ? 
_refine.pdbx_pd_ls_matrix_band_width             ? 
_refine.pdbx_overall_phase_error                 ? 
_refine.pdbx_overall_SU_R_free_Cruickshank_DPI   ? 
_refine.pdbx_overall_SU_R_free_Blow_DPI          ? 
_refine.pdbx_overall_SU_R_Blow_DPI               ? 
_refine.pdbx_TLS_residual_ADP_flag               ? 
_refine.pdbx_diffrn_id                           1 
_refine.overall_SU_B                             14.140 
_refine.overall_SU_ML                            0.273 
_refine.overall_SU_R_Cruickshank_DPI             ? 
_refine.overall_SU_R_free                        ? 
_refine.overall_FOM_free_R_set                   ? 
_refine.overall_FOM_work_R_set                   ? 
_refine.pdbx_average_fsc_overall                 ? 
_refine.pdbx_average_fsc_work                    ? 
_refine.pdbx_average_fsc_free                    ? 
# 
_refine_hist.pdbx_refine_id                   'X-RAY DIFFRACTION' 
_refine_hist.cycle_id                         1 
_refine_hist.pdbx_number_atoms_protein        0 
_refine_hist.pdbx_number_atoms_nucleic_acid   621 
_refine_hist.pdbx_number_atoms_ligand         133 
_refine_hist.number_atoms_solvent             6 
_refine_hist.number_atoms_total               760 
_refine_hist.d_res_high                       2.40 
_refine_hist.d_res_low                        50 
# 
loop_
_refine_ls_restr.pdbx_refine_id 
_refine_ls_restr.criterion 
_refine_ls_restr.dev_ideal 
_refine_ls_restr.dev_ideal_target 
_refine_ls_restr.number 
_refine_ls_restr.rejects 
_refine_ls_restr.type 
_refine_ls_restr.weight 
_refine_ls_restr.pdbx_restraint_function 
'X-RAY DIFFRACTION' ? 0.021  0.017  838  ? r_bond_refined_d             ? ? 
'X-RAY DIFFRACTION' ? 0.051  0.024  372  ? r_bond_other_d               ? ? 
'X-RAY DIFFRACTION' ? 2.773  2.018  1300 ? r_angle_refined_deg          ? ? 
'X-RAY DIFFRACTION' ? 3.931  3.279  889  ? r_angle_other_deg            ? ? 
'X-RAY DIFFRACTION' ? ?      ?      ?    ? r_dihedral_angle_1_deg       ? ? 
'X-RAY DIFFRACTION' ? ?      ?      ?    ? r_dihedral_angle_2_deg       ? ? 
'X-RAY DIFFRACTION' ? ?      ?      ?    ? r_dihedral_angle_3_deg       ? ? 
'X-RAY DIFFRACTION' ? ?      ?      ?    ? r_dihedral_angle_4_deg       ? ? 
'X-RAY DIFFRACTION' ? 0.200  0.200  147  ? r_chiral_restr               ? ? 
'X-RAY DIFFRACTION' ? 0.009  0.021  445  ? r_gen_planes_refined         ? ? 
'X-RAY DIFFRACTION' ? 0.003  0.022  166  ? r_gen_planes_other           ? ? 
'X-RAY DIFFRACTION' ? ?      ?      ?    ? r_nbd_refined                ? ? 
'X-RAY DIFFRACTION' ? ?      ?      ?    ? r_nbd_other                  ? ? 
'X-RAY DIFFRACTION' ? ?      ?      ?    ? r_nbtor_refined              ? ? 
'X-RAY DIFFRACTION' ? ?      ?      ?    ? r_nbtor_other                ? ? 
'X-RAY DIFFRACTION' ? ?      ?      ?    ? r_xyhbond_nbd_refined        ? ? 
'X-RAY DIFFRACTION' ? ?      ?      ?    ? r_xyhbond_nbd_other          ? ? 
'X-RAY DIFFRACTION' ? ?      ?      ?    ? r_metal_ion_refined          ? ? 
'X-RAY DIFFRACTION' ? ?      ?      ?    ? r_metal_ion_other            ? ? 
'X-RAY DIFFRACTION' ? ?      ?      ?    ? r_symmetry_vdw_refined       ? ? 
'X-RAY DIFFRACTION' ? ?      ?      ?    ? r_symmetry_vdw_other         ? ? 
'X-RAY DIFFRACTION' ? ?      ?      ?    ? r_symmetry_hbond_refined     ? ? 
'X-RAY DIFFRACTION' ? ?      ?      ?    ? r_symmetry_hbond_other       ? ? 
'X-RAY DIFFRACTION' ? ?      ?      ?    ? r_symmetry_metal_ion_refined ? ? 
'X-RAY DIFFRACTION' ? ?      ?      ?    ? r_symmetry_metal_ion_other   ? ? 
'X-RAY DIFFRACTION' ? ?      ?      ?    ? r_mcbond_it                  ? ? 
'X-RAY DIFFRACTION' ? ?      ?      ?    ? r_mcbond_other               ? ? 
'X-RAY DIFFRACTION' ? ?      ?      ?    ? r_mcangle_it                 ? ? 
'X-RAY DIFFRACTION' ? ?      ?      ?    ? r_mcangle_other              ? ? 
'X-RAY DIFFRACTION' ? 6.411  6.775  835  ? r_scbond_it                  ? ? 
'X-RAY DIFFRACTION' ? 6.407  6.774  836  ? r_scbond_other               ? ? 
'X-RAY DIFFRACTION' ? ?      ?      ?    ? r_scangle_it                 ? ? 
'X-RAY DIFFRACTION' ? 9.417  10.155 1301 ? r_scangle_other              ? ? 
'X-RAY DIFFRACTION' ? 11.240 67.371 1243 ? r_long_range_B_refined       ? ? 
'X-RAY DIFFRACTION' ? 11.236 67.367 1244 ? r_long_range_B_other         ? ? 
'X-RAY DIFFRACTION' ? ?      ?      ?    ? r_rigid_bond_restr           ? ? 
'X-RAY DIFFRACTION' ? ?      ?      ?    ? r_sphericity_free            ? ? 
'X-RAY DIFFRACTION' ? ?      ?      ?    ? r_sphericity_bonded          ? ? 
# 
_refine_ls_shell.pdbx_refine_id                   'X-RAY DIFFRACTION' 
_refine_ls_shell.d_res_high                       2.404 
_refine_ls_shell.d_res_low                        2.467 
_refine_ls_shell.number_reflns_all                ? 
_refine_ls_shell.number_reflns_obs                ? 
_refine_ls_shell.number_reflns_R_free             8 
_refine_ls_shell.number_reflns_R_work             297 
_refine_ls_shell.percent_reflns_obs               93.85 
_refine_ls_shell.percent_reflns_R_free            ? 
_refine_ls_shell.R_factor_all                     ? 
_refine_ls_shell.R_factor_obs                     ? 
_refine_ls_shell.R_factor_R_free                  0.491 
_refine_ls_shell.R_factor_R_free_error            ? 
_refine_ls_shell.R_factor_R_work                  0.458 
_refine_ls_shell.redundancy_reflns_all            ? 
_refine_ls_shell.redundancy_reflns_obs            ? 
_refine_ls_shell.wR_factor_all                    ? 
_refine_ls_shell.wR_factor_obs                    ? 
_refine_ls_shell.wR_factor_R_free                 ? 
_refine_ls_shell.wR_factor_R_work                 ? 
_refine_ls_shell.pdbx_total_number_of_bins_used   20 
_refine_ls_shell.pdbx_phase_error                 ? 
_refine_ls_shell.pdbx_fsc_work                    ? 
_refine_ls_shell.pdbx_fsc_free                    ? 
# 
_struct.entry_id                     6C8M 
_struct.title                        'RNA-activated 2-AIpG monomer, 1.5h soaking' 
_struct.pdbx_model_details           ? 
_struct.pdbx_formula_weight          ? 
_struct.pdbx_formula_weight_method   ? 
_struct.pdbx_model_type_details      ? 
_struct.pdbx_CASP_flag               N 
# 
_struct_keywords.entry_id        6C8M 
_struct_keywords.text            'RNA, activated monomer' 
_struct_keywords.pdbx_keywords   RNA 
# 
loop_
_struct_asym.id 
_struct_asym.pdbx_blank_PDB_chainid_flag 
_struct_asym.pdbx_modified 
_struct_asym.entity_id 
_struct_asym.details 
A N N 1 ? 
B N N 2 ? 
C N N 3 ? 
D N N 4 ? 
E N N 4 ? 
F N N 5 ? 
G N N 5 ? 
# 
loop_
_struct_ref.id 
_struct_ref.db_name 
_struct_ref.db_code 
_struct_ref.pdbx_db_accession 
_struct_ref.pdbx_db_isoform 
_struct_ref.entity_id 
_struct_ref.pdbx_seq_one_letter_code 
_struct_ref.pdbx_align_begin 
1 PDB 6C8M 6C8M ? 1 ? 1 
2 PDB 6C8M 6C8M ? 2 ? 1 
# 
loop_
_struct_ref_seq.align_id 
_struct_ref_seq.ref_id 
_struct_ref_seq.pdbx_PDB_id_code 
_struct_ref_seq.pdbx_strand_id 
_struct_ref_seq.seq_align_beg 
_struct_ref_seq.pdbx_seq_align_beg_ins_code 
_struct_ref_seq.seq_align_end 
_struct_ref_seq.pdbx_seq_align_end_ins_code 
_struct_ref_seq.pdbx_db_accession 
_struct_ref_seq.db_align_beg 
_struct_ref_seq.pdbx_db_align_beg_ins_code 
_struct_ref_seq.db_align_end 
_struct_ref_seq.pdbx_db_align_end_ins_code 
_struct_ref_seq.pdbx_auth_seq_align_beg 
_struct_ref_seq.pdbx_auth_seq_align_end 
1 1 6C8M A 1 ? 15 ? 6C8M 1 ? 15 ? 1 15 
2 2 6C8M B 1 ? 14 ? 6C8M 1 ? 14 ? 1 14 
# 
_pdbx_struct_assembly.id                   1 
_pdbx_struct_assembly.details              author_and_software_defined_assembly 
_pdbx_struct_assembly.method_details       PISA 
_pdbx_struct_assembly.oligomeric_details   dimeric 
_pdbx_struct_assembly.oligomeric_count     2 
# 
loop_
_pdbx_struct_assembly_prop.biol_id 
_pdbx_struct_assembly_prop.type 
_pdbx_struct_assembly_prop.value 
_pdbx_struct_assembly_prop.details 
1 'ABSA (A^2)' 2730 ? 
1 MORE         12   ? 
1 'SSA (A^2)'  5880 ? 
# 
_pdbx_struct_assembly_gen.assembly_id       1 
_pdbx_struct_assembly_gen.oper_expression   1 
_pdbx_struct_assembly_gen.asym_id_list      A,B,C,D,E,F,G 
# 
_pdbx_struct_assembly_auth_evidence.id                     1 
_pdbx_struct_assembly_auth_evidence.assembly_id            1 
_pdbx_struct_assembly_auth_evidence.experimental_support   none 
_pdbx_struct_assembly_auth_evidence.details                ? 
# 
_pdbx_struct_oper_list.id                   1 
_pdbx_struct_oper_list.type                 'identity operation' 
_pdbx_struct_oper_list.name                 1_555 
_pdbx_struct_oper_list.symmetry_operation   x,y,z 
_pdbx_struct_oper_list.matrix[1][1]         1.0000000000 
_pdbx_struct_oper_list.matrix[1][2]         0.0000000000 
_pdbx_struct_oper_list.matrix[1][3]         0.0000000000 
_pdbx_struct_oper_list.vector[1]            0.0000000000 
_pdbx_struct_oper_list.matrix[2][1]         0.0000000000 
_pdbx_struct_oper_list.matrix[2][2]         1.0000000000 
_pdbx_struct_oper_list.matrix[2][3]         0.0000000000 
_pdbx_struct_oper_list.vector[2]            0.0000000000 
_pdbx_struct_oper_list.matrix[3][1]         0.0000000000 
_pdbx_struct_oper_list.matrix[3][2]         0.0000000000 
_pdbx_struct_oper_list.matrix[3][3]         1.0000000000 
_pdbx_struct_oper_list.vector[3]            0.0000000000 
# 
loop_
_struct_conn.id 
_struct_conn.conn_type_id 
_struct_conn.pdbx_leaving_atom_flag 
_struct_conn.pdbx_PDB_id 
_struct_conn.ptnr1_label_asym_id 
_struct_conn.ptnr1_label_comp_id 
_struct_conn.ptnr1_label_seq_id 
_struct_conn.ptnr1_label_atom_id 
_struct_conn.pdbx_ptnr1_label_alt_id 
_struct_conn.pdbx_ptnr1_PDB_ins_code 
_struct_conn.pdbx_ptnr1_standard_comp_id 
_struct_conn.ptnr1_symmetry 
_struct_conn.ptnr2_label_asym_id 
_struct_conn.ptnr2_label_comp_id 
_struct_conn.ptnr2_label_seq_id 
_struct_conn.ptnr2_label_atom_id 
_struct_conn.pdbx_ptnr2_label_alt_id 
_struct_conn.pdbx_ptnr2_PDB_ins_code 
_struct_conn.ptnr1_auth_asym_id 
_struct_conn.ptnr1_auth_comp_id 
_struct_conn.ptnr1_auth_seq_id 
_struct_conn.ptnr2_auth_asym_id 
_struct_conn.ptnr2_auth_comp_id 
_struct_conn.ptnr2_auth_seq_id 
_struct_conn.ptnr2_symmetry 
_struct_conn.pdbx_ptnr3_label_atom_id 
_struct_conn.pdbx_ptnr3_label_seq_id 
_struct_conn.pdbx_ptnr3_label_comp_id 
_struct_conn.pdbx_ptnr3_label_asym_id 
_struct_conn.pdbx_ptnr3_label_alt_id 
_struct_conn.pdbx_ptnr3_PDB_ins_code 
_struct_conn.details 
_struct_conn.pdbx_dist_value 
_struct_conn.pdbx_value_order 
_struct_conn.pdbx_role 
covale1  covale both ? A LCC 1  "O3'" ? ? ? 1_555 A LCC 2  P   ? ? A LCC 1   A LCC 2   1_555 ? ? ? ? ? ? ?            1.679 ? ? 
covale2  covale both ? A LCC 2  "O3'" ? ? ? 1_555 A LCC 3  P   ? ? A LCC 2   A LCC 3   1_555 ? ? ? ? ? ? ?            1.662 ? ? 
covale3  covale both ? A LCC 3  "O3'" ? ? ? 1_555 A LCG 4  P   ? ? A LCC 3   A LCG 4   1_555 ? ? ? ? ? ? ?            1.702 ? ? 
covale4  covale both ? A LCG 4  "O3'" ? ? ? 1_555 A A   5  P   ? ? A LCG 4   A A   5   1_555 ? ? ? ? ? ? ?            1.653 ? ? 
covale5  covale one  ? A G   15 P     B ? ? 1_555 D EQ1 .  O2A A ? A G   15  A EQ1 102 1_555 ? ? ? ? ? ? ?            1.570 ? ? 
covale6  covale none ? A G   15 "O5'" B ? ? 1_555 D EQ1 .  PA  A ? A G   15  A EQ1 102 1_555 ? ? ? ? ? ? ?            1.567 ? ? 
covale7  covale none ? A G   15 "C5'" B ? ? 1_555 D EQ1 .  PA  A ? A G   15  A EQ1 102 1_555 ? ? ? ? ? ? ?            1.720 ? ? 
covale8  covale none ? A G   15 "C5'" B ? ? 1_555 D EQ1 .  C5D A ? A G   15  A EQ1 102 1_555 ? ? ? ? ? ? ?            1.263 ? ? 
covale9  covale none ? A G   15 "C5'" B ? ? 1_555 D EQ1 .  O5D A ? A G   15  A EQ1 102 1_555 ? ? ? ? ? ? ?            1.135 ? ? 
covale10 covale none ? A G   15 "C4'" B ? ? 1_555 D EQ1 .  C5D A ? A G   15  A EQ1 102 1_555 ? ? ? ? ? ? ?            1.084 ? ? 
covale11 covale none ? A G   15 "C4'" B ? ? 1_555 D EQ1 .  C4D A ? A G   15  A EQ1 102 1_555 ? ? ? ? ? ? ?            1.370 ? ? 
covale12 covale none ? A G   15 "O4'" B ? ? 1_555 D EQ1 .  C4D A ? A G   15  A EQ1 102 1_555 ? ? ? ? ? ? ?            1.367 ? ? 
covale13 covale none ? A G   15 "C3'" B ? ? 1_555 D EQ1 .  C3D A ? A G   15  A EQ1 102 1_555 ? ? ? ? ? ? ?            1.478 ? ? 
covale14 covale none ? A G   15 "C2'" B ? ? 1_555 D EQ1 .  C3D A ? A G   15  A EQ1 102 1_555 ? ? ? ? ? ? ?            1.159 ? ? 
covale15 covale none ? A G   15 "O2'" B ? ? 1_555 D EQ1 .  C2D A ? A G   15  A EQ1 102 1_555 ? ? ? ? ? ? ?            1.378 ? ? 
covale16 covale none ? A G   15 "O2'" B ? ? 1_555 D EQ1 .  C3D A ? A G   15  A EQ1 102 1_555 ? ? ? ? ? ? ?            1.266 ? ? 
covale17 covale none ? A G   15 "C1'" B ? ? 1_555 D EQ1 .  C2D A ? A G   15  A EQ1 102 1_555 ? ? ? ? ? ? ?            1.170 ? ? 
covale18 covale none ? A G   15 "C1'" B ? ? 1_555 D EQ1 .  N9A A ? A G   15  A EQ1 102 1_555 ? ? ? ? ? ? ?            1.546 ? ? 
covale19 covale none ? A G   15 N9    B ? ? 1_555 D EQ1 .  C4A A ? A G   15  A EQ1 102 1_555 ? ? ? ? ? ? ?            1.251 ? ? 
covale20 covale none ? A G   15 C8    B ? ? 1_555 D EQ1 .  N7A A ? A G   15  A EQ1 102 1_555 ? ? ? ? ? ? ?            1.247 ? ? 
covale21 covale none ? A G   15 C8    B ? ? 1_555 D EQ1 .  N9A A ? A G   15  A EQ1 102 1_555 ? ? ? ? ? ? ?            1.361 ? ? 
covale22 covale none ? A G   15 C5    B ? ? 1_555 D EQ1 .  C6A A ? A G   15  A EQ1 102 1_555 ? ? ? ? ? ? ?            1.181 ? ? 
covale23 covale none ? A G   15 C5    B ? ? 1_555 D EQ1 .  C4A A ? A G   15  A EQ1 102 1_555 ? ? ? ? ? ? ?            1.310 ? ? 
covale24 covale none ? A G   15 C6    B ? ? 1_555 D EQ1 .  O6A A ? A G   15  A EQ1 102 1_555 ? ? ? ? ? ? ?            1.502 ? ? 
covale25 covale none ? A G   15 O6    B ? ? 1_555 D EQ1 .  C6A A ? A G   15  A EQ1 102 1_555 ? ? ? ? ? ? ?            1.272 ? ? 
covale26 covale none ? A G   15 C2    B ? ? 1_555 D EQ1 .  N3A A ? A G   15  A EQ1 102 1_555 ? ? ? ? ? ? ?            1.354 ? ? 
covale27 covale none ? A G   15 N3    B ? ? 1_555 D EQ1 .  C2A A ? A G   15  A EQ1 102 1_555 ? ? ? ? ? ? ?            1.456 ? ? 
covale28 covale none ? A G   15 C4    B ? ? 1_555 D EQ1 .  C5A A ? A G   15  A EQ1 102 1_555 ? ? ? ? ? ? ?            1.586 ? ? 
covale29 covale none ? C EQ4 .  O1    B ? ? 1_555 D EQ1 .  C1C A ? A EQ4 101 A EQ1 102 1_555 ? ? ? ? ? ? ?            1.436 ? ? 
covale30 covale none ? C EQ4 .  O1    B ? ? 1_555 D EQ1 .  N3C A ? A EQ4 101 A EQ1 102 1_555 ? ? ? ? ? ? ?            1.381 ? ? 
covale31 covale none ? C EQ4 .  C1    B ? ? 1_555 D EQ1 .  C5E A ? A EQ4 101 A EQ1 102 1_555 ? ? ? ? ? ? ?            1.057 ? ? 
covale32 covale none ? C EQ4 .  C1    B ? ? 1_555 D EQ1 .  O5E A ? A EQ4 101 A EQ1 102 1_555 ? ? ? ? ? ? ?            1.523 ? ? 
covale33 covale none ? C EQ4 .  O3    B ? ? 1_555 D EQ1 .  PG  A ? A EQ4 101 A EQ1 102 1_555 ? ? ? ? ? ? ?            1.678 ? ? 
covale34 covale none ? C EQ4 .  O3    B ? ? 1_555 D EQ1 .  N2C A ? A EQ4 101 A EQ1 102 1_555 ? ? ? ? ? ? ?            1.361 ? ? 
covale35 covale none ? C EQ4 .  C3    B ? ? 1_555 D EQ1 .  C3E A ? A EQ4 101 A EQ1 102 1_555 ? ? ? ? ? ? ?            1.194 ? ? 
covale36 covale none ? C EQ4 .  C3    B ? ? 1_555 D EQ1 .  C4E A ? A EQ4 101 A EQ1 102 1_555 ? ? ? ? ? ? ?            1.394 ? ? 
covale37 covale none ? C EQ4 .  C4    B ? ? 1_555 D EQ1 .  C2E A ? A EQ4 101 A EQ1 102 1_555 ? ? ? ? ? ? ?            1.314 ? ? 
covale38 covale none ? C EQ4 .  C4    B ? ? 1_555 D EQ1 .  O3E A ? A EQ4 101 A EQ1 102 1_555 ? ? ? ? ? ? ?            1.347 ? ? 
covale39 covale none ? C EQ4 .  C5    B ? ? 1_555 D EQ1 .  C2E A ? A EQ4 101 A EQ1 102 1_555 ? ? ? ? ? ? ?            1.185 ? ? 
covale40 covale none ? C EQ4 .  C5    B ? ? 1_555 D EQ1 .  C3E A ? A EQ4 101 A EQ1 102 1_555 ? ? ? ? ? ? ?            1.577 ? ? 
covale41 covale none ? C EQ4 .  C5    B ? ? 1_555 D EQ1 .  C4E A ? A EQ4 101 A EQ1 102 1_555 ? ? ? ? ? ? ?            1.572 ? ? 
covale42 covale none ? C EQ4 .  C5    B ? ? 1_555 D EQ1 .  O4E A ? A EQ4 101 A EQ1 102 1_555 ? ? ? ? ? ? ?            1.262 ? ? 
covale43 covale none ? C EQ4 .  C5    B ? ? 1_555 D EQ1 .  C1E A ? A EQ4 101 A EQ1 102 1_555 ? ? ? ? ? ? ?            1.083 ? ? 
covale44 covale none ? C EQ4 .  N1    B ? ? 1_555 D EQ1 .  N3B A ? A EQ4 101 A EQ1 102 1_555 ? ? ? ? ? ? ?            1.523 ? ? 
covale45 covale none ? C EQ4 .  C6    B ? ? 1_555 D EQ1 .  N2B A ? A EQ4 101 A EQ1 102 1_555 ? ? ? ? ? ? ?            1.468 ? ? 
covale46 covale none ? C EQ4 .  N2    B ? ? 1_555 D EQ1 .  C2B A ? A EQ4 101 A EQ1 102 1_555 ? ? ? ? ? ? ?            1.528 ? ? 
covale47 covale none ? C EQ4 .  C7    B ? ? 1_555 D EQ1 .  N3B A ? A EQ4 101 A EQ1 102 1_555 ? ? ? ? ? ? ?            1.549 ? ? 
covale48 covale none ? C EQ4 .  C8    B ? ? 1_555 D EQ1 .  N7B A ? A EQ4 101 A EQ1 102 1_555 ? ? ? ? ? ? ?            1.503 ? ? 
covale49 covale none ? C EQ4 .  C8    B ? ? 1_555 D EQ1 .  C8B A ? A EQ4 101 A EQ1 102 1_555 ? ? ? ? ? ? ?            1.616 ? ? 
covale50 covale none ? C EQ4 .  C8    B ? ? 1_555 D EQ1 .  N9B A ? A EQ4 101 A EQ1 102 1_555 ? ? ? ? ? ? ?            1.245 ? ? 
covale51 covale none ? C EQ4 .  C9    B ? ? 1_555 D EQ1 .  C4B A ? A EQ4 101 A EQ1 102 1_555 ? ? ? ? ? ? ?            1.395 ? ? 
covale52 covale none ? C EQ4 .  O7    B ? ? 1_555 D EQ1 .  C5B A ? A EQ4 101 A EQ1 102 1_555 ? ? ? ? ? ? ?            1.263 ? ? 
covale53 covale none ? C EQ4 .  N4    B ? ? 1_555 D EQ1 .  N9B A ? A EQ4 101 A EQ1 102 1_555 ? ? ? ? ? ? ?            1.376 ? ? 
covale54 covale none ? C EQ4 .  C10   B ? ? 1_555 D EQ1 .  N9B A ? A EQ4 101 A EQ1 102 1_555 ? ? ? ? ? ? ?            1.241 ? ? 
covale55 covale none ? C EQ4 .  C11   B ? ? 1_555 D EQ1 .  O2G A ? A EQ4 101 A EQ1 102 1_555 ? ? ? ? ? ? ?            1.134 ? ? 
covale56 covale both ? B LCC 1  "O3'" ? ? ? 1_555 B LCC 2  P   ? ? B LCC 1   B LCC 2   1_555 ? ? ? ? ? ? ?            1.692 ? ? 
covale57 covale both ? B LCC 2  "O3'" ? ? ? 1_555 B LCC 3  P   ? ? B LCC 2   B LCC 3   1_555 ? ? ? ? ? ? ?            1.615 ? ? 
covale58 covale both ? B LCC 3  "O3'" ? ? ? 1_555 B LCG 4  P   ? ? B LCC 3   B LCG 4   1_555 ? ? ? ? ? ? ?            1.686 ? ? 
covale59 covale both ? B LCG 4  "O3'" ? ? ? 1_555 B A   5  P   ? ? B LCG 4   B A   5   1_555 ? ? ? ? ? ? ?            1.697 ? ? 
hydrog1  hydrog ?    ? A LCG 4  N1    ? ? ? 1_555 B C   13 N3  ? ? A LCG 4   B C   13  1_555 ? ? ? ? ? ? WATSON-CRICK ?     ? ? 
hydrog2  hydrog ?    ? A LCG 4  N2    ? ? ? 1_555 B C   13 O2  ? ? A LCG 4   B C   13  1_555 ? ? ? ? ? ? WATSON-CRICK ?     ? ? 
hydrog3  hydrog ?    ? A LCG 4  O6    ? ? ? 1_555 B C   13 N4  ? ? A LCG 4   B C   13  1_555 ? ? ? ? ? ? WATSON-CRICK ?     ? ? 
hydrog4  hydrog ?    ? A A   5  N1    ? ? ? 1_555 B U   12 N3  ? ? A A   5   B U   12  1_555 ? ? ? ? ? ? WATSON-CRICK ?     ? ? 
hydrog5  hydrog ?    ? A A   5  N6    ? ? ? 1_555 B U   12 O4  ? ? A A   5   B U   12  1_555 ? ? ? ? ? ? WATSON-CRICK ?     ? ? 
hydrog6  hydrog ?    ? A C   6  N3    ? ? ? 1_555 B G   11 N1  ? ? A C   6   B G   11  1_555 ? ? ? ? ? ? WATSON-CRICK ?     ? ? 
hydrog7  hydrog ?    ? A C   6  N4    ? ? ? 1_555 B G   11 O6  ? ? A C   6   B G   11  1_555 ? ? ? ? ? ? WATSON-CRICK ?     ? ? 
hydrog8  hydrog ?    ? A C   6  O2    ? ? ? 1_555 B G   11 N2  ? ? A C   6   B G   11  1_555 ? ? ? ? ? ? WATSON-CRICK ?     ? ? 
hydrog9  hydrog ?    ? A U   7  N3    ? ? ? 1_555 B A   10 N1  ? ? A U   7   B A   10  1_555 ? ? ? ? ? ? WATSON-CRICK ?     ? ? 
hydrog10 hydrog ?    ? A U   7  O4    ? ? ? 1_555 B A   10 N6  ? ? A U   7   B A   10  1_555 ? ? ? ? ? ? WATSON-CRICK ?     ? ? 
hydrog11 hydrog ?    ? A U   8  N3    ? ? ? 1_555 B A   9  N1  ? ? A U   8   B A   9   1_555 ? ? ? ? ? ? WATSON-CRICK ?     ? ? 
hydrog12 hydrog ?    ? A U   8  O4    ? ? ? 1_555 B A   9  N6  ? ? A U   8   B A   9   1_555 ? ? ? ? ? ? WATSON-CRICK ?     ? ? 
hydrog13 hydrog ?    ? A A   9  N1    ? ? ? 1_555 B U   8  N3  ? ? A A   9   B U   8   1_555 ? ? ? ? ? ? WATSON-CRICK ?     ? ? 
hydrog14 hydrog ?    ? A A   9  N6    ? ? ? 1_555 B U   8  O4  ? ? A A   9   B U   8   1_555 ? ? ? ? ? ? WATSON-CRICK ?     ? ? 
hydrog15 hydrog ?    ? A A   10 N1    ? ? ? 1_555 B U   7  N3  ? ? A A   10  B U   7   1_555 ? ? ? ? ? ? WATSON-CRICK ?     ? ? 
hydrog16 hydrog ?    ? A A   10 N6    ? ? ? 1_555 B U   7  O4  ? ? A A   10  B U   7   1_555 ? ? ? ? ? ? WATSON-CRICK ?     ? ? 
hydrog17 hydrog ?    ? A G   11 N2    ? ? ? 1_555 B C   6  O2  ? ? A G   11  B C   6   1_555 ? ? ? ? ? ? 'G-C PAIR'   ?     ? ? 
hydrog18 hydrog ?    ? A U   12 N3    ? ? ? 1_555 B A   5  N1  ? ? A U   12  B A   5   1_555 ? ? ? ? ? ? WATSON-CRICK ?     ? ? 
hydrog19 hydrog ?    ? A U   12 O4    ? ? ? 1_555 B A   5  N6  ? ? A U   12  B A   5   1_555 ? ? ? ? ? ? WATSON-CRICK ?     ? ? 
hydrog20 hydrog ?    ? A C   13 N3    ? ? ? 1_555 B LCG 4  N1  ? ? A C   13  B LCG 4   1_555 ? ? ? ? ? ? WATSON-CRICK ?     ? ? 
hydrog21 hydrog ?    ? A C   13 N4    ? ? ? 1_555 B LCG 4  O6  ? ? A C   13  B LCG 4   1_555 ? ? ? ? ? ? WATSON-CRICK ?     ? ? 
hydrog22 hydrog ?    ? A C   13 O2    ? ? ? 1_555 B LCG 4  N2  ? ? A C   13  B LCG 4   1_555 ? ? ? ? ? ? WATSON-CRICK ?     ? ? 
# 
loop_
_struct_conn_type.id 
_struct_conn_type.criteria 
_struct_conn_type.reference 
covale ? ? 
hydrog ? ? 
# 
loop_
_struct_site.id 
_struct_site.pdbx_evidence_code 
_struct_site.pdbx_auth_asym_id 
_struct_site.pdbx_auth_comp_id 
_struct_site.pdbx_auth_seq_id 
_struct_site.pdbx_auth_ins_code 
_struct_site.pdbx_num_residues 
_struct_site.details 
AC1 Software A EQ1 103 ? 6 'binding site for residue EQ1 A 103'                
AC2 Software A LCC 1   ? 5 'binding site for residues LCC A 1 and LCC A 2'     
AC3 Software A LCC 2   ? 7 'binding site for residues LCC A 2 and LCC A 3'     
AC4 Software A LCC 3   ? 8 'binding site for residues LCC A 3 and LCG A 4'     
AC5 Software A EQ4 101 ? 9 'binding site for residues EQ4 A 101 and EQ1 A 102' 
AC6 Software A EQ4 101 ? 9 'binding site for residues EQ4 A 101 and EQ1 A 102' 
AC7 Software A EQ4 101 ? 9 'binding site for residues EQ4 A 101 and EQ1 A 102' 
AC8 Software A EQ4 101 ? 9 'binding site for residues EQ4 A 101 and EQ1 A 102' 
AC9 Software A EQ4 101 ? 9 'binding site for residues EQ4 A 101 and EQ1 A 102' 
AD1 Software A EQ4 101 ? 9 'binding site for residues EQ4 A 101 and EQ1 A 102' 
AD2 Software A EQ4 101 ? 9 'binding site for residues EQ4 A 101 and EQ1 A 102' 
AD3 Software A EQ4 101 ? 9 'binding site for residues EQ4 A 101 and EQ1 A 102' 
AD4 Software A EQ4 101 ? 9 'binding site for residues EQ4 A 101 and EQ1 A 102' 
AD5 Software A EQ4 101 ? 9 'binding site for residues EQ4 A 101 and EQ1 A 102' 
AD6 Software A EQ4 101 ? 9 'binding site for residues EQ4 A 101 and EQ1 A 102' 
AD7 Software A EQ4 101 ? 9 'binding site for residues EQ4 A 101 and EQ1 A 102' 
AD8 Software A EQ4 101 ? 9 'binding site for residues EQ4 A 101 and EQ1 A 102' 
AD9 Software A EQ4 101 ? 9 'binding site for residues EQ4 A 101 and EQ1 A 102' 
AE1 Software A EQ4 101 ? 9 'binding site for residues EQ4 A 101 and EQ1 A 102' 
AE2 Software A EQ4 101 ? 9 'binding site for residues EQ4 A 101 and EQ1 A 102' 
AE3 Software A EQ4 101 ? 9 'binding site for residues EQ4 A 101 and EQ1 A 102' 
AE4 Software A EQ4 101 ? 9 'binding site for residues EQ4 A 101 and EQ1 A 102' 
AE5 Software A EQ4 101 ? 9 'binding site for residues EQ4 A 101 and EQ1 A 102' 
AE6 Software A EQ4 101 ? 9 'binding site for residues EQ4 A 101 and EQ1 A 102' 
AE7 Software A EQ4 101 ? 9 'binding site for residues EQ4 A 101 and EQ1 A 102' 
AE8 Software A EQ4 101 ? 9 'binding site for residues EQ4 A 101 and EQ1 A 102' 
AE9 Software A EQ4 101 ? 9 'binding site for residues EQ4 A 101 and EQ1 A 102' 
AF1 Software A EQ4 101 ? 9 'binding site for residues EQ4 A 101 and EQ1 A 102' 
AF2 Software A EQ4 101 ? 9 'binding site for residues EQ4 A 101 and EQ1 A 102' 
AF3 Software A EQ4 101 ? 9 'binding site for residues EQ4 A 101 and EQ1 A 102' 
AF4 Software A EQ4 101 ? 9 'binding site for residues EQ4 A 101 and EQ1 A 102' 
AF5 Software B LCC 1   ? 8 'binding site for residues LCC B 1 and LCC B 2'     
AF6 Software B LCC 2   ? 9 'binding site for residues LCC B 2 and LCC B 3'     
AF7 Software B LCC 3   ? 9 'binding site for residues LCC B 3 and LCG B 4'     
# 
loop_
_struct_site_gen.id 
_struct_site_gen.site_id 
_struct_site_gen.pdbx_num_res 
_struct_site_gen.label_comp_id 
_struct_site_gen.label_asym_id 
_struct_site_gen.label_seq_id 
_struct_site_gen.pdbx_auth_ins_code 
_struct_site_gen.auth_comp_id 
_struct_site_gen.auth_asym_id 
_struct_site_gen.auth_seq_id 
_struct_site_gen.label_atom_id 
_struct_site_gen.label_alt_id 
_struct_site_gen.symmetry 
_struct_site_gen.details 
1   AC1 6 LCC A 1  ? LCC A 1   . ? 1_555 ? 
2   AC1 6 LCC A 1  ? LCC A 1   . ? 6_767 ? 
3   AC1 6 LCC A 2  ? LCC A 2   . ? 1_555 ? 
4   AC1 6 LCC A 3  ? LCC A 3   . ? 1_555 ? 
5   AC1 6 G   B 14 ? G   B 14  . ? 1_555 ? 
6   AC1 6 G   B 14 ? G   B 14  . ? 3_775 ? 
7   AC2 5 LCC A 3  ? LCC A 3   . ? 1_555 ? 
8   AC2 5 EQ1 E .  ? EQ1 A 103 . ? 1_555 ? 
9   AC2 5 EQ1 E .  ? EQ1 A 103 . ? 6_767 ? 
10  AC2 5 C   B 13 ? C   B 13  . ? 3_775 ? 
11  AC2 5 G   B 14 ? G   B 14  . ? 3_775 ? 
12  AC3 7 LCC A 1  ? LCC A 1   . ? 1_555 ? 
13  AC3 7 LCG A 4  ? LCG A 4   . ? 3_775 ? 
14  AC3 7 LCG A 4  ? LCG A 4   . ? 1_555 ? 
15  AC3 7 EQ1 E .  ? EQ1 A 103 . ? 1_555 ? 
16  AC3 7 C   B 13 ? C   B 13  . ? 3_775 ? 
17  AC3 7 G   B 14 ? G   B 14  . ? 1_555 ? 
18  AC3 7 G   B 14 ? G   B 14  . ? 3_775 ? 
19  AC4 8 LCC A 2  ? LCC A 2   . ? 1_555 ? 
20  AC4 8 A   A 5  ? A   A 5   . ? 3_775 ? 
21  AC4 8 A   A 5  ? A   A 5   . ? 1_555 ? 
22  AC4 8 EQ1 E .  ? EQ1 A 103 . ? 1_555 ? 
23  AC4 8 C   B 13 ? C   B 13  . ? 3_775 ? 
24  AC4 8 C   B 13 ? C   B 13  . ? 1_555 ? 
25  AC4 8 G   B 14 ? G   B 14  . ? 1_555 ? 
26  AC4 8 G   B 14 ? G   B 14  . ? 3_775 ? 
27  AC5 9 G   A 14 ? G   A 14  . ? 2_755 ? 
28  AC5 9 G   A 14 ? G   A 14  . ? 1_555 ? 
29  AC5 9 G   A 15 ? G   A 15  . ? 2_755 ? 
30  AC5 9 G   A 15 ? G   A 15  . ? 1_555 ? 
31  AC5 9 G   A 15 ? G   A 15  . ? 3_775 ? 
32  AC5 9 LCC B 1  ? LCC B 1   . ? 4_646 ? 
33  AC5 9 LCC B 1  ? LCC B 1   . ? 1_555 ? 
34  AC5 9 LCC B 2  ? LCC B 2   . ? 1_555 ? 
35  AC5 9 LCC B 3  ? LCC B 3   . ? 1_555 ? 
36  AC6 9 G   A 14 ? G   A 14  . ? 2_755 ? 
37  AC6 9 G   A 14 ? G   A 14  . ? 1_555 ? 
38  AC6 9 G   A 15 ? G   A 15  . ? 2_755 ? 
39  AC6 9 G   A 15 ? G   A 15  . ? 1_555 ? 
40  AC6 9 G   A 15 ? G   A 15  . ? 3_775 ? 
41  AC6 9 LCC B 1  ? LCC B 1   . ? 4_646 ? 
42  AC6 9 LCC B 1  ? LCC B 1   . ? 1_555 ? 
43  AC6 9 LCC B 2  ? LCC B 2   . ? 1_555 ? 
44  AC6 9 LCC B 3  ? LCC B 3   . ? 1_555 ? 
45  AC7 9 G   A 14 ? G   A 14  . ? 2_755 ? 
46  AC7 9 G   A 14 ? G   A 14  . ? 1_555 ? 
47  AC7 9 G   A 15 ? G   A 15  . ? 2_755 ? 
48  AC7 9 G   A 15 ? G   A 15  . ? 1_555 ? 
49  AC7 9 G   A 15 ? G   A 15  . ? 3_775 ? 
50  AC7 9 LCC B 1  ? LCC B 1   . ? 4_646 ? 
51  AC7 9 LCC B 1  ? LCC B 1   . ? 1_555 ? 
52  AC7 9 LCC B 2  ? LCC B 2   . ? 1_555 ? 
53  AC7 9 LCC B 3  ? LCC B 3   . ? 1_555 ? 
54  AC8 9 G   A 14 ? G   A 14  . ? 2_755 ? 
55  AC8 9 G   A 14 ? G   A 14  . ? 1_555 ? 
56  AC8 9 G   A 15 ? G   A 15  . ? 2_755 ? 
57  AC8 9 G   A 15 ? G   A 15  . ? 1_555 ? 
58  AC8 9 G   A 15 ? G   A 15  . ? 3_775 ? 
59  AC8 9 LCC B 1  ? LCC B 1   . ? 4_646 ? 
60  AC8 9 LCC B 1  ? LCC B 1   . ? 1_555 ? 
61  AC8 9 LCC B 2  ? LCC B 2   . ? 1_555 ? 
62  AC8 9 LCC B 3  ? LCC B 3   . ? 1_555 ? 
63  AC9 9 G   A 14 ? G   A 14  . ? 2_755 ? 
64  AC9 9 G   A 14 ? G   A 14  . ? 1_555 ? 
65  AC9 9 G   A 15 ? G   A 15  . ? 2_755 ? 
66  AC9 9 G   A 15 ? G   A 15  . ? 1_555 ? 
67  AC9 9 G   A 15 ? G   A 15  . ? 3_775 ? 
68  AC9 9 LCC B 1  ? LCC B 1   . ? 4_646 ? 
69  AC9 9 LCC B 1  ? LCC B 1   . ? 1_555 ? 
70  AC9 9 LCC B 2  ? LCC B 2   . ? 1_555 ? 
71  AC9 9 LCC B 3  ? LCC B 3   . ? 1_555 ? 
72  AD1 9 G   A 14 ? G   A 14  . ? 2_755 ? 
73  AD1 9 G   A 14 ? G   A 14  . ? 1_555 ? 
74  AD1 9 G   A 15 ? G   A 15  . ? 2_755 ? 
75  AD1 9 G   A 15 ? G   A 15  . ? 1_555 ? 
76  AD1 9 G   A 15 ? G   A 15  . ? 3_775 ? 
77  AD1 9 LCC B 1  ? LCC B 1   . ? 4_646 ? 
78  AD1 9 LCC B 1  ? LCC B 1   . ? 1_555 ? 
79  AD1 9 LCC B 2  ? LCC B 2   . ? 1_555 ? 
80  AD1 9 LCC B 3  ? LCC B 3   . ? 1_555 ? 
81  AD2 9 G   A 14 ? G   A 14  . ? 2_755 ? 
82  AD2 9 G   A 14 ? G   A 14  . ? 1_555 ? 
83  AD2 9 G   A 15 ? G   A 15  . ? 2_755 ? 
84  AD2 9 G   A 15 ? G   A 15  . ? 1_555 ? 
85  AD2 9 G   A 15 ? G   A 15  . ? 3_775 ? 
86  AD2 9 LCC B 1  ? LCC B 1   . ? 4_646 ? 
87  AD2 9 LCC B 1  ? LCC B 1   . ? 1_555 ? 
88  AD2 9 LCC B 2  ? LCC B 2   . ? 1_555 ? 
89  AD2 9 LCC B 3  ? LCC B 3   . ? 1_555 ? 
90  AD3 9 G   A 14 ? G   A 14  . ? 2_755 ? 
91  AD3 9 G   A 14 ? G   A 14  . ? 1_555 ? 
92  AD3 9 G   A 15 ? G   A 15  . ? 2_755 ? 
93  AD3 9 G   A 15 ? G   A 15  . ? 1_555 ? 
94  AD3 9 G   A 15 ? G   A 15  . ? 3_775 ? 
95  AD3 9 LCC B 1  ? LCC B 1   . ? 4_646 ? 
96  AD3 9 LCC B 1  ? LCC B 1   . ? 1_555 ? 
97  AD3 9 LCC B 2  ? LCC B 2   . ? 1_555 ? 
98  AD3 9 LCC B 3  ? LCC B 3   . ? 1_555 ? 
99  AD4 9 G   A 14 ? G   A 14  . ? 2_755 ? 
100 AD4 9 G   A 14 ? G   A 14  . ? 1_555 ? 
101 AD4 9 G   A 15 ? G   A 15  . ? 2_755 ? 
102 AD4 9 G   A 15 ? G   A 15  . ? 1_555 ? 
103 AD4 9 G   A 15 ? G   A 15  . ? 3_775 ? 
104 AD4 9 LCC B 1  ? LCC B 1   . ? 4_646 ? 
105 AD4 9 LCC B 1  ? LCC B 1   . ? 1_555 ? 
106 AD4 9 LCC B 2  ? LCC B 2   . ? 1_555 ? 
107 AD4 9 LCC B 3  ? LCC B 3   . ? 1_555 ? 
108 AD5 9 G   A 14 ? G   A 14  . ? 2_755 ? 
109 AD5 9 G   A 14 ? G   A 14  . ? 1_555 ? 
110 AD5 9 G   A 15 ? G   A 15  . ? 2_755 ? 
111 AD5 9 G   A 15 ? G   A 15  . ? 1_555 ? 
112 AD5 9 G   A 15 ? G   A 15  . ? 3_775 ? 
113 AD5 9 LCC B 1  ? LCC B 1   . ? 4_646 ? 
114 AD5 9 LCC B 1  ? LCC B 1   . ? 1_555 ? 
115 AD5 9 LCC B 2  ? LCC B 2   . ? 1_555 ? 
116 AD5 9 LCC B 3  ? LCC B 3   . ? 1_555 ? 
117 AD6 9 G   A 14 ? G   A 14  . ? 2_755 ? 
118 AD6 9 G   A 14 ? G   A 14  . ? 1_555 ? 
119 AD6 9 G   A 15 ? G   A 15  . ? 2_755 ? 
120 AD6 9 G   A 15 ? G   A 15  . ? 1_555 ? 
121 AD6 9 G   A 15 ? G   A 15  . ? 3_775 ? 
122 AD6 9 LCC B 1  ? LCC B 1   . ? 4_646 ? 
123 AD6 9 LCC B 1  ? LCC B 1   . ? 1_555 ? 
124 AD6 9 LCC B 2  ? LCC B 2   . ? 1_555 ? 
125 AD6 9 LCC B 3  ? LCC B 3   . ? 1_555 ? 
126 AD7 9 G   A 14 ? G   A 14  . ? 2_755 ? 
127 AD7 9 G   A 14 ? G   A 14  . ? 1_555 ? 
128 AD7 9 G   A 15 ? G   A 15  . ? 2_755 ? 
129 AD7 9 G   A 15 ? G   A 15  . ? 1_555 ? 
130 AD7 9 G   A 15 ? G   A 15  . ? 3_775 ? 
131 AD7 9 LCC B 1  ? LCC B 1   . ? 4_646 ? 
132 AD7 9 LCC B 1  ? LCC B 1   . ? 1_555 ? 
133 AD7 9 LCC B 2  ? LCC B 2   . ? 1_555 ? 
134 AD7 9 LCC B 3  ? LCC B 3   . ? 1_555 ? 
135 AD8 9 G   A 14 ? G   A 14  . ? 2_755 ? 
136 AD8 9 G   A 14 ? G   A 14  . ? 1_555 ? 
137 AD8 9 G   A 15 ? G   A 15  . ? 2_755 ? 
138 AD8 9 G   A 15 ? G   A 15  . ? 1_555 ? 
139 AD8 9 G   A 15 ? G   A 15  . ? 3_775 ? 
140 AD8 9 LCC B 1  ? LCC B 1   . ? 4_646 ? 
141 AD8 9 LCC B 1  ? LCC B 1   . ? 1_555 ? 
142 AD8 9 LCC B 2  ? LCC B 2   . ? 1_555 ? 
143 AD8 9 LCC B 3  ? LCC B 3   . ? 1_555 ? 
144 AD9 9 G   A 14 ? G   A 14  . ? 2_755 ? 
145 AD9 9 G   A 14 ? G   A 14  . ? 1_555 ? 
146 AD9 9 G   A 15 ? G   A 15  . ? 2_755 ? 
147 AD9 9 G   A 15 ? G   A 15  . ? 1_555 ? 
148 AD9 9 G   A 15 ? G   A 15  . ? 3_775 ? 
149 AD9 9 LCC B 1  ? LCC B 1   . ? 4_646 ? 
150 AD9 9 LCC B 1  ? LCC B 1   . ? 1_555 ? 
151 AD9 9 LCC B 2  ? LCC B 2   . ? 1_555 ? 
152 AD9 9 LCC B 3  ? LCC B 3   . ? 1_555 ? 
153 AE1 9 G   A 14 ? G   A 14  . ? 2_755 ? 
154 AE1 9 G   A 14 ? G   A 14  . ? 1_555 ? 
155 AE1 9 G   A 15 ? G   A 15  . ? 2_755 ? 
156 AE1 9 G   A 15 ? G   A 15  . ? 1_555 ? 
157 AE1 9 G   A 15 ? G   A 15  . ? 3_775 ? 
158 AE1 9 LCC B 1  ? LCC B 1   . ? 4_646 ? 
159 AE1 9 LCC B 1  ? LCC B 1   . ? 1_555 ? 
160 AE1 9 LCC B 2  ? LCC B 2   . ? 1_555 ? 
161 AE1 9 LCC B 3  ? LCC B 3   . ? 1_555 ? 
162 AE2 9 G   A 14 ? G   A 14  . ? 2_755 ? 
163 AE2 9 G   A 14 ? G   A 14  . ? 1_555 ? 
164 AE2 9 G   A 15 ? G   A 15  . ? 2_755 ? 
165 AE2 9 G   A 15 ? G   A 15  . ? 1_555 ? 
166 AE2 9 G   A 15 ? G   A 15  . ? 3_775 ? 
167 AE2 9 LCC B 1  ? LCC B 1   . ? 4_646 ? 
168 AE2 9 LCC B 1  ? LCC B 1   . ? 1_555 ? 
169 AE2 9 LCC B 2  ? LCC B 2   . ? 1_555 ? 
170 AE2 9 LCC B 3  ? LCC B 3   . ? 1_555 ? 
171 AE3 9 G   A 14 ? G   A 14  . ? 2_755 ? 
172 AE3 9 G   A 14 ? G   A 14  . ? 1_555 ? 
173 AE3 9 G   A 15 ? G   A 15  . ? 2_755 ? 
174 AE3 9 G   A 15 ? G   A 15  . ? 1_555 ? 
175 AE3 9 G   A 15 ? G   A 15  . ? 3_775 ? 
176 AE3 9 LCC B 1  ? LCC B 1   . ? 4_646 ? 
177 AE3 9 LCC B 1  ? LCC B 1   . ? 1_555 ? 
178 AE3 9 LCC B 2  ? LCC B 2   . ? 1_555 ? 
179 AE3 9 LCC B 3  ? LCC B 3   . ? 1_555 ? 
180 AE4 9 G   A 14 ? G   A 14  . ? 2_755 ? 
181 AE4 9 G   A 14 ? G   A 14  . ? 1_555 ? 
182 AE4 9 G   A 15 ? G   A 15  . ? 2_755 ? 
183 AE4 9 G   A 15 ? G   A 15  . ? 1_555 ? 
184 AE4 9 G   A 15 ? G   A 15  . ? 3_775 ? 
185 AE4 9 LCC B 1  ? LCC B 1   . ? 4_646 ? 
186 AE4 9 LCC B 1  ? LCC B 1   . ? 1_555 ? 
187 AE4 9 LCC B 2  ? LCC B 2   . ? 1_555 ? 
188 AE4 9 LCC B 3  ? LCC B 3   . ? 1_555 ? 
189 AE5 9 G   A 14 ? G   A 14  . ? 2_755 ? 
190 AE5 9 G   A 14 ? G   A 14  . ? 1_555 ? 
191 AE5 9 G   A 15 ? G   A 15  . ? 2_755 ? 
192 AE5 9 G   A 15 ? G   A 15  . ? 1_555 ? 
193 AE5 9 G   A 15 ? G   A 15  . ? 3_775 ? 
194 AE5 9 LCC B 1  ? LCC B 1   . ? 4_646 ? 
195 AE5 9 LCC B 1  ? LCC B 1   . ? 1_555 ? 
196 AE5 9 LCC B 2  ? LCC B 2   . ? 1_555 ? 
197 AE5 9 LCC B 3  ? LCC B 3   . ? 1_555 ? 
198 AE6 9 G   A 14 ? G   A 14  . ? 2_755 ? 
199 AE6 9 G   A 14 ? G   A 14  . ? 1_555 ? 
200 AE6 9 G   A 15 ? G   A 15  . ? 2_755 ? 
201 AE6 9 G   A 15 ? G   A 15  . ? 1_555 ? 
202 AE6 9 G   A 15 ? G   A 15  . ? 3_775 ? 
203 AE6 9 LCC B 1  ? LCC B 1   . ? 4_646 ? 
204 AE6 9 LCC B 1  ? LCC B 1   . ? 1_555 ? 
205 AE6 9 LCC B 2  ? LCC B 2   . ? 1_555 ? 
206 AE6 9 LCC B 3  ? LCC B 3   . ? 1_555 ? 
207 AE7 9 G   A 14 ? G   A 14  . ? 2_755 ? 
208 AE7 9 G   A 14 ? G   A 14  . ? 1_555 ? 
209 AE7 9 G   A 15 ? G   A 15  . ? 2_755 ? 
210 AE7 9 G   A 15 ? G   A 15  . ? 1_555 ? 
211 AE7 9 G   A 15 ? G   A 15  . ? 3_775 ? 
212 AE7 9 LCC B 1  ? LCC B 1   . ? 4_646 ? 
213 AE7 9 LCC B 1  ? LCC B 1   . ? 1_555 ? 
214 AE7 9 LCC B 2  ? LCC B 2   . ? 1_555 ? 
215 AE7 9 LCC B 3  ? LCC B 3   . ? 1_555 ? 
216 AE8 9 G   A 14 ? G   A 14  . ? 2_755 ? 
217 AE8 9 G   A 14 ? G   A 14  . ? 1_555 ? 
218 AE8 9 G   A 15 ? G   A 15  . ? 2_755 ? 
219 AE8 9 G   A 15 ? G   A 15  . ? 1_555 ? 
220 AE8 9 G   A 15 ? G   A 15  . ? 3_775 ? 
221 AE8 9 LCC B 1  ? LCC B 1   . ? 4_646 ? 
222 AE8 9 LCC B 1  ? LCC B 1   . ? 1_555 ? 
223 AE8 9 LCC B 2  ? LCC B 2   . ? 1_555 ? 
224 AE8 9 LCC B 3  ? LCC B 3   . ? 1_555 ? 
225 AE9 9 G   A 14 ? G   A 14  . ? 2_755 ? 
226 AE9 9 G   A 14 ? G   A 14  . ? 1_555 ? 
227 AE9 9 G   A 15 ? G   A 15  . ? 2_755 ? 
228 AE9 9 G   A 15 ? G   A 15  . ? 1_555 ? 
229 AE9 9 G   A 15 ? G   A 15  . ? 3_775 ? 
230 AE9 9 LCC B 1  ? LCC B 1   . ? 4_646 ? 
231 AE9 9 LCC B 1  ? LCC B 1   . ? 1_555 ? 
232 AE9 9 LCC B 2  ? LCC B 2   . ? 1_555 ? 
233 AE9 9 LCC B 3  ? LCC B 3   . ? 1_555 ? 
234 AF1 9 G   A 14 ? G   A 14  . ? 2_755 ? 
235 AF1 9 G   A 14 ? G   A 14  . ? 1_555 ? 
236 AF1 9 G   A 15 ? G   A 15  . ? 2_755 ? 
237 AF1 9 G   A 15 ? G   A 15  . ? 1_555 ? 
238 AF1 9 G   A 15 ? G   A 15  . ? 3_775 ? 
239 AF1 9 LCC B 1  ? LCC B 1   . ? 4_646 ? 
240 AF1 9 LCC B 1  ? LCC B 1   . ? 1_555 ? 
241 AF1 9 LCC B 2  ? LCC B 2   . ? 1_555 ? 
242 AF1 9 LCC B 3  ? LCC B 3   . ? 1_555 ? 
243 AF2 9 G   A 14 ? G   A 14  . ? 2_755 ? 
244 AF2 9 G   A 14 ? G   A 14  . ? 1_555 ? 
245 AF2 9 G   A 15 ? G   A 15  . ? 2_755 ? 
246 AF2 9 G   A 15 ? G   A 15  . ? 1_555 ? 
247 AF2 9 G   A 15 ? G   A 15  . ? 3_775 ? 
248 AF2 9 LCC B 1  ? LCC B 1   . ? 4_646 ? 
249 AF2 9 LCC B 1  ? LCC B 1   . ? 1_555 ? 
250 AF2 9 LCC B 2  ? LCC B 2   . ? 1_555 ? 
251 AF2 9 LCC B 3  ? LCC B 3   . ? 1_555 ? 
252 AF3 9 G   A 14 ? G   A 14  . ? 2_755 ? 
253 AF3 9 G   A 14 ? G   A 14  . ? 1_555 ? 
254 AF3 9 G   A 15 ? G   A 15  . ? 2_755 ? 
255 AF3 9 G   A 15 ? G   A 15  . ? 1_555 ? 
256 AF3 9 G   A 15 ? G   A 15  . ? 3_775 ? 
257 AF3 9 LCC B 1  ? LCC B 1   . ? 4_646 ? 
258 AF3 9 LCC B 1  ? LCC B 1   . ? 1_555 ? 
259 AF3 9 LCC B 2  ? LCC B 2   . ? 1_555 ? 
260 AF3 9 LCC B 3  ? LCC B 3   . ? 1_555 ? 
261 AF4 9 G   A 14 ? G   A 14  . ? 2_755 ? 
262 AF4 9 G   A 14 ? G   A 14  . ? 1_555 ? 
263 AF4 9 G   A 15 ? G   A 15  . ? 2_755 ? 
264 AF4 9 G   A 15 ? G   A 15  . ? 1_555 ? 
265 AF4 9 G   A 15 ? G   A 15  . ? 3_775 ? 
266 AF4 9 LCC B 1  ? LCC B 1   . ? 4_646 ? 
267 AF4 9 LCC B 1  ? LCC B 1   . ? 1_555 ? 
268 AF4 9 LCC B 2  ? LCC B 2   . ? 1_555 ? 
269 AF4 9 LCC B 3  ? LCC B 3   . ? 1_555 ? 
270 AF5 8 C   A 13 ? C   A 13  . ? 2_755 ? 
271 AF5 8 G   A 14 ? G   A 14  . ? 2_755 ? 
272 AF5 8 G   A 15 ? G   A 15  . ? 1_555 ? 
273 AF5 8 EQ4 C .  ? EQ4 A 101 . ? 1_555 ? 
274 AF5 8 EQ4 C .  ? EQ4 A 101 . ? 4_646 ? 
275 AF5 8 EQ1 D .  ? EQ1 A 102 . ? 1_555 ? 
276 AF5 8 EQ1 D .  ? EQ1 A 102 . ? 4_646 ? 
277 AF5 8 LCC B 3  ? LCC B 3   . ? 1_555 ? 
278 AF6 9 C   A 13 ? C   A 13  . ? 2_755 ? 
279 AF6 9 G   A 14 ? G   A 14  . ? 2_755 ? 
280 AF6 9 G   A 14 ? G   A 14  . ? 1_555 ? 
281 AF6 9 G   A 15 ? G   A 15  . ? 1_555 ? 
282 AF6 9 EQ4 C .  ? EQ4 A 101 . ? 1_555 ? 
283 AF6 9 EQ1 D .  ? EQ1 A 102 . ? 1_555 ? 
284 AF6 9 LCC B 1  ? LCC B 1   . ? 1_555 ? 
285 AF6 9 LCG B 4  ? LCG B 4   . ? 2_755 ? 
286 AF6 9 LCG B 4  ? LCG B 4   . ? 1_555 ? 
287 AF7 9 C   A 13 ? C   A 13  . ? 2_755 ? 
288 AF7 9 C   A 13 ? C   A 13  . ? 1_555 ? 
289 AF7 9 G   A 14 ? G   A 14  . ? 2_755 ? 
290 AF7 9 G   A 14 ? G   A 14  . ? 1_555 ? 
291 AF7 9 G   A 15 ? G   A 15  . ? 1_555 ? 
292 AF7 9 EQ1 D .  ? EQ1 A 102 . ? 1_555 ? 
293 AF7 9 LCC B 2  ? LCC B 2   . ? 1_555 ? 
294 AF7 9 A   B 5  ? A   B 5   . ? 1_555 ? 
295 AF7 9 A   B 5  ? A   B 5   . ? 2_755 ? 
# 
loop_
_pdbx_validate_rmsd_bond.id 
_pdbx_validate_rmsd_bond.PDB_model_num 
_pdbx_validate_rmsd_bond.auth_atom_id_1 
_pdbx_validate_rmsd_bond.auth_asym_id_1 
_pdbx_validate_rmsd_bond.auth_comp_id_1 
_pdbx_validate_rmsd_bond.auth_seq_id_1 
_pdbx_validate_rmsd_bond.PDB_ins_code_1 
_pdbx_validate_rmsd_bond.label_alt_id_1 
_pdbx_validate_rmsd_bond.auth_atom_id_2 
_pdbx_validate_rmsd_bond.auth_asym_id_2 
_pdbx_validate_rmsd_bond.auth_comp_id_2 
_pdbx_validate_rmsd_bond.auth_seq_id_2 
_pdbx_validate_rmsd_bond.PDB_ins_code_2 
_pdbx_validate_rmsd_bond.label_alt_id_2 
_pdbx_validate_rmsd_bond.bond_value 
_pdbx_validate_rmsd_bond.bond_target_value 
_pdbx_validate_rmsd_bond.bond_deviation 
_pdbx_validate_rmsd_bond.bond_standard_deviation 
_pdbx_validate_rmsd_bond.linker_flag 
1 1 "O3'" A LCC 1 ? ? P A LCC 2 ? ? 1.679 1.607 0.072 0.012 Y 
2 1 "O3'" A LCC 3 ? ? P A LCG 4 ? ? 1.702 1.607 0.095 0.012 Y 
3 1 "O3'" B LCC 1 ? ? P B LCC 2 ? ? 1.692 1.607 0.085 0.012 Y 
4 1 "O3'" B LCC 3 ? ? P B LCG 4 ? ? 1.686 1.607 0.079 0.012 Y 
5 1 "O3'" B LCG 4 ? ? P B A   5 ? ? 1.697 1.607 0.090 0.012 Y 
# 
loop_
_pdbx_validate_rmsd_angle.id 
_pdbx_validate_rmsd_angle.PDB_model_num 
_pdbx_validate_rmsd_angle.auth_atom_id_1 
_pdbx_validate_rmsd_angle.auth_asym_id_1 
_pdbx_validate_rmsd_angle.auth_comp_id_1 
_pdbx_validate_rmsd_angle.auth_seq_id_1 
_pdbx_validate_rmsd_angle.PDB_ins_code_1 
_pdbx_validate_rmsd_angle.label_alt_id_1 
_pdbx_validate_rmsd_angle.auth_atom_id_2 
_pdbx_validate_rmsd_angle.auth_asym_id_2 
_pdbx_validate_rmsd_angle.auth_comp_id_2 
_pdbx_validate_rmsd_angle.auth_seq_id_2 
_pdbx_validate_rmsd_angle.PDB_ins_code_2 
_pdbx_validate_rmsd_angle.label_alt_id_2 
_pdbx_validate_rmsd_angle.auth_atom_id_3 
_pdbx_validate_rmsd_angle.auth_asym_id_3 
_pdbx_validate_rmsd_angle.auth_comp_id_3 
_pdbx_validate_rmsd_angle.auth_seq_id_3 
_pdbx_validate_rmsd_angle.PDB_ins_code_3 
_pdbx_validate_rmsd_angle.label_alt_id_3 
_pdbx_validate_rmsd_angle.angle_value 
_pdbx_validate_rmsd_angle.angle_target_value 
_pdbx_validate_rmsd_angle.angle_deviation 
_pdbx_validate_rmsd_angle.angle_standard_deviation 
_pdbx_validate_rmsd_angle.linker_flag 
1  1 "C3'" A LCC 1 ? ? "O3'" A LCC 1 ? ? P     A LCC 2 ? ? 141.46 119.70 21.76  1.20 Y 
2  1 "O3'" A LCC 1 ? ? P     A LCC 2 ? ? "O5'" A LCC 2 ? ? 143.22 104.00 39.22  1.90 Y 
3  1 "O3'" A LCC 2 ? ? P     A LCC 3 ? ? "O5'" A LCC 3 ? ? 79.40  104.00 -24.60 1.90 Y 
4  1 "C3'" A LCC 3 ? ? "O3'" A LCC 3 ? ? P     A LCG 4 ? ? 108.84 119.70 -10.86 1.20 Y 
5  1 "O3'" A LCC 3 ? ? P     A LCG 4 ? ? "O5'" A LCG 4 ? ? 116.17 104.00 12.17  1.90 Y 
6  1 "O3'" A LCC 3 ? ? P     A LCG 4 ? ? OP2   A LCG 4 ? ? 121.51 110.50 11.01  1.10 Y 
7  1 "O3'" B LCC 1 ? ? P     B LCC 2 ? ? "O5'" B LCC 2 ? ? 129.72 104.00 25.72  1.90 Y 
8  1 "C3'" B LCC 2 ? ? "O3'" B LCC 2 ? ? P     B LCC 3 ? ? 134.40 119.70 14.70  1.20 Y 
9  1 "O3'" B LCC 2 ? ? P     B LCC 3 ? ? "O5'" B LCC 3 ? ? 87.91  104.00 -16.09 1.90 Y 
10 1 "O3'" B LCC 3 ? ? P     B LCG 4 ? ? "O5'" B LCG 4 ? ? 119.90 104.00 15.90  1.90 Y 
# 
loop_
_chem_comp_atom.comp_id 
_chem_comp_atom.atom_id 
_chem_comp_atom.type_symbol 
_chem_comp_atom.pdbx_aromatic_flag 
_chem_comp_atom.pdbx_stereo_config 
_chem_comp_atom.pdbx_ordinal 
A   OP3    O N N 1   
A   P      P N N 2   
A   OP1    O N N 3   
A   OP2    O N N 4   
A   "O5'"  O N N 5   
A   "C5'"  C N N 6   
A   "C4'"  C N R 7   
A   "O4'"  O N N 8   
A   "C3'"  C N S 9   
A   "O3'"  O N N 10  
A   "C2'"  C N R 11  
A   "O2'"  O N N 12  
A   "C1'"  C N R 13  
A   N9     N Y N 14  
A   C8     C Y N 15  
A   N7     N Y N 16  
A   C5     C Y N 17  
A   C6     C Y N 18  
A   N6     N N N 19  
A   N1     N Y N 20  
A   C2     C Y N 21  
A   N3     N Y N 22  
A   C4     C Y N 23  
A   HOP3   H N N 24  
A   HOP2   H N N 25  
A   "H5'"  H N N 26  
A   "H5''" H N N 27  
A   "H4'"  H N N 28  
A   "H3'"  H N N 29  
A   "HO3'" H N N 30  
A   "H2'"  H N N 31  
A   "HO2'" H N N 32  
A   "H1'"  H N N 33  
A   H8     H N N 34  
A   H61    H N N 35  
A   H62    H N N 36  
A   H2     H N N 37  
C   OP3    O N N 38  
C   P      P N N 39  
C   OP1    O N N 40  
C   OP2    O N N 41  
C   "O5'"  O N N 42  
C   "C5'"  C N N 43  
C   "C4'"  C N R 44  
C   "O4'"  O N N 45  
C   "C3'"  C N S 46  
C   "O3'"  O N N 47  
C   "C2'"  C N R 48  
C   "O2'"  O N N 49  
C   "C1'"  C N R 50  
C   N1     N N N 51  
C   C2     C N N 52  
C   O2     O N N 53  
C   N3     N N N 54  
C   C4     C N N 55  
C   N4     N N N 56  
C   C5     C N N 57  
C   C6     C N N 58  
C   HOP3   H N N 59  
C   HOP2   H N N 60  
C   "H5'"  H N N 61  
C   "H5''" H N N 62  
C   "H4'"  H N N 63  
C   "H3'"  H N N 64  
C   "HO3'" H N N 65  
C   "H2'"  H N N 66  
C   "HO2'" H N N 67  
C   "H1'"  H N N 68  
C   H41    H N N 69  
C   H42    H N N 70  
C   H5     H N N 71  
C   H6     H N N 72  
EQ1 PA     P N N 73  
EQ1 PG     P N N 74  
EQ1 C1C    C Y N 75  
EQ1 C1D    C N R 76  
EQ1 C1E    C N R 77  
EQ1 N1A    N N N 78  
EQ1 N1B    N N N 79  
EQ1 N1C    N Y N 80  
EQ1 O1A    O N N 81  
EQ1 O1G    O N N 82  
EQ1 C2A    C N N 83  
EQ1 C2B    C N N 84  
EQ1 C2C    C Y N 85  
EQ1 C2D    C N R 86  
EQ1 C2E    C N R 87  
EQ1 N2A    N N N 88  
EQ1 N2B    N N N 89  
EQ1 N2C    N Y N 90  
EQ1 O2A    O N N 91  
EQ1 O2D    O N N 92  
EQ1 O2E    O N N 93  
EQ1 O2G    O N N 94  
EQ1 C3C    C Y N 95  
EQ1 C3D    C N S 96  
EQ1 C3E    C N S 97  
EQ1 N3A    N N N 98  
EQ1 N3B    N N N 99  
EQ1 N3C    N N N 100 
EQ1 O3D    O N N 101 
EQ1 O3E    O N N 102 
EQ1 C4A    C Y N 103 
EQ1 C4B    C Y N 104 
EQ1 C4D    C N R 105 
EQ1 C4E    C N R 106 
EQ1 O4D    O N N 107 
EQ1 O4E    O N N 108 
EQ1 C5A    C Y N 109 
EQ1 C5B    C Y N 110 
EQ1 C5D    C N N 111 
EQ1 C5E    C N N 112 
EQ1 O5D    O N N 113 
EQ1 O5E    O N N 114 
EQ1 C6A    C N N 115 
EQ1 C6B    C N N 116 
EQ1 O6A    O N N 117 
EQ1 O6B    O N N 118 
EQ1 N7A    N Y N 119 
EQ1 N7B    N Y N 120 
EQ1 C8A    C Y N 121 
EQ1 C8B    C Y N 122 
EQ1 N9A    N Y N 123 
EQ1 N9B    N Y N 124 
EQ1 H1     H N N 125 
EQ1 H2     H N N 126 
EQ1 H3     H N N 127 
EQ1 H4     H N N 128 
EQ1 H5     H N N 129 
EQ1 H6     H N N 130 
EQ1 H7     H N N 131 
EQ1 H8     H N N 132 
EQ1 H9     H N N 133 
EQ1 H10    H N N 134 
EQ1 H11    H N N 135 
EQ1 H12    H N N 136 
EQ1 H13    H N N 137 
EQ1 H14    H N N 138 
EQ1 H15    H N N 139 
EQ1 H16    H N N 140 
EQ1 H17    H N N 141 
EQ1 H18    H N N 142 
EQ1 H19    H N N 143 
EQ1 H20    H N N 144 
EQ1 H21    H N N 145 
EQ1 H22    H N N 146 
EQ1 H23    H N N 147 
EQ1 H24    H N N 148 
EQ1 H25    H N N 149 
EQ1 H26    H N N 150 
EQ1 H27    H N N 151 
EQ1 H28    H N N 152 
EQ1 H29    H N N 153 
EQ1 H30    H N N 154 
EQ4 P1     P N N 155 
EQ4 O1     O N N 156 
EQ4 O2     O N N 157 
EQ4 C1     C N N 158 
EQ4 O3     O N N 159 
EQ4 C2     C N R 160 
EQ4 O4     O N N 161 
EQ4 C3     C N S 162 
EQ4 O5     O N N 163 
EQ4 C4     C N R 164 
EQ4 O6     O N N 165 
EQ4 C5     C N R 166 
EQ4 N1     N N N 167 
EQ4 C6     C N N 168 
EQ4 N2     N N N 169 
EQ4 N3     N N N 170 
EQ4 C7     C Y N 171 
EQ4 C8     C Y N 172 
EQ4 C9     C N N 173 
EQ4 O7     O N N 174 
EQ4 N4     N Y N 175 
EQ4 C10    C Y N 176 
EQ4 N5     N Y N 177 
EQ4 N6     N Y N 178 
EQ4 C11    C Y N 179 
EQ4 C12    C Y N 180 
EQ4 N7     N Y N 181 
EQ4 C13    C Y N 182 
EQ4 N8     N N N 183 
EQ4 H1     H N N 184 
EQ4 H2     H N N 185 
EQ4 H3     H N N 186 
EQ4 H4     H N N 187 
EQ4 H5     H N N 188 
EQ4 H6     H N N 189 
EQ4 H7     H N N 190 
EQ4 H8     H N N 191 
EQ4 H9     H N N 192 
EQ4 H10    H N N 193 
EQ4 H11    H N N 194 
EQ4 H12    H N N 195 
EQ4 H13    H N N 196 
EQ4 H14    H N N 197 
EQ4 H15    H N N 198 
EQ4 H16    H N N 199 
EQ4 H17    H N N 200 
G   OP3    O N N 201 
G   P      P N N 202 
G   OP1    O N N 203 
G   OP2    O N N 204 
G   "O5'"  O N N 205 
G   "C5'"  C N N 206 
G   "C4'"  C N R 207 
G   "O4'"  O N N 208 
G   "C3'"  C N S 209 
G   "O3'"  O N N 210 
G   "C2'"  C N R 211 
G   "O2'"  O N N 212 
G   "C1'"  C N R 213 
G   N9     N Y N 214 
G   C8     C Y N 215 
G   N7     N Y N 216 
G   C5     C Y N 217 
G   C6     C N N 218 
G   O6     O N N 219 
G   N1     N N N 220 
G   C2     C N N 221 
G   N2     N N N 222 
G   N3     N N N 223 
G   C4     C Y N 224 
G   HOP3   H N N 225 
G   HOP2   H N N 226 
G   "H5'"  H N N 227 
G   "H5''" H N N 228 
G   "H4'"  H N N 229 
G   "H3'"  H N N 230 
G   "HO3'" H N N 231 
G   "H2'"  H N N 232 
G   "HO2'" H N N 233 
G   "H1'"  H N N 234 
G   H8     H N N 235 
G   H1     H N N 236 
G   H21    H N N 237 
G   H22    H N N 238 
HOH O      O N N 239 
HOH H1     H N N 240 
HOH H2     H N N 241 
LCC "O5'"  O N N 242 
LCC "C5'"  C N N 243 
LCC "C4'"  C N R 244 
LCC "O4'"  O N N 245 
LCC "C1'"  C N R 246 
LCC N1     N N N 247 
LCC C6     C N N 248 
LCC C5     C N N 249 
LCC C5M    C N N 250 
LCC C4     C N N 251 
LCC N4     N N N 252 
LCC N3     N N N 253 
LCC C2     C N N 254 
LCC O2     O N N 255 
LCC "C3'"  C N S 256 
LCC "C2'"  C N R 257 
LCC "O2'"  O N N 258 
LCC "O3'"  O N N 259 
LCC "C6'"  C N N 260 
LCC P      P N N 261 
LCC O1P    O N N 262 
LCC O2P    O N N 263 
LCC OXT    O N N 264 
LCC "H5'1" H N N 265 
LCC "H5'2" H N N 266 
LCC "H1'"  H N N 267 
LCC H6     H N N 268 
LCC H5M1   H N N 269 
LCC H5M2   H N N 270 
LCC H5M3   H N N 271 
LCC H41    H N N 272 
LCC H42    H N N 273 
LCC "H3'"  H N N 274 
LCC "H2'1" H N N 275 
LCC H3T    H N N 276 
LCC "H6'1" H N N 277 
LCC "H6'2" H N N 278 
LCC H1P    H N N 279 
LCC HXT    H N N 280 
LCG P      P N N 281 
LCG OP1    O N N 282 
LCG "O5'"  O N N 283 
LCG "C5'"  C N N 284 
LCG "C3'"  C N S 285 
LCG "C6'"  C N N 286 
LCG N9     N Y N 287 
LCG C8     C Y N 288 
LCG C4     C Y N 289 
LCG N7     N Y N 290 
LCG C5     C Y N 291 
LCG C6     C N N 292 
LCG "C2'"  C N R 293 
LCG O6     O N N 294 
LCG "C4'"  C N R 295 
LCG "C1'"  C N R 296 
LCG C2     C N N 297 
LCG N1     N N N 298 
LCG "O4'"  O N N 299 
LCG OP2    O N N 300 
LCG N2     N N N 301 
LCG N3     N N N 302 
LCG "O2'"  O N N 303 
LCG "O3'"  O N N 304 
LCG OP3    O N N 305 
LCG "H5'"  H N N 306 
LCG "H5''" H N N 307 
LCG "H3'"  H N N 308 
LCG "H6'1" H N N 309 
LCG "H6'2" H N N 310 
LCG H8     H N N 311 
LCG "H2'"  H N N 312 
LCG "H1'"  H N N 313 
LCG H1     H N N 314 
LCG HOP2   H N N 315 
LCG H21    H N N 316 
LCG H22    H N N 317 
LCG "HO3'" H N N 318 
LCG HOP3   H N N 319 
U   OP3    O N N 320 
U   P      P N N 321 
U   OP1    O N N 322 
U   OP2    O N N 323 
U   "O5'"  O N N 324 
U   "C5'"  C N N 325 
U   "C4'"  C N R 326 
U   "O4'"  O N N 327 
U   "C3'"  C N S 328 
U   "O3'"  O N N 329 
U   "C2'"  C N R 330 
U   "O2'"  O N N 331 
U   "C1'"  C N R 332 
U   N1     N N N 333 
U   C2     C N N 334 
U   O2     O N N 335 
U   N3     N N N 336 
U   C4     C N N 337 
U   O4     O N N 338 
U   C5     C N N 339 
U   C6     C N N 340 
U   HOP3   H N N 341 
U   HOP2   H N N 342 
U   "H5'"  H N N 343 
U   "H5''" H N N 344 
U   "H4'"  H N N 345 
U   "H3'"  H N N 346 
U   "HO3'" H N N 347 
U   "H2'"  H N N 348 
U   "HO2'" H N N 349 
U   "H1'"  H N N 350 
U   H3     H N N 351 
U   H5     H N N 352 
U   H6     H N N 353 
# 
loop_
_chem_comp_bond.comp_id 
_chem_comp_bond.atom_id_1 
_chem_comp_bond.atom_id_2 
_chem_comp_bond.value_order 
_chem_comp_bond.pdbx_aromatic_flag 
_chem_comp_bond.pdbx_stereo_config 
_chem_comp_bond.pdbx_ordinal 
A   OP3   P      sing N N 1   
A   OP3   HOP3   sing N N 2   
A   P     OP1    doub N N 3   
A   P     OP2    sing N N 4   
A   P     "O5'"  sing N N 5   
A   OP2   HOP2   sing N N 6   
A   "O5'" "C5'"  sing N N 7   
A   "C5'" "C4'"  sing N N 8   
A   "C5'" "H5'"  sing N N 9   
A   "C5'" "H5''" sing N N 10  
A   "C4'" "O4'"  sing N N 11  
A   "C4'" "C3'"  sing N N 12  
A   "C4'" "H4'"  sing N N 13  
A   "O4'" "C1'"  sing N N 14  
A   "C3'" "O3'"  sing N N 15  
A   "C3'" "C2'"  sing N N 16  
A   "C3'" "H3'"  sing N N 17  
A   "O3'" "HO3'" sing N N 18  
A   "C2'" "O2'"  sing N N 19  
A   "C2'" "C1'"  sing N N 20  
A   "C2'" "H2'"  sing N N 21  
A   "O2'" "HO2'" sing N N 22  
A   "C1'" N9     sing N N 23  
A   "C1'" "H1'"  sing N N 24  
A   N9    C8     sing Y N 25  
A   N9    C4     sing Y N 26  
A   C8    N7     doub Y N 27  
A   C8    H8     sing N N 28  
A   N7    C5     sing Y N 29  
A   C5    C6     sing Y N 30  
A   C5    C4     doub Y N 31  
A   C6    N6     sing N N 32  
A   C6    N1     doub Y N 33  
A   N6    H61    sing N N 34  
A   N6    H62    sing N N 35  
A   N1    C2     sing Y N 36  
A   C2    N3     doub Y N 37  
A   C2    H2     sing N N 38  
A   N3    C4     sing Y N 39  
C   OP3   P      sing N N 40  
C   OP3   HOP3   sing N N 41  
C   P     OP1    doub N N 42  
C   P     OP2    sing N N 43  
C   P     "O5'"  sing N N 44  
C   OP2   HOP2   sing N N 45  
C   "O5'" "C5'"  sing N N 46  
C   "C5'" "C4'"  sing N N 47  
C   "C5'" "H5'"  sing N N 48  
C   "C5'" "H5''" sing N N 49  
C   "C4'" "O4'"  sing N N 50  
C   "C4'" "C3'"  sing N N 51  
C   "C4'" "H4'"  sing N N 52  
C   "O4'" "C1'"  sing N N 53  
C   "C3'" "O3'"  sing N N 54  
C   "C3'" "C2'"  sing N N 55  
C   "C3'" "H3'"  sing N N 56  
C   "O3'" "HO3'" sing N N 57  
C   "C2'" "O2'"  sing N N 58  
C   "C2'" "C1'"  sing N N 59  
C   "C2'" "H2'"  sing N N 60  
C   "O2'" "HO2'" sing N N 61  
C   "C1'" N1     sing N N 62  
C   "C1'" "H1'"  sing N N 63  
C   N1    C2     sing N N 64  
C   N1    C6     sing N N 65  
C   C2    O2     doub N N 66  
C   C2    N3     sing N N 67  
C   N3    C4     doub N N 68  
C   C4    N4     sing N N 69  
C   C4    C5     sing N N 70  
C   N4    H41    sing N N 71  
C   N4    H42    sing N N 72  
C   C5    C6     doub N N 73  
C   C5    H5     sing N N 74  
C   C6    H6     sing N N 75  
EQ1 O2G   PG     doub N N 76  
EQ1 PG    O1G    sing N N 77  
EQ1 PG    O5E    sing N N 78  
EQ1 PG    N2C    sing N N 79  
EQ1 C2C   N2C    sing Y N 80  
EQ1 C2C   C3C    doub Y N 81  
EQ1 O5E   C5E    sing N N 82  
EQ1 C5E   C4E    sing N N 83  
EQ1 N2C   C1C    doub Y N 84  
EQ1 O3E   C3E    sing N N 85  
EQ1 C3C   N1C    sing Y N 86  
EQ1 C3E   C4E    sing N N 87  
EQ1 C3E   C2E    sing N N 88  
EQ1 C1C   N1C    sing Y N 89  
EQ1 C1C   N3C    sing N N 90  
EQ1 C4E   O4E    sing N N 91  
EQ1 N1C   PA     sing N N 92  
EQ1 C2E   O2E    sing N N 93  
EQ1 C2E   C1E    sing N N 94  
EQ1 O4E   C1E    sing N N 95  
EQ1 O3D   C3D    sing N N 96  
EQ1 PA    O2A    doub N N 97  
EQ1 PA    O1A    sing N N 98  
EQ1 PA    O5D    sing N N 99  
EQ1 C8B   N7B    doub Y N 100 
EQ1 C8B   N9B    sing Y N 101 
EQ1 C1E   N9B    sing N N 102 
EQ1 N7B   C5B    sing Y N 103 
EQ1 N9B   C4B    sing Y N 104 
EQ1 C5B   C4B    doub Y N 105 
EQ1 C5B   C6B    sing N N 106 
EQ1 C4B   N3B    sing N N 107 
EQ1 C3D   C4D    sing N N 108 
EQ1 C3D   C2D    sing N N 109 
EQ1 O6B   C6B    doub N N 110 
EQ1 C6B   N1B    sing N N 111 
EQ1 N3B   C2B    doub N N 112 
EQ1 C5D   O5D    sing N N 113 
EQ1 C5D   C4D    sing N N 114 
EQ1 N1B   C2B    sing N N 115 
EQ1 C2B   N2B    sing N N 116 
EQ1 C4D   O4D    sing N N 117 
EQ1 C2D   O2D    sing N N 118 
EQ1 C2D   C1D    sing N N 119 
EQ1 C8A   N7A    doub Y N 120 
EQ1 C8A   N9A    sing Y N 121 
EQ1 N7A   C5A    sing Y N 122 
EQ1 O4D   C1D    sing N N 123 
EQ1 N9A   C1D    sing N N 124 
EQ1 N9A   C4A    sing Y N 125 
EQ1 C5A   C4A    doub Y N 126 
EQ1 C5A   C6A    sing N N 127 
EQ1 C4A   N3A    sing N N 128 
EQ1 O6A   C6A    doub N N 129 
EQ1 C6A   N1A    sing N N 130 
EQ1 N3A   C2A    doub N N 131 
EQ1 N1A   C2A    sing N N 132 
EQ1 C2A   N2A    sing N N 133 
EQ1 C1D   H1     sing N N 134 
EQ1 C1E   H2     sing N N 135 
EQ1 N1A   H3     sing N N 136 
EQ1 N1B   H4     sing N N 137 
EQ1 O1A   H5     sing N N 138 
EQ1 O1G   H6     sing N N 139 
EQ1 C2C   H7     sing N N 140 
EQ1 C2D   H8     sing N N 141 
EQ1 C2E   H9     sing N N 142 
EQ1 N2A   H10    sing N N 143 
EQ1 N2A   H11    sing N N 144 
EQ1 N2B   H12    sing N N 145 
EQ1 N2B   H13    sing N N 146 
EQ1 O2D   H14    sing N N 147 
EQ1 O2E   H15    sing N N 148 
EQ1 C3C   H16    sing N N 149 
EQ1 C3D   H17    sing N N 150 
EQ1 C3E   H18    sing N N 151 
EQ1 N3C   H19    sing N N 152 
EQ1 N3C   H20    sing N N 153 
EQ1 O3D   H21    sing N N 154 
EQ1 O3E   H22    sing N N 155 
EQ1 C4D   H23    sing N N 156 
EQ1 C4E   H24    sing N N 157 
EQ1 C5D   H25    sing N N 158 
EQ1 C5D   H26    sing N N 159 
EQ1 C5E   H27    sing N N 160 
EQ1 C5E   H28    sing N N 161 
EQ1 C8A   H29    sing N N 162 
EQ1 C8B   H30    sing N N 163 
EQ4 C12   N7     sing Y N 164 
EQ4 C12   C11    doub Y N 165 
EQ4 N7    C13    doub Y N 166 
EQ4 C11   N6     sing Y N 167 
EQ4 C13   N8     sing N N 168 
EQ4 C13   N6     sing Y N 169 
EQ4 N6    P1     sing N N 170 
EQ4 O2    P1     doub N N 171 
EQ4 O5    C3     sing N N 172 
EQ4 P1    O3     sing N N 173 
EQ4 P1    O1     sing N N 174 
EQ4 O3    C1     sing N N 175 
EQ4 C3    C2     sing N N 176 
EQ4 C3    C4     sing N N 177 
EQ4 O6    C4     sing N N 178 
EQ4 C2    C1     sing N N 179 
EQ4 C2    O4     sing N N 180 
EQ4 C4    C5     sing N N 181 
EQ4 O4    C5     sing N N 182 
EQ4 C5    N5     sing N N 183 
EQ4 C10   N5     sing Y N 184 
EQ4 C10   N4     doub Y N 185 
EQ4 N5    C7     sing Y N 186 
EQ4 N4    C8     sing Y N 187 
EQ4 C7    C8     doub Y N 188 
EQ4 C7    N3     sing N N 189 
EQ4 C8    C9     sing N N 190 
EQ4 N3    C6     doub N N 191 
EQ4 C9    O7     doub N N 192 
EQ4 C9    N1     sing N N 193 
EQ4 C6    N1     sing N N 194 
EQ4 C6    N2     sing N N 195 
EQ4 O1    H1     sing N N 196 
EQ4 C1    H2     sing N N 197 
EQ4 C1    H3     sing N N 198 
EQ4 C2    H4     sing N N 199 
EQ4 C3    H5     sing N N 200 
EQ4 O5    H6     sing N N 201 
EQ4 C4    H7     sing N N 202 
EQ4 O6    H8     sing N N 203 
EQ4 C5    H9     sing N N 204 
EQ4 N1    H10    sing N N 205 
EQ4 N2    H11    sing N N 206 
EQ4 N2    H12    sing N N 207 
EQ4 C10   H13    sing N N 208 
EQ4 C11   H14    sing N N 209 
EQ4 C12   H15    sing N N 210 
EQ4 N8    H16    sing N N 211 
EQ4 N8    H17    sing N N 212 
G   OP3   P      sing N N 213 
G   OP3   HOP3   sing N N 214 
G   P     OP1    doub N N 215 
G   P     OP2    sing N N 216 
G   P     "O5'"  sing N N 217 
G   OP2   HOP2   sing N N 218 
G   "O5'" "C5'"  sing N N 219 
G   "C5'" "C4'"  sing N N 220 
G   "C5'" "H5'"  sing N N 221 
G   "C5'" "H5''" sing N N 222 
G   "C4'" "O4'"  sing N N 223 
G   "C4'" "C3'"  sing N N 224 
G   "C4'" "H4'"  sing N N 225 
G   "O4'" "C1'"  sing N N 226 
G   "C3'" "O3'"  sing N N 227 
G   "C3'" "C2'"  sing N N 228 
G   "C3'" "H3'"  sing N N 229 
G   "O3'" "HO3'" sing N N 230 
G   "C2'" "O2'"  sing N N 231 
G   "C2'" "C1'"  sing N N 232 
G   "C2'" "H2'"  sing N N 233 
G   "O2'" "HO2'" sing N N 234 
G   "C1'" N9     sing N N 235 
G   "C1'" "H1'"  sing N N 236 
G   N9    C8     sing Y N 237 
G   N9    C4     sing Y N 238 
G   C8    N7     doub Y N 239 
G   C8    H8     sing N N 240 
G   N7    C5     sing Y N 241 
G   C5    C6     sing N N 242 
G   C5    C4     doub Y N 243 
G   C6    O6     doub N N 244 
G   C6    N1     sing N N 245 
G   N1    C2     sing N N 246 
G   N1    H1     sing N N 247 
G   C2    N2     sing N N 248 
G   C2    N3     doub N N 249 
G   N2    H21    sing N N 250 
G   N2    H22    sing N N 251 
G   N3    C4     sing N N 252 
HOH O     H1     sing N N 253 
HOH O     H2     sing N N 254 
LCC "O5'" "C5'"  sing N N 255 
LCC "O5'" P      sing N N 256 
LCC "C5'" "C4'"  sing N N 257 
LCC "C5'" "H5'1" sing N N 258 
LCC "C5'" "H5'2" sing N N 259 
LCC "C4'" "O4'"  sing N N 260 
LCC "C4'" "C3'"  sing N N 261 
LCC "C4'" "C6'"  sing N N 262 
LCC "O4'" "C1'"  sing N N 263 
LCC "C1'" N1     sing N N 264 
LCC "C1'" "C2'"  sing N N 265 
LCC "C1'" "H1'"  sing N N 266 
LCC N1    C6     sing N N 267 
LCC N1    C2     sing N N 268 
LCC C6    C5     doub N N 269 
LCC C6    H6     sing N N 270 
LCC C5    C5M    sing N N 271 
LCC C5    C4     sing N N 272 
LCC C5M   H5M1   sing N N 273 
LCC C5M   H5M2   sing N N 274 
LCC C5M   H5M3   sing N N 275 
LCC C4    N4     sing N N 276 
LCC C4    N3     doub N N 277 
LCC N4    H41    sing N N 278 
LCC N4    H42    sing N N 279 
LCC N3    C2     sing N N 280 
LCC C2    O2     doub N N 281 
LCC "C3'" "C2'"  sing N N 282 
LCC "C3'" "O3'"  sing N N 283 
LCC "C3'" "H3'"  sing N N 284 
LCC "C2'" "O2'"  sing N N 285 
LCC "C2'" "H2'1" sing N N 286 
LCC "O2'" "C6'"  sing N N 287 
LCC "O3'" H3T    sing N N 288 
LCC "C6'" "H6'1" sing N N 289 
LCC "C6'" "H6'2" sing N N 290 
LCC P     O1P    sing N N 291 
LCC P     O2P    doub N N 292 
LCC P     OXT    sing N N 293 
LCC O1P   H1P    sing N N 294 
LCC OXT   HXT    sing N N 295 
LCG P     OP1    doub N N 296 
LCG P     "O5'"  sing N N 297 
LCG P     OP2    sing N N 298 
LCG P     OP3    sing N N 299 
LCG "O5'" "C5'"  sing N N 300 
LCG "C5'" "C4'"  sing N N 301 
LCG "C5'" "H5'"  sing N N 302 
LCG "C5'" "H5''" sing N N 303 
LCG "C3'" "C2'"  sing N N 304 
LCG "C3'" "C4'"  sing N N 305 
LCG "C3'" "O3'"  sing N N 306 
LCG "C3'" "H3'"  sing N N 307 
LCG "C6'" "C4'"  sing N N 308 
LCG "C6'" "O2'"  sing N N 309 
LCG "C6'" "H6'1" sing N N 310 
LCG "C6'" "H6'2" sing N N 311 
LCG N9    C8     sing Y N 312 
LCG N9    C4     sing Y N 313 
LCG N9    "C1'"  sing N N 314 
LCG C8    N7     doub Y N 315 
LCG C8    H8     sing N N 316 
LCG C4    C5     doub Y N 317 
LCG C4    N3     sing N N 318 
LCG N7    C5     sing Y N 319 
LCG C5    C6     sing N N 320 
LCG C6    O6     doub N N 321 
LCG C6    N1     sing N N 322 
LCG "C2'" "C1'"  sing N N 323 
LCG "C2'" "O2'"  sing N N 324 
LCG "C2'" "H2'"  sing N N 325 
LCG "C4'" "O4'"  sing N N 326 
LCG "C1'" "O4'"  sing N N 327 
LCG "C1'" "H1'"  sing N N 328 
LCG C2    N1     sing N N 329 
LCG C2    N2     sing N N 330 
LCG C2    N3     doub N N 331 
LCG N1    H1     sing N N 332 
LCG OP2   HOP2   sing N N 333 
LCG N2    H21    sing N N 334 
LCG N2    H22    sing N N 335 
LCG "O3'" "HO3'" sing N N 336 
LCG OP3   HOP3   sing N N 337 
U   OP3   P      sing N N 338 
U   OP3   HOP3   sing N N 339 
U   P     OP1    doub N N 340 
U   P     OP2    sing N N 341 
U   P     "O5'"  sing N N 342 
U   OP2   HOP2   sing N N 343 
U   "O5'" "C5'"  sing N N 344 
U   "C5'" "C4'"  sing N N 345 
U   "C5'" "H5'"  sing N N 346 
U   "C5'" "H5''" sing N N 347 
U   "C4'" "O4'"  sing N N 348 
U   "C4'" "C3'"  sing N N 349 
U   "C4'" "H4'"  sing N N 350 
U   "O4'" "C1'"  sing N N 351 
U   "C3'" "O3'"  sing N N 352 
U   "C3'" "C2'"  sing N N 353 
U   "C3'" "H3'"  sing N N 354 
U   "O3'" "HO3'" sing N N 355 
U   "C2'" "O2'"  sing N N 356 
U   "C2'" "C1'"  sing N N 357 
U   "C2'" "H2'"  sing N N 358 
U   "O2'" "HO2'" sing N N 359 
U   "C1'" N1     sing N N 360 
U   "C1'" "H1'"  sing N N 361 
U   N1    C2     sing N N 362 
U   N1    C6     sing N N 363 
U   C2    O2     doub N N 364 
U   C2    N3     sing N N 365 
U   N3    C4     sing N N 366 
U   N3    H3     sing N N 367 
U   C4    O4     doub N N 368 
U   C4    C5     sing N N 369 
U   C5    C6     doub N N 370 
U   C5    H5     sing N N 371 
U   C6    H6     sing N N 372 
# 
_ndb_struct_conf_na.entry_id   6C8M 
_ndb_struct_conf_na.feature    'a-form double helix' 
# 
loop_
_ndb_struct_na_base_pair.model_number 
_ndb_struct_na_base_pair.i_label_asym_id 
_ndb_struct_na_base_pair.i_label_comp_id 
_ndb_struct_na_base_pair.i_label_seq_id 
_ndb_struct_na_base_pair.i_symmetry 
_ndb_struct_na_base_pair.j_label_asym_id 
_ndb_struct_na_base_pair.j_label_comp_id 
_ndb_struct_na_base_pair.j_label_seq_id 
_ndb_struct_na_base_pair.j_symmetry 
_ndb_struct_na_base_pair.shear 
_ndb_struct_na_base_pair.stretch 
_ndb_struct_na_base_pair.stagger 
_ndb_struct_na_base_pair.buckle 
_ndb_struct_na_base_pair.propeller 
_ndb_struct_na_base_pair.opening 
_ndb_struct_na_base_pair.pair_number 
_ndb_struct_na_base_pair.pair_name 
_ndb_struct_na_base_pair.i_auth_asym_id 
_ndb_struct_na_base_pair.i_auth_seq_id 
_ndb_struct_na_base_pair.i_PDB_ins_code 
_ndb_struct_na_base_pair.j_auth_asym_id 
_ndb_struct_na_base_pair.j_auth_seq_id 
_ndb_struct_na_base_pair.j_PDB_ins_code 
_ndb_struct_na_base_pair.hbond_type_28 
_ndb_struct_na_base_pair.hbond_type_12 
1 A LCG 4  1_555 B C   13 1_555 -0.334 -0.543 0.424  3.666  -10.253 -2.510 1  A_LCG4:C13_B A 4  ? B 13 ? 19 1 
1 A A   5  1_555 B U   12 1_555 -0.468 -0.019 0.546  7.892  -10.071 0.085  2  A_A5:U12_B   A 5  ? B 12 ? 20 1 
1 A C   6  1_555 B G   11 1_555 -0.168 0.126  0.157  14.336 -12.792 -1.239 3  A_C6:G11_B   A 6  ? B 11 ? 19 1 
1 A U   7  1_555 B A   10 1_555 0.045  -0.394 -0.989 -0.562 -22.417 2.224  4  A_U7:A10_B   A 7  ? B 10 ? 20 1 
1 A U   8  1_555 B A   9  1_555 -0.127 -0.042 -0.084 -3.973 -8.355  5.822  5  A_U8:A9_B    A 8  ? B 9  ? 20 1 
1 A A   9  1_555 B U   8  1_555 -0.158 -0.055 -0.260 1.693  -11.206 1.629  6  A_A9:U8_B    A 9  ? B 8  ? 20 1 
1 A A   10 1_555 B U   7  1_555 -0.146 -0.225 -0.301 4.139  -14.332 0.247  7  A_A10:U7_B   A 10 ? B 7  ? 20 1 
1 A G   11 1_555 B C   6  1_555 0.489  0.510  -0.010 -8.900 -11.653 15.690 8  A_G11:C6_B   A 11 ? B 6  ? ?  1 
1 A U   12 1_555 B A   5  1_555 0.033  -0.112 0.308  -7.301 -5.132  -4.956 9  A_U12:A5_B   A 12 ? B 5  ? 20 1 
1 A C   13 1_555 B LCG 4  1_555 0.454  -0.627 0.729  -8.261 -9.722  -4.581 10 A_C13:LCG4_B A 13 ? B 4  ? 19 1 
# 
loop_
_ndb_struct_na_base_pair_step.model_number 
_ndb_struct_na_base_pair_step.i_label_asym_id_1 
_ndb_struct_na_base_pair_step.i_label_comp_id_1 
_ndb_struct_na_base_pair_step.i_label_seq_id_1 
_ndb_struct_na_base_pair_step.i_symmetry_1 
_ndb_struct_na_base_pair_step.j_label_asym_id_1 
_ndb_struct_na_base_pair_step.j_label_comp_id_1 
_ndb_struct_na_base_pair_step.j_label_seq_id_1 
_ndb_struct_na_base_pair_step.j_symmetry_1 
_ndb_struct_na_base_pair_step.i_label_asym_id_2 
_ndb_struct_na_base_pair_step.i_label_comp_id_2 
_ndb_struct_na_base_pair_step.i_label_seq_id_2 
_ndb_struct_na_base_pair_step.i_symmetry_2 
_ndb_struct_na_base_pair_step.j_label_asym_id_2 
_ndb_struct_na_base_pair_step.j_label_comp_id_2 
_ndb_struct_na_base_pair_step.j_label_seq_id_2 
_ndb_struct_na_base_pair_step.j_symmetry_2 
_ndb_struct_na_base_pair_step.shift 
_ndb_struct_na_base_pair_step.slide 
_ndb_struct_na_base_pair_step.rise 
_ndb_struct_na_base_pair_step.tilt 
_ndb_struct_na_base_pair_step.roll 
_ndb_struct_na_base_pair_step.twist 
_ndb_struct_na_base_pair_step.x_displacement 
_ndb_struct_na_base_pair_step.y_displacement 
_ndb_struct_na_base_pair_step.helical_rise 
_ndb_struct_na_base_pair_step.inclination 
_ndb_struct_na_base_pair_step.tip 
_ndb_struct_na_base_pair_step.helical_twist 
_ndb_struct_na_base_pair_step.step_number 
_ndb_struct_na_base_pair_step.step_name 
_ndb_struct_na_base_pair_step.i_auth_asym_id_1 
_ndb_struct_na_base_pair_step.i_auth_seq_id_1 
_ndb_struct_na_base_pair_step.i_PDB_ins_code_1 
_ndb_struct_na_base_pair_step.j_auth_asym_id_1 
_ndb_struct_na_base_pair_step.j_auth_seq_id_1 
_ndb_struct_na_base_pair_step.j_PDB_ins_code_1 
_ndb_struct_na_base_pair_step.i_auth_asym_id_2 
_ndb_struct_na_base_pair_step.i_auth_seq_id_2 
_ndb_struct_na_base_pair_step.i_PDB_ins_code_2 
_ndb_struct_na_base_pair_step.j_auth_asym_id_2 
_ndb_struct_na_base_pair_step.j_auth_seq_id_2 
_ndb_struct_na_base_pair_step.j_PDB_ins_code_2 
1 A LCG 4  1_555 B C 13 1_555 A A 5  1_555 B U   12 1_555 -0.259 -1.475 3.094 -0.192 2.068  31.984 -3.018 0.437  2.996 3.748  
0.347   32.050 1 AA_LCG4A5:U12C13_BB A 4  ? B 13 ? A 5  ? B 12 ? 
1 A A   5  1_555 B U 12 1_555 A C 6  1_555 B G   11 1_555 0.470  -1.491 3.159 4.287  2.779  35.237 -2.825 -0.171 3.071 4.560  
-7.036  35.594 2 AA_A5C6:G11U12_BB   A 5  ? B 12 ? A 6  ? B 11 ? 
1 A C   6  1_555 B G 11 1_555 A U 7  1_555 B A   10 1_555 -0.568 -1.635 3.497 6.516  13.969 29.506 -5.079 2.029  2.335 25.363 
-11.831 33.210 3 AA_C6U7:A10G11_BB   A 6  ? B 11 ? A 7  ? B 10 ? 
1 A U   7  1_555 B A 10 1_555 A U 8  1_555 B A   9  1_555 0.267  -0.982 3.477 -9.098 11.633 27.521 -4.038 -2.226 2.643 22.515 
17.609  31.165 4 AA_U7U8:A9A10_BB    A 7  ? B 10 ? A 8  ? B 9  ? 
1 A U   8  1_555 B A 9  1_555 A A 9  1_555 B U   8  1_555 -0.209 -1.272 3.168 1.114  16.702 31.836 -4.172 0.480  2.238 28.148 
-1.877  35.867 5 AA_U8A9:U8A9_BB     A 8  ? B 9  ? A 9  ? B 8  ? 
1 A A   9  1_555 B U 8  1_555 A A 10 1_555 B U   7  1_555 -0.052 -1.147 3.169 1.785  8.478  30.621 -3.527 0.396  2.754 15.665 
-3.299  31.795 6 AA_A9A10:U7U8_BB    A 9  ? B 8  ? A 10 ? B 7  ? 
1 A A   10 1_555 B U 7  1_555 A G 11 1_555 B C   6  1_555 0.998  -1.506 3.498 1.477  11.827 35.148 -3.965 -1.371 2.897 18.924 
-2.364  37.054 7 AA_A10G11:C6U7_BB   A 10 ? B 7  ? A 11 ? B 6  ? 
1 A G   11 1_555 B C 6  1_555 A U 12 1_555 B A   5  1_555 -1.138 -1.578 3.225 -4.677 4.475  28.993 -4.000 1.260  3.094 8.801  
9.198   29.692 8 AA_G11U12:A5C6_BB   A 11 ? B 6  ? A 12 ? B 5  ? 
1 A U   12 1_555 B A 5  1_555 A C 13 1_555 B LCG 4  1_555 0.501  -1.498 3.256 -3.039 4.730  33.792 -3.257 -1.310 2.971 8.068  
5.183   34.243 9 AA_U12C13:LCG4A5_BB A 12 ? B 5  ? A 13 ? B 4  ? 
# 
_pdbx_audit_support.funding_organization   'Howard Hughes Medical Institute (HHMI)' 
_pdbx_audit_support.country                'United States' 
_pdbx_audit_support.grant_number           ? 
_pdbx_audit_support.ordinal                1 
# 
_pdbx_initial_refinement_model.id               1 
_pdbx_initial_refinement_model.entity_id_list   ? 
_pdbx_initial_refinement_model.type             'experimental model' 
_pdbx_initial_refinement_model.source_name      PDB 
_pdbx_initial_refinement_model.accession_code   5DHC 
_pdbx_initial_refinement_model.details          ? 
# 
_atom_sites.entry_id                    6C8M 
_atom_sites.fract_transf_matrix[1][1]   -0.02359859 
_atom_sites.fract_transf_matrix[1][2]   -0.00205488 
_atom_sites.fract_transf_matrix[1][3]   0.00454269 
_atom_sites.fract_transf_matrix[2][1]   -0.00886858 
_atom_sites.fract_transf_matrix[2][2]   0.00722947 
_atom_sites.fract_transf_matrix[2][3]   0.02123340 
_atom_sites.fract_transf_matrix[3][1]   -0.00183465 
_atom_sites.fract_transf_matrix[3][2]   0.01105474 
_atom_sites.fract_transf_matrix[3][3]   -0.00453016 
_atom_sites.fract_transf_vector[1]      1.205103 
_atom_sites.fract_transf_vector[2]      0.407514 
_atom_sites.fract_transf_vector[3]      0.732643 
# 
loop_
_atom_type.symbol 
C 
N 
O 
P 
# 
loop_
_atom_site.group_PDB 
_atom_site.id 
_atom_site.type_symbol 
_atom_site.label_atom_id 
_atom_site.label_alt_id 
_atom_site.label_comp_id 
_atom_site.label_asym_id 
_atom_site.label_entity_id 
_atom_site.label_seq_id 
_atom_site.pdbx_PDB_ins_code 
_atom_site.Cartn_x 
_atom_site.Cartn_y 
_atom_site.Cartn_z 
_atom_site.occupancy 
_atom_site.B_iso_or_equiv 
_atom_site.pdbx_formal_charge 
_atom_site.auth_seq_id 
_atom_site.auth_comp_id 
_atom_site.auth_asym_id 
_atom_site.auth_atom_id 
_atom_site.pdbx_PDB_model_num 
HETATM 1   O "O5'" . LCC A 1 1  ? 10.480  19.169  -8.429  1.00 70.82  ? 1   LCC A "O5'" 1 
HETATM 2   C "C5'" . LCC A 1 1  ? 11.281  19.552  -7.253  1.00 74.68  ? 1   LCC A "C5'" 1 
HETATM 3   C "C4'" . LCC A 1 1  ? 10.330  20.057  -6.112  1.00 71.98  ? 1   LCC A "C4'" 1 
HETATM 4   O "O4'" . LCC A 1 1  ? 9.395   21.196  -6.356  1.00 69.90  ? 1   LCC A "O4'" 1 
HETATM 5   C "C1'" . LCC A 1 1  ? 8.274   21.025  -5.481  1.00 60.49  ? 1   LCC A "C1'" 1 
HETATM 6   N N1    . LCC A 1 1  ? 7.049   20.695  -6.244  1.00 54.31  ? 1   LCC A N1    1 
HETATM 7   C C6    . LCC A 1 1  ? 7.104   20.155  -7.562  1.00 54.37  ? 1   LCC A C6    1 
HETATM 8   C C5    . LCC A 1 1  ? 5.927   19.866  -8.247  1.00 55.64  ? 1   LCC A C5    1 
HETATM 9   C C5M   . LCC A 1 1  ? 6.007   19.327  -9.556  1.00 57.73  ? 1   LCC A C5M   1 
HETATM 10  C C4    . LCC A 1 1  ? 4.721   20.131  -7.566  1.00 43.62  ? 1   LCC A C4    1 
HETATM 11  N N4    . LCC A 1 1  ? 3.568   19.890  -8.147  1.00 41.16  ? 1   LCC A N4    1 
HETATM 12  N N3    . LCC A 1 1  ? 4.695   20.635  -6.337  1.00 45.83  ? 1   LCC A N3    1 
HETATM 13  C C2    . LCC A 1 1  ? 5.840   20.916  -5.681  1.00 53.94  ? 1   LCC A C2    1 
HETATM 14  O O2    . LCC A 1 1  ? 5.745   21.379  -4.538  1.00 54.30  ? 1   LCC A O2    1 
HETATM 15  C "C3'" . LCC A 1 1  ? 9.385   19.010  -5.685  1.00 73.31  ? 1   LCC A "C3'" 1 
HETATM 16  C "C2'" . LCC A 1 1  ? 8.735   19.885  -4.635  1.00 65.28  ? 1   LCC A "C2'" 1 
HETATM 17  O "O2'" . LCC A 1 1  ? 9.926   20.272  -3.818  1.00 63.22  ? 1   LCC A "O2'" 1 
HETATM 18  O "O3'" . LCC A 1 1  ? 9.713   18.014  -4.795  1.00 83.47  ? 1   LCC A "O3'" 1 
HETATM 19  C "C6'" . LCC A 1 1  ? 11.101  20.378  -4.780  1.00 63.21  ? 1   LCC A "C6'" 1 
HETATM 20  O "O5'" . LCC A 1 2  ? 7.967   17.131  -2.352  1.00 56.56  ? 2   LCC A "O5'" 1 
HETATM 21  C "C5'" . LCC A 1 2  ? 8.251   17.983  -1.240  1.00 50.23  ? 2   LCC A "C5'" 1 
HETATM 22  C "C4'" . LCC A 1 2  ? 6.863   18.460  -0.883  1.00 50.34  ? 2   LCC A "C4'" 1 
HETATM 23  O "O4'" . LCC A 1 2  ? 6.280   19.147  -1.948  1.00 44.59  ? 2   LCC A "O4'" 1 
HETATM 24  C "C1'" . LCC A 1 2  ? 4.899   19.224  -1.541  1.00 47.13  ? 2   LCC A "C1'" 1 
HETATM 25  N N1    . LCC A 1 2  ? 4.049   18.726  -2.625  1.00 46.21  ? 2   LCC A N1    1 
HETATM 26  C C6    . LCC A 1 2  ? 4.624   18.049  -3.698  1.00 44.30  ? 2   LCC A C6    1 
HETATM 27  C C5    . LCC A 1 2  ? 3.774   17.606  -4.682  1.00 45.04  ? 2   LCC A C5    1 
HETATM 28  C C5M   . LCC A 1 2  ? 4.269   16.937  -5.802  1.00 49.00  ? 2   LCC A C5M   1 
HETATM 29  C C4    . LCC A 1 2  ? 2.420   17.857  -4.554  1.00 45.40  ? 2   LCC A C4    1 
HETATM 30  N N4    . LCC A 1 2  ? 1.635   17.424  -5.534  1.00 48.38  ? 2   LCC A N4    1 
HETATM 31  N N3    . LCC A 1 2  ? 1.896   18.485  -3.510  1.00 43.26  ? 2   LCC A N3    1 
HETATM 32  C C2    . LCC A 1 2  ? 2.704   18.922  -2.549  1.00 47.10  ? 2   LCC A C2    1 
HETATM 33  O O2    . LCC A 1 2  ? 2.185   19.504  -1.590  1.00 47.37  ? 2   LCC A O2    1 
HETATM 34  C "C3'" . LCC A 1 2  ? 5.850   17.433  -0.632  1.00 51.65  ? 2   LCC A "C3'" 1 
HETATM 35  C "C2'" . LCC A 1 2  ? 4.800   18.362  -0.299  1.00 51.34  ? 2   LCC A "C2'" 1 
HETATM 36  O "O2'" . LCC A 1 2  ? 5.392   19.013  0.861   1.00 53.56  ? 2   LCC A "O2'" 1 
HETATM 37  O "O3'" . LCC A 1 2  ? 6.157   16.593  0.481   1.00 56.13  ? 2   LCC A "O3'" 1 
HETATM 38  C "C6'" . LCC A 1 2  ? 6.835   19.231  0.460   1.00 52.02  ? 2   LCC A "C6'" 1 
HETATM 39  P P     . LCC A 1 2  ? 9.060   17.101  -3.546  1.00 60.44  ? 2   LCC A P     1 
HETATM 40  O O1P   . LCC A 1 2  ? 8.440   15.952  -4.252  1.00 49.67  ? 2   LCC A O1P   1 
HETATM 41  O O2P   . LCC A 1 2  ? 10.291  16.505  -2.992  1.00 54.96  ? 2   LCC A O2P   1 
HETATM 42  O "O5'" . LCC A 1 3  ? 4.552   15.199  0.750   1.00 55.24  ? 3   LCC A "O5'" 1 
HETATM 43  C "C5'" . LCC A 1 3  ? 4.312   15.475  2.164   1.00 49.88  ? 3   LCC A "C5'" 1 
HETATM 44  C "C4'" . LCC A 1 3  ? 2.800   15.850  2.255   1.00 52.41  ? 3   LCC A "C4'" 1 
HETATM 45  O "O4'" . LCC A 1 3  ? 2.210   16.662  1.215   1.00 44.49  ? 3   LCC A "O4'" 1 
HETATM 46  C "C1'" . LCC A 1 3  ? 0.856   16.359  1.277   1.00 43.81  ? 3   LCC A "C1'" 1 
HETATM 47  N N1    . LCC A 1 3  ? 0.597   15.905  -0.075  1.00 42.79  ? 3   LCC A N1    1 
HETATM 48  C C6    . LCC A 1 3  ? 1.646   15.556  -0.937  1.00 44.84  ? 3   LCC A C6    1 
HETATM 49  C C5    . LCC A 1 3  ? 1.339   15.209  -2.235  1.00 49.11  ? 3   LCC A C5    1 
HETATM 50  C C5M   . LCC A 1 3  ? 2.426   14.856  -3.033  1.00 50.73  ? 3   LCC A C5M   1 
HETATM 51  C C4    . LCC A 1 3  ? -0.026  15.243  -2.657  1.00 50.52  ? 3   LCC A C4    1 
HETATM 52  N N4    . LCC A 1 3  ? -0.284  14.886  -3.924  1.00 44.48  ? 3   LCC A N4    1 
HETATM 53  N N3    . LCC A 1 3  ? -1.033  15.599  -1.792  1.00 47.11  ? 3   LCC A N3    1 
HETATM 54  C C2    . LCC A 1 3  ? -0.687  15.925  -0.503  1.00 46.49  ? 3   LCC A C2    1 
HETATM 55  O O2    . LCC A 1 3  ? -1.554  16.247  0.318   1.00 43.86  ? 3   LCC A O2    1 
HETATM 56  C "C3'" . LCC A 1 3  ? 1.967   14.678  2.234   1.00 51.62  ? 3   LCC A "C3'" 1 
HETATM 57  C "C2'" . LCC A 1 3  ? 0.711   15.387  2.340   1.00 47.43  ? 3   LCC A "C2'" 1 
HETATM 58  O "O2'" . LCC A 1 3  ? 0.970   16.074  3.581   1.00 49.53  ? 3   LCC A "O2'" 1 
HETATM 59  O "O3'" . LCC A 1 3  ? 2.159   13.826  3.372   1.00 52.13  ? 3   LCC A "O3'" 1 
HETATM 60  C "C6'" . LCC A 1 3  ? 2.393   16.473  3.609   1.00 49.58  ? 3   LCC A "C6'" 1 
HETATM 61  P P     . LCC A 1 3  ? 6.107   14.972  0.120   1.00 53.68  ? 3   LCC A P     1 
HETATM 62  O O1P   . LCC A 1 3  ? 5.964   14.550  -1.294  1.00 51.99  ? 3   LCC A O1P   1 
HETATM 63  O O2P   . LCC A 1 3  ? 7.105   14.134  0.822   1.00 50.67  ? 3   LCC A O2P   1 
HETATM 64  P P     . LCG A 1 4  ? 1.751   12.232  2.939   1.00 44.25  ? 4   LCG A P     1 
HETATM 65  O OP1   . LCG A 1 4  ? 2.395   11.458  4.039   1.00 36.58  ? 4   LCG A OP1   1 
HETATM 66  O "O5'" . LCG A 1 4  ? 0.122   11.805  3.110   1.00 42.17  ? 4   LCG A "O5'" 1 
HETATM 67  C "C5'" . LCG A 1 4  ? -0.640  12.352  4.176   1.00 46.86  ? 4   LCG A "C5'" 1 
HETATM 68  C "C3'" . LCG A 1 4  ? -2.454  10.957  3.042   1.00 57.25  ? 4   LCG A "C3'" 1 
HETATM 69  C "C6'" . LCG A 1 4  ? -3.343  12.414  4.675   1.00 65.41  ? 4   LCG A "C6'" 1 
HETATM 70  N N9    . LCG A 1 4  ? -2.810  12.573  0.435   1.00 49.26  ? 4   LCG A N9    1 
HETATM 71  C C8    . LCG A 1 4  ? -1.554  12.623  -0.070  1.00 46.24  ? 4   LCG A C8    1 
HETATM 72  C C4    . LCG A 1 4  ? -3.633  12.392  -0.570  1.00 46.95  ? 4   LCG A C4    1 
HETATM 73  N N7    . LCG A 1 4  ? -1.596  12.453  -1.388  1.00 41.73  ? 4   LCG A N7    1 
HETATM 74  C C5    . LCG A 1 4  ? -2.884  12.327  -1.691  1.00 44.77  ? 4   LCG A C5    1 
HETATM 75  C C6    . LCG A 1 4  ? -3.486  12.149  -2.851  1.00 47.36  ? 4   LCG A C6    1 
HETATM 76  C "C2'" . LCG A 1 4  ? -3.841  11.398  2.612   1.00 56.95  ? 4   LCG A "C2'" 1 
HETATM 77  O O6    . LCG A 1 4  ? -2.847  12.087  -3.902  1.00 46.92  ? 4   LCG A O6    1 
HETATM 78  C "C4'" . LCG A 1 4  ? -2.092  12.284  3.624   1.00 54.30  ? 4   LCG A "C4'" 1 
HETATM 79  C "C1'" . LCG A 1 4  ? -3.401  12.714  1.853   1.00 53.08  ? 4   LCG A "C1'" 1 
HETATM 80  C C2    . LCG A 1 4  ? -5.660  12.121  -1.689  1.00 51.38  ? 4   LCG A C2    1 
HETATM 81  N N1    . LCG A 1 4  ? -4.888  12.058  -2.881  1.00 50.48  ? 4   LCG A N1    1 
HETATM 82  O "O4'" . LCG A 1 4  ? -2.256  13.227  2.569   1.00 51.63  ? 4   LCG A "O4'" 1 
HETATM 83  O OP2   . LCG A 1 4  ? 2.138   11.661  1.621   1.00 39.09  ? 4   LCG A OP2   1 
HETATM 84  N N2    . LCG A 1 4  ? -7.004  12.014  -1.706  1.00 47.66  ? 4   LCG A N2    1 
HETATM 85  N N3    . LCG A 1 4  ? -4.989  12.292  -0.533  1.00 49.57  ? 4   LCG A N3    1 
HETATM 86  O "O2'" . LCG A 1 4  ? -4.463  11.603  3.925   1.00 54.63  ? 4   LCG A "O2'" 1 
HETATM 87  O "O3'" . LCG A 1 4  ? -2.455  10.044  4.176   1.00 52.67  ? 4   LCG A "O3'" 1 
ATOM   88  P P     . A   A 1 5  ? -2.488  8.407   3.952   1.00 55.70  ? 5   A   A P     1 
ATOM   89  O OP1   . A   A 1 5  ? -2.426  7.961   5.379   1.00 51.63  ? 5   A   A OP1   1 
ATOM   90  O OP2   . A   A 1 5  ? -1.430  8.076   2.955   1.00 47.88  ? 5   A   A OP2   1 
ATOM   91  O "O5'" . A   A 1 5  ? -3.853  7.968   3.284   1.00 44.98  ? 5   A   A "O5'" 1 
ATOM   92  C "C5'" . A   A 1 5  ? -5.034  7.923   4.058   1.00 50.90  ? 5   A   A "C5'" 1 
ATOM   93  C "C4'" . A   A 1 5  ? -6.188  7.768   3.106   1.00 57.56  ? 5   A   A "C4'" 1 
ATOM   94  O "O4'" . A   A 1 5  ? -6.221  8.911   2.203   1.00 65.42  ? 5   A   A "O4'" 1 
ATOM   95  C "C3'" . A   A 1 5  ? -6.110  6.596   2.133   1.00 52.46  ? 5   A   A "C3'" 1 
ATOM   96  O "O3'" . A   A 1 5  ? -6.485  5.344   2.651   1.00 51.48  ? 5   A   A "O3'" 1 
ATOM   97  C "C2'" . A   A 1 5  ? -7.119  7.043   1.106   1.00 58.45  ? 5   A   A "C2'" 1 
ATOM   98  O "O2'" . A   A 1 5  ? -8.414  7.029   1.645   1.00 53.63  ? 5   A   A "O2'" 1 
ATOM   99  C "C1'" . A   A 1 5  ? -6.682  8.492   0.926   1.00 63.88  ? 5   A   A "C1'" 1 
ATOM   100 N N9    . A   A 1 5  ? -5.594  8.624   -0.049  1.00 62.39  ? 5   A   A N9    1 
ATOM   101 C C8    . A   A 1 5  ? -4.242  8.751   0.166   1.00 66.84  ? 5   A   A C8    1 
ATOM   102 N N7    . A   A 1 5  ? -3.537  8.820   -0.936  1.00 66.48  ? 5   A   A N7    1 
ATOM   103 C C5    . A   A 1 5  ? -4.483  8.697   -1.944  1.00 62.89  ? 5   A   A C5    1 
ATOM   104 C C6    . A   A 1 5  ? -4.376  8.699   -3.344  1.00 69.06  ? 5   A   A C6    1 
ATOM   105 N N6    . A   A 1 5  ? -3.217  8.821   -3.993  1.00 74.58  ? 5   A   A N6    1 
ATOM   106 N N1    . A   A 1 5  ? -5.515  8.590   -4.063  1.00 68.33  ? 5   A   A N1    1 
ATOM   107 C C2    . A   A 1 5  ? -6.679  8.467   -3.405  1.00 60.72  ? 5   A   A C2    1 
ATOM   108 N N3    . A   A 1 5  ? -6.906  8.448   -2.095  1.00 54.03  ? 5   A   A N3    1 
ATOM   109 C C4    . A   A 1 5  ? -5.754  8.576   -1.413  1.00 55.74  ? 5   A   A C4    1 
ATOM   110 P P     . C   A 1 6  ? -5.606  4.077   2.318   1.00 51.04  ? 6   C   A P     1 
ATOM   111 O OP1   . C   A 1 6  ? -5.460  3.268   3.555   1.00 49.17  ? 6   C   A OP1   1 
ATOM   112 O OP2   . C   A 1 6  ? -4.385  4.531   1.654   1.00 55.58  ? 6   C   A OP2   1 
ATOM   113 O "O5'" . C   A 1 6  ? -6.469  3.382   1.176   1.00 49.89  ? 6   C   A "O5'" 1 
ATOM   114 C "C5'" . C   A 1 6  ? -7.903  3.405   1.169   1.00 49.24  ? 6   C   A "C5'" 1 
ATOM   115 C "C4'" . C   A 1 6  ? -8.402  3.339   -0.255  1.00 51.26  ? 6   C   A "C4'" 1 
ATOM   116 O "O4'" . C   A 1 6  ? -8.100  4.585   -0.935  1.00 54.60  ? 6   C   A "O4'" 1 
ATOM   117 C "C3'" . C   A 1 6  ? -7.784  2.271   -1.142  1.00 52.83  ? 6   C   A "C3'" 1 
ATOM   118 O "O3'" . C   A 1 6  ? -8.521  1.072   -1.072  1.00 51.98  ? 6   C   A "O3'" 1 
ATOM   119 C "C2'" . C   A 1 6  ? -8.012  2.837   -2.529  1.00 55.33  ? 6   C   A "C2'" 1 
ATOM   120 O "O2'" . C   A 1 6  ? -9.312  2.563   -2.985  1.00 59.16  ? 6   C   A "O2'" 1 
ATOM   121 C "C1'" . C   A 1 6  ? -7.780  4.319   -2.287  1.00 55.03  ? 6   C   A "C1'" 1 
ATOM   122 N N1    . C   A 1 6  ? -6.381  4.669   -2.527  1.00 55.18  ? 6   C   A N1    1 
ATOM   123 C C2    . C   A 1 6  ? -5.991  4.948   -3.834  1.00 53.27  ? 6   C   A C2    1 
ATOM   124 O O2    . C   A 1 6  ? -6.844  4.908   -4.729  1.00 59.76  ? 6   C   A O2    1 
ATOM   125 N N3    . C   A 1 6  ? -4.703  5.278   -4.086  1.00 55.80  ? 6   C   A N3    1 
ATOM   126 C C4    . C   A 1 6  ? -3.817  5.317   -3.087  1.00 58.22  ? 6   C   A C4    1 
ATOM   127 N N4    . C   A 1 6  ? -2.551  5.630   -3.379  1.00 53.49  ? 6   C   A N4    1 
ATOM   128 C C5    . C   A 1 6  ? -4.184  5.007   -1.744  1.00 58.83  ? 6   C   A C5    1 
ATOM   129 C C6    . C   A 1 6  ? -5.460  4.672   -1.516  1.00 58.29  ? 6   C   A C6    1 
ATOM   130 P P     . U   A 1 7  ? -7.952  -0.271  -1.715  1.00 53.57  ? 7   U   A P     1 
ATOM   131 O OP1   . U   A 1 7  ? -9.039  -1.286  -1.560  1.00 59.72  ? 7   U   A OP1   1 
ATOM   132 O OP2   . U   A 1 7  ? -6.580  -0.528  -1.183  1.00 48.38  ? 7   U   A OP2   1 
ATOM   133 O "O5'" . U   A 1 7  ? -7.788  0.062   -3.264  1.00 57.50  ? 7   U   A "O5'" 1 
ATOM   134 C "C5'" . U   A 1 7  ? -8.813  -0.365  -4.181  1.00 67.98  ? 7   U   A "C5'" 1 
ATOM   135 C "C4'" . U   A 1 7  ? -8.349  -0.197  -5.592  1.00 70.34  ? 7   U   A "C4'" 1 
ATOM   136 O "O4'" . U   A 1 7  ? -7.788  1.121   -5.767  1.00 64.14  ? 7   U   A "O4'" 1 
ATOM   137 C "C3'" . U   A 1 7  ? -7.216  -1.123  -5.992  1.00 82.37  ? 7   U   A "C3'" 1 
ATOM   138 O "O3'" . U   A 1 7  ? -7.793  -2.397  -6.247  1.00 74.10  ? 7   U   A "O3'" 1 
ATOM   139 C "C2'" . U   A 1 7  ? -6.632  -0.391  -7.198  1.00 81.10  ? 7   U   A "C2'" 1 
ATOM   140 O "O2'" . U   A 1 7  ? -7.210  -0.708  -8.447  1.00 103.88 ? 7   U   A "O2'" 1 
ATOM   141 C "C1'" . U   A 1 7  ? -6.795  1.070   -6.779  1.00 70.67  ? 7   U   A "C1'" 1 
ATOM   142 N N1    . U   A 1 7  ? -5.540  1.594   -6.232  1.00 69.86  ? 7   U   A N1    1 
ATOM   143 C C2    . U   A 1 7  ? -4.595  2.066   -7.125  1.00 80.74  ? 7   U   A C2    1 
ATOM   144 O O2    . U   A 1 7  ? -4.775  2.081   -8.329  1.00 98.48  ? 7   U   A O2    1 
ATOM   145 N N3    . U   A 1 7  ? -3.433  2.521   -6.551  1.00 73.69  ? 7   U   A N3    1 
ATOM   146 C C4    . U   A 1 7  ? -3.116  2.529   -5.210  1.00 64.72  ? 7   U   A C4    1 
ATOM   147 O O4    . U   A 1 7  ? -2.028  2.959   -4.848  1.00 50.23  ? 7   U   A O4    1 
ATOM   148 C C5    . U   A 1 7  ? -4.141  2.021   -4.352  1.00 72.37  ? 7   U   A C5    1 
ATOM   149 C C6    . U   A 1 7  ? -5.283  1.568   -4.881  1.00 76.45  ? 7   U   A C6    1 
ATOM   150 P P     . U   A 1 8  ? -7.098  -3.762  -5.763  1.00 75.99  ? 8   U   A P     1 
ATOM   151 O OP1   . U   A 1 8  ? -8.172  -4.570  -5.130  1.00 73.14  ? 8   U   A OP1   1 
ATOM   152 O OP2   . U   A 1 8  ? -5.863  -3.451  -4.959  1.00 58.22  ? 8   U   A OP2   1 
ATOM   153 O "O5'" . U   A 1 8  ? -6.569  -4.417  -7.116  1.00 77.90  ? 8   U   A "O5'" 1 
ATOM   154 C "C5'" . U   A 1 8  ? -6.836  -3.864  -8.424  1.00 77.65  ? 8   U   A "C5'" 1 
ATOM   155 C "C4'" . U   A 1 8  ? -5.555  -3.601  -9.168  1.00 68.50  ? 8   U   A "C4'" 1 
ATOM   156 O "O4'" . U   A 1 8  ? -5.088  -2.258  -8.911  1.00 67.03  ? 8   U   A "O4'" 1 
ATOM   157 C "C3'" . U   A 1 8  ? -4.347  -4.423  -8.757  1.00 73.05  ? 8   U   A "C3'" 1 
ATOM   158 O "O3'" . U   A 1 8  ? -4.303  -5.747  -9.241  1.00 81.61  ? 8   U   A "O3'" 1 
ATOM   159 C "C2'" . U   A 1 8  ? -3.221  -3.647  -9.412  1.00 76.21  ? 8   U   A "C2'" 1 
ATOM   160 O "O2'" . U   A 1 8  ? -3.012  -3.960  -10.775 1.00 75.17  ? 8   U   A "O2'" 1 
ATOM   161 C "C1'" . U   A 1 8  ? -3.689  -2.210  -9.175  1.00 74.76  ? 8   U   A "C1'" 1 
ATOM   162 N N1    . U   A 1 8  ? -2.995  -1.591  -8.036  1.00 73.31  ? 8   U   A N1    1 
ATOM   163 C C2    . U   A 1 8  ? -1.703  -1.146  -8.246  1.00 69.73  ? 8   U   A C2    1 
ATOM   164 O O2    . U   A 1 8  ? -1.148  -1.215  -9.327  1.00 74.00  ? 8   U   A O2    1 
ATOM   165 N N3    . U   A 1 8  ? -1.101  -0.582  -7.150  1.00 65.79  ? 8   U   A N3    1 
ATOM   166 C C4    . U   A 1 8  ? -1.635  -0.439  -5.889  1.00 70.06  ? 8   U   A C4    1 
ATOM   167 O O4    . U   A 1 8  ? -0.971  0.104   -5.007  1.00 70.93  ? 8   U   A O4    1 
ATOM   168 C C5    . U   A 1 8  ? -2.960  -0.957  -5.742  1.00 76.53  ? 8   U   A C5    1 
ATOM   169 C C6    . U   A 1 8  ? -3.573  -1.517  -6.790  1.00 77.64  ? 8   U   A C6    1 
ATOM   170 P P     . A   A 1 9  ? -3.866  -6.957  -8.289  1.00 86.52  ? 9   A   A P     1 
ATOM   171 O OP1   . A   A 1 9  ? -4.651  -8.161  -8.672  1.00 72.98  ? 9   A   A OP1   1 
ATOM   172 O OP2   . A   A 1 9  ? -3.839  -6.465  -6.885  1.00 108.49 ? 9   A   A OP2   1 
ATOM   173 O "O5'" . A   A 1 9  ? -2.315  -7.129  -8.630  1.00 70.75  ? 9   A   A "O5'" 1 
ATOM   174 C "C5'" . A   A 1 9  ? -1.867  -7.168  -9.993  1.00 66.49  ? 9   A   A "C5'" 1 
ATOM   175 C "C4'" . A   A 1 9  ? -0.375  -6.972  -10.089 1.00 72.81  ? 9   A   A "C4'" 1 
ATOM   176 O "O4'" . A   A 1 9  ? -0.076  -5.555  -10.056 1.00 76.11  ? 9   A   A "O4'" 1 
ATOM   177 C "C3'" . A   A 1 9  ? 0.500   -7.564  -8.983  1.00 80.44  ? 9   A   A "C3'" 1 
ATOM   178 O "O3'" . A   A 1 9  ? 0.691   -8.974  -9.120  1.00 79.95  ? 9   A   A "O3'" 1 
ATOM   179 C "C2'" . A   A 1 9  ? 1.776   -6.730  -9.125  1.00 83.96  ? 9   A   A "C2'" 1 
ATOM   180 O "O2'" . A   A 1 9  ? 2.794   -7.165  -10.010 1.00 76.10  ? 9   A   A "O2'" 1 
ATOM   181 C "C1'" . A   A 1 9  ? 1.199   -5.351  -9.460  1.00 84.48  ? 9   A   A "C1'" 1 
ATOM   182 N N9    . A   A 1 9  ? 1.036   -4.551  -8.243  1.00 99.49  ? 9   A   A N9    1 
ATOM   183 C C8    . A   A 1 9  ? -0.021  -4.529  -7.361  1.00 106.90 ? 9   A   A C8    1 
ATOM   184 N N7    . A   A 1 9  ? 0.169   -3.746  -6.327  1.00 96.11  ? 9   A   A N7    1 
ATOM   185 C C5    . A   A 1 9  ? 1.446   -3.237  -6.526  1.00 96.91  ? 9   A   A C5    1 
ATOM   186 C C6    . A   A 1 9  ? 2.239   -2.354  -5.776  1.00 97.48  ? 9   A   A C6    1 
ATOM   187 N N6    . A   A 1 9  ? 1.839   -1.794  -4.633  1.00 92.34  ? 9   A   A N6    1 
ATOM   188 N N1    . A   A 1 9  ? 3.467   -2.046  -6.254  1.00 99.09  ? 9   A   A N1    1 
ATOM   189 C C2    . A   A 1 9  ? 3.863   -2.601  -7.408  1.00 98.27  ? 9   A   A C2    1 
ATOM   190 N N3    . A   A 1 9  ? 3.216   -3.463  -8.192  1.00 99.25  ? 9   A   A N3    1 
ATOM   191 C C4    . A   A 1 9  ? 1.996   -3.737  -7.694  1.00 98.44  ? 9   A   A C4    1 
ATOM   192 P P     . A   A 1 10 ? 1.838   -9.735  -8.276  1.00 85.46  ? 10  A   A P     1 
ATOM   193 O OP1   . A   A 1 10 ? 1.712   -11.185 -8.555  1.00 88.70  ? 10  A   A OP1   1 
ATOM   194 O OP2   . A   A 1 10 ? 1.821   -9.247  -6.873  1.00 81.01  ? 10  A   A OP2   1 
ATOM   195 O "O5'" . A   A 1 10 ? 3.205   -9.281  -8.953  1.00 65.62  ? 10  A   A "O5'" 1 
ATOM   196 C "C5'" . A   A 1 10 ? 4.402   -9.983  -8.629  1.00 69.52  ? 10  A   A "C5'" 1 
ATOM   197 C "C4'" . A   A 1 10 ? 5.495   -9.005  -8.304  1.00 76.90  ? 10  A   A "C4'" 1 
ATOM   198 O "O4'" . A   A 1 10 ? 4.960   -7.658  -8.213  1.00 78.67  ? 10  A   A "O4'" 1 
ATOM   199 C "C3'" . A   A 1 10 ? 6.163   -9.204  -6.952  1.00 85.43  ? 10  A   A "C3'" 1 
ATOM   200 O "O3'" . A   A 1 10 ? 6.963   -10.387 -6.922  1.00 89.92  ? 10  A   A "O3'" 1 
ATOM   201 C "C2'" . A   A 1 10 ? 6.823   -7.840  -6.729  1.00 84.12  ? 10  A   A "C2'" 1 
ATOM   202 O "O2'" . A   A 1 10 ? 8.079   -7.532  -7.294  1.00 81.53  ? 10  A   A "O2'" 1 
ATOM   203 C "C1'" . A   A 1 10 ? 5.760   -6.897  -7.308  1.00 86.71  ? 10  A   A "C1'" 1 
ATOM   204 N N9    . A   A 1 10 ? 4.899   -6.310  -6.276  1.00 82.21  ? 10  A   A N9    1 
ATOM   205 C C8    . A   A 1 10 ? 3.616   -6.662  -5.940  1.00 87.74  ? 10  A   A C8    1 
ATOM   206 N N7    . A   A 1 10 ? 3.118   -5.963  -4.950  1.00 89.93  ? 10  A   A N7    1 
ATOM   207 C C5    . A   A 1 10 ? 4.149   -5.105  -4.597  1.00 82.22  ? 10  A   A C5    1 
ATOM   208 C C6    . A   A 1 10 ? 4.255   -4.114  -3.605  1.00 88.03  ? 10  A   A C6    1 
ATOM   209 N N6    . A   A 1 10 ? 3.269   -3.807  -2.758  1.00 87.77  ? 10  A   A N6    1 
ATOM   210 N N1    . A   A 1 10 ? 5.423   -3.441  -3.511  1.00 84.27  ? 10  A   A N1    1 
ATOM   211 C C2    . A   A 1 10 ? 6.416   -3.762  -4.351  1.00 91.45  ? 10  A   A C2    1 
ATOM   212 N N3    . A   A 1 10 ? 6.437   -4.679  -5.320  1.00 91.93  ? 10  A   A N3    1 
ATOM   213 C C4    . A   A 1 10 ? 5.256   -5.315  -5.398  1.00 77.85  ? 10  A   A C4    1 
ATOM   214 P P     . G   A 1 11 ? 6.957   -11.330 -5.605  1.00 104.42 ? 11  G   A P     1 
ATOM   215 O OP1   . G   A 1 11 ? 7.812   -12.521 -5.880  1.00 101.45 ? 11  G   A OP1   1 
ATOM   216 O OP2   . G   A 1 11 ? 5.552   -11.504 -5.146  1.00 86.81  ? 11  G   A OP2   1 
ATOM   217 O "O5'" . G   A 1 11 ? 7.727   -10.448 -4.526  1.00 88.91  ? 11  G   A "O5'" 1 
ATOM   218 C "C5'" . G   A 1 11 ? 9.051   -9.993  -4.812  1.00 78.78  ? 11  G   A "C5'" 1 
ATOM   219 C "C4'" . G   A 1 11 ? 9.516   -9.018  -3.764  1.00 79.07  ? 11  G   A "C4'" 1 
ATOM   220 O "O4'" . G   A 1 11 ? 8.874   -7.724  -3.928  1.00 83.50  ? 11  G   A "O4'" 1 
ATOM   221 C "C3'" . G   A 1 11 ? 9.228   -9.358  -2.316  1.00 75.61  ? 11  G   A "C3'" 1 
ATOM   222 O "O3'" . G   A 1 11 ? 10.073  -10.407 -1.896  1.00 73.88  ? 11  G   A "O3'" 1 
ATOM   223 C "C2'" . G   A 1 11 ? 9.464   -7.997  -1.680  1.00 75.55  ? 11  G   A "C2'" 1 
ATOM   224 O "O2'" . G   A 1 11 ? 10.807  -7.561  -1.618  1.00 73.17  ? 11  G   A "O2'" 1 
ATOM   225 C "C1'" . G   A 1 11 ? 8.688   -7.121  -2.654  1.00 78.45  ? 11  G   A "C1'" 1 
ATOM   226 N N9    . G   A 1 11 ? 7.255   -7.090  -2.360  1.00 83.47  ? 11  G   A N9    1 
ATOM   227 C C8    . G   A 1 11 ? 6.266   -7.834  -2.959  1.00 86.26  ? 11  G   A C8    1 
ATOM   228 N N7    . G   A 1 11 ? 5.078   -7.594  -2.472  1.00 76.73  ? 11  G   A N7    1 
ATOM   229 C C5    . G   A 1 11 ? 5.296   -6.642  -1.488  1.00 73.83  ? 11  G   A C5    1 
ATOM   230 C C6    . G   A 1 11 ? 4.381   -5.999  -0.618  1.00 80.29  ? 11  G   A C6    1 
ATOM   231 O O6    . G   A 1 11 ? 3.152   -6.141  -0.551  1.00 80.04  ? 11  G   A O6    1 
ATOM   232 N N1    . G   A 1 11 ? 5.029   -5.110  0.236   1.00 74.53  ? 11  G   A N1    1 
ATOM   233 C C2    . G   A 1 11 ? 6.381   -4.869  0.246   1.00 69.02  ? 11  G   A C2    1 
ATOM   234 N N2    . G   A 1 11 ? 6.813   -3.967  1.127   1.00 64.25  ? 11  G   A N2    1 
ATOM   235 N N3    . G   A 1 11 ? 7.243   -5.462  -0.561  1.00 73.08  ? 11  G   A N3    1 
ATOM   236 C C4    . G   A 1 11 ? 6.635   -6.321  -1.406  1.00 75.19  ? 11  G   A C4    1 
ATOM   237 P P     . U   A 1 12 ? 9.733   -11.244 -0.603  1.00 75.11  ? 12  U   A P     1 
ATOM   238 O OP1   . U   A 1 12 ? 10.748  -12.320 -0.533  1.00 82.83  ? 12  U   A OP1   1 
ATOM   239 O OP2   . U   A 1 12 ? 8.295   -11.611 -0.628  1.00 68.54  ? 12  U   A OP2   1 
ATOM   240 O "O5'" . U   A 1 12 ? 9.969   -10.191 0.572   1.00 81.59  ? 12  U   A "O5'" 1 
ATOM   241 C "C5'" . U   A 1 12 ? 11.304  -9.726  0.864   1.00 89.93  ? 12  U   A "C5'" 1 
ATOM   242 C "C4'" . U   A 1 12 ? 11.320  -8.627  1.907   1.00 85.41  ? 12  U   A "C4'" 1 
ATOM   243 O "O4'" . U   A 1 12 ? 10.496  -7.509  1.480   1.00 93.38  ? 12  U   A "O4'" 1 
ATOM   244 C "C3'" . U   A 1 12 ? 10.785  -8.958  3.289   1.00 75.48  ? 12  U   A "C3'" 1 
ATOM   245 O "O3'" . U   A 1 12 ? 11.694  -9.564  4.185   1.00 72.39  ? 12  U   A "O3'" 1 
ATOM   246 C "C2'" . U   A 1 12 ? 10.492  -7.575  3.827   1.00 75.80  ? 12  U   A "C2'" 1 
ATOM   247 O "O2'" . U   A 1 12 ? 11.648  -6.889  4.241   1.00 67.37  ? 12  U   A "O2'" 1 
ATOM   248 C "C1'" . U   A 1 12 ? 9.842   -6.941  2.606   1.00 84.31  ? 12  U   A "C1'" 1 
ATOM   249 N N1    . U   A 1 12 ? 8.393   -7.202  2.494   1.00 89.34  ? 12  U   A N1    1 
ATOM   250 C C2    . U   A 1 12 ? 7.550   -6.572  3.396   1.00 79.13  ? 12  U   A C2    1 
ATOM   251 O O2    . U   A 1 12 ? 7.959   -5.854  4.296   1.00 79.26  ? 12  U   A O2    1 
ATOM   252 N N3    . U   A 1 12 ? 6.214   -6.829  3.212   1.00 62.21  ? 12  U   A N3    1 
ATOM   253 C C4    . U   A 1 12 ? 5.645   -7.623  2.240   1.00 66.28  ? 12  U   A C4    1 
ATOM   254 O O4    . U   A 1 12 ? 4.428   -7.761  2.213   1.00 70.41  ? 12  U   A O4    1 
ATOM   255 C C5    . U   A 1 12 ? 6.578   -8.244  1.357   1.00 71.97  ? 12  U   A C5    1 
ATOM   256 C C6    . U   A 1 12 ? 7.886   -8.023  1.511   1.00 76.83  ? 12  U   A C6    1 
ATOM   257 P P     . C   A 1 13 ? 11.303  -10.937 4.892   1.00 78.56  ? 13  C   A P     1 
ATOM   258 O OP1   . C   A 1 13 ? 12.575  -11.605 5.301   1.00 77.66  ? 13  C   A OP1   1 
ATOM   259 O OP2   . C   A 1 13 ? 10.331  -11.646 4.015   1.00 73.59  ? 13  C   A OP2   1 
ATOM   260 O "O5'" . C   A 1 13 ? 10.509  -10.485 6.200   1.00 65.69  ? 13  C   A "O5'" 1 
ATOM   261 C "C5'" . C   A 1 13 ? 11.179  -9.731  7.202   1.00 69.17  ? 13  C   A "C5'" 1 
ATOM   262 C "C4'" . C   A 1 13 ? 10.278  -8.652  7.749   1.00 80.96  ? 13  C   A "C4'" 1 
ATOM   263 O "O4'" . C   A 1 13 ? 9.473   -8.007  6.718   1.00 83.86  ? 13  C   A "O4'" 1 
ATOM   264 C "C3'" . C   A 1 13 ? 9.236   -9.113  8.740   1.00 74.74  ? 13  C   A "C3'" 1 
ATOM   265 O "O3'" . C   A 1 13 ? 9.889   -9.427  9.952   1.00 79.11  ? 13  C   A "O3'" 1 
ATOM   266 C "C2'" . C   A 1 13 ? 8.313   -7.910  8.767   1.00 64.80  ? 13  C   A "C2'" 1 
ATOM   267 O "O2'" . C   A 1 13 ? 8.917   -6.794  9.380   1.00 53.19  ? 13  C   A "O2'" 1 
ATOM   268 C "C1'" . C   A 1 13 ? 8.222   -7.595  7.273   1.00 68.73  ? 13  C   A "C1'" 1 
ATOM   269 N N1    . C   A 1 13 ? 7.122   -8.268  6.537   1.00 64.54  ? 13  C   A N1    1 
ATOM   270 C C2    . C   A 1 13 ? 5.794   -8.080  6.957   1.00 58.36  ? 13  C   A C2    1 
ATOM   271 O O2    . C   A 1 13 ? 5.569   -7.390  7.959   1.00 47.96  ? 13  C   A O2    1 
ATOM   272 N N3    . C   A 1 13 ? 4.797   -8.697  6.282   1.00 57.92  ? 13  C   A N3    1 
ATOM   273 C C4    . C   A 1 13 ? 5.079   -9.470  5.231   1.00 58.13  ? 13  C   A C4    1 
ATOM   274 N N4    . C   A 1 13 ? 4.066   -10.051 4.594   1.00 61.47  ? 13  C   A N4    1 
ATOM   275 C C5    . C   A 1 13 ? 6.415   -9.671  4.778   1.00 53.16  ? 13  C   A C5    1 
ATOM   276 C C6    . C   A 1 13 ? 7.395   -9.057  5.452   1.00 58.41  ? 13  C   A C6    1 
ATOM   277 P P     . G   A 1 14 ? 9.536   -10.782 10.639  1.00 78.04  ? 14  G   A P     1 
ATOM   278 O OP1   . G   A 1 14 ? 10.365  -10.923 11.868  1.00 63.55  ? 14  G   A OP1   1 
ATOM   279 O OP2   . G   A 1 14 ? 9.531   -11.829 9.562   1.00 73.90  ? 14  G   A OP2   1 
ATOM   280 O "O5'" . G   A 1 14 ? 8.053   -10.506 11.129  1.00 64.62  ? 14  G   A "O5'" 1 
ATOM   281 C "C5'" . G   A 1 14 ? 7.818   -10.065 12.463  1.00 61.63  ? 14  G   A "C5'" 1 
ATOM   282 C "C4'" . G   A 1 14 ? 6.363   -9.695  12.609  1.00 65.48  ? 14  G   A "C4'" 1 
ATOM   283 O "O4'" . G   A 1 14 ? 5.865   -9.090  11.384  1.00 60.44  ? 14  G   A "O4'" 1 
ATOM   284 C "C3'" . G   A 1 14 ? 5.380   -10.829 12.835  1.00 60.17  ? 14  G   A "C3'" 1 
ATOM   285 O "O3'" . G   A 1 14 ? 5.402   -11.354 14.167  1.00 68.65  ? 14  G   A "O3'" 1 
ATOM   286 C "C2'" . G   A 1 14 ? 4.080   -10.124 12.515  1.00 55.86  ? 14  G   A "C2'" 1 
ATOM   287 O "O2'" . G   A 1 14 ? 3.756   -9.213  13.537  1.00 53.29  ? 14  G   A "O2'" 1 
ATOM   288 C "C1'" . G   A 1 14 ? 4.478   -9.317  11.285  1.00 56.54  ? 14  G   A "C1'" 1 
ATOM   289 N N9    . G   A 1 14 ? 4.212   -9.994  10.021  1.00 64.67  ? 14  G   A N9    1 
ATOM   290 C C8    . G   A 1 14 ? 5.123   -10.575 9.173   1.00 69.79  ? 14  G   A C8    1 
ATOM   291 N N7    . G   A 1 14 ? 4.574   -11.077 8.100   1.00 75.33  ? 14  G   A N7    1 
ATOM   292 C C5    . G   A 1 14 ? 3.224   -10.780 8.232   1.00 60.87  ? 14  G   A C5    1 
ATOM   293 C C6    . G   A 1 14 ? 2.133   -11.069 7.377   1.00 59.20  ? 14  G   A C6    1 
ATOM   294 O O6    . G   A 1 14 ? 2.139   -11.684 6.306   1.00 66.71  ? 14  G   A O6    1 
ATOM   295 N N1    . G   A 1 14 ? 0.930   -10.610 7.909   1.00 50.33  ? 14  G   A N1    1 
ATOM   296 C C2    . G   A 1 14 ? 0.801   -9.945  9.104   1.00 45.68  ? 14  G   A C2    1 
ATOM   297 N N2    . G   A 1 14 ? -0.435  -9.568  9.449   1.00 44.24  ? 14  G   A N2    1 
ATOM   298 N N3    . G   A 1 14 ? 1.806   -9.689  9.916   1.00 49.85  ? 14  G   A N3    1 
ATOM   299 C C4    . G   A 1 14 ? 2.982   -10.130 9.422   1.00 59.33  ? 14  G   A C4    1 
ATOM   300 P P     B G   A 1 15 ? 5.602   -12.932 14.415  0.20 62.47  ? 15  G   A P     1 
ATOM   301 O OP1   B G   A 1 15 ? 5.055   -13.258 15.756  0.20 64.33  ? 15  G   A OP1   1 
ATOM   302 O OP2   B G   A 1 15 ? 7.019   -13.265 14.111  0.20 59.11  ? 15  G   A OP2   1 
ATOM   303 O "O5'" B G   A 1 15 ? 4.655   -13.584 13.308  0.20 60.09  ? 15  G   A "O5'" 1 
ATOM   304 C "C5'" B G   A 1 15 ? 3.797   -14.707 13.605  0.20 57.94  ? 15  G   A "C5'" 1 
ATOM   305 C "C4'" B G   A 1 15 ? 2.362   -14.257 13.766  0.20 54.04  ? 15  G   A "C4'" 1 
ATOM   306 O "O4'" B G   A 1 15 ? 2.091   -13.152 12.860  0.20 52.10  ? 15  G   A "O4'" 1 
ATOM   307 C "C3'" B G   A 1 15 ? 1.288   -15.286 13.436  0.20 52.01  ? 15  G   A "C3'" 1 
ATOM   308 O "O3'" B G   A 1 15 ? 1.008   -16.193 14.497  0.20 54.21  ? 15  G   A "O3'" 1 
ATOM   309 C "C2'" B G   A 1 15 ? 0.101   -14.390 13.122  0.20 50.13  ? 15  G   A "C2'" 1 
ATOM   310 O "O2'" B G   A 1 15 ? -0.546  -13.861 14.261  0.20 48.61  ? 15  G   A "O2'" 1 
ATOM   311 C "C1'" B G   A 1 15 ? 0.787   -13.287 12.320  0.20 49.18  ? 15  G   A "C1'" 1 
ATOM   312 N N9    B G   A 1 15 ? 0.912   -13.629 10.909  0.20 47.38  ? 15  G   A N9    1 
ATOM   313 C C8    B G   A 1 15 ? 2.060   -13.976 10.238  0.20 46.84  ? 15  G   A C8    1 
ATOM   314 N N7    B G   A 1 15 ? 1.855   -14.242 8.976   0.20 45.26  ? 15  G   A N7    1 
ATOM   315 C C5    B G   A 1 15 ? 0.489   -14.063 8.804   0.20 44.70  ? 15  G   A C5    1 
ATOM   316 C C6    B G   A 1 15 ? -0.321  -14.206 7.647   0.20 43.58  ? 15  G   A C6    1 
ATOM   317 O O6    B G   A 1 15 ? 0.018   -14.528 6.502   0.20 40.47  ? 15  G   A O6    1 
ATOM   318 N N1    B G   A 1 15 ? -1.655  -13.927 7.919   0.20 43.64  ? 15  G   A N1    1 
ATOM   319 C C2    B G   A 1 15 ? -2.151  -13.562 9.145   0.20 43.62  ? 15  G   A C2    1 
ATOM   320 N N2    B G   A 1 15 ? -3.472  -13.337 9.205   0.20 44.22  ? 15  G   A N2    1 
ATOM   321 N N3    B G   A 1 15 ? -1.409  -13.424 10.231  0.20 44.09  ? 15  G   A N3    1 
ATOM   322 C C4    B G   A 1 15 ? -0.108  -13.691 9.990   0.20 45.33  ? 15  G   A C4    1 
HETATM 323 O "O5'" . LCC B 2 1  ? -7.133  -19.680 -2.096  1.00 76.15  ? 1   LCC B "O5'" 1 
HETATM 324 C "C5'" . LCC B 2 1  ? -8.530  -19.596 -1.640  1.00 75.02  ? 1   LCC B "C5'" 1 
HETATM 325 C "C4'" . LCC B 2 1  ? -8.426  -19.195 -0.153  1.00 70.89  ? 1   LCC B "C4'" 1 
HETATM 326 O "O4'" . LCC B 2 1  ? -7.500  -19.945 0.657   1.00 66.89  ? 1   LCC B "O4'" 1 
HETATM 327 C "C1'" . LCC B 2 1  ? -7.228  -19.098 1.743   1.00 62.76  ? 1   LCC B "C1'" 1 
HETATM 328 N N1    . LCC B 2 1  ? -5.761  -19.002 1.783   1.00 60.46  ? 1   LCC B N1    1 
HETATM 329 C C6    . LCC B 2 1  ? -4.935  -19.255 0.641   1.00 61.47  ? 1   LCC B C6    1 
HETATM 330 C C5    . LCC B 2 1  ? -3.533  -19.201 0.778   1.00 63.92  ? 1   LCC B C5    1 
HETATM 331 C C5M   . LCC B 2 1  ? -2.696  -19.436 -0.366  1.00 61.79  ? 1   LCC B C5M   1 
HETATM 332 C C4    . LCC B 2 1  ? -3.041  -18.896 2.080   1.00 55.87  ? 1   LCC B C4    1 
HETATM 333 N N4    . LCC B 2 1  ? -1.749  -18.841 2.315   1.00 55.24  ? 1   LCC B N4    1 
HETATM 334 N N3    . LCC B 2 1  ? -3.844  -18.677 3.124   1.00 55.86  ? 1   LCC B N3    1 
HETATM 335 C C2    . LCC B 2 1  ? -5.193  -18.745 2.991   1.00 64.06  ? 1   LCC B C2    1 
HETATM 336 O O2    . LCC B 2 1  ? -5.893  -18.537 3.995   1.00 63.36  ? 1   LCC B O2    1 
HETATM 337 C "C3'" . LCC B 2 1  ? -7.960  -17.856 -0.012  1.00 69.24  ? 1   LCC B "C3'" 1 
HETATM 338 C "C2'" . LCC B 2 1  ? -7.980  -17.859 1.454   1.00 62.37  ? 1   LCC B "C2'" 1 
HETATM 339 O "O2'" . LCC B 2 1  ? -9.425  -18.086 1.651   1.00 61.81  ? 1   LCC B "O2'" 1 
HETATM 340 O "O3'" . LCC B 2 1  ? -8.781  -16.700 -0.278  1.00 74.96  ? 1   LCC B "O3'" 1 
HETATM 341 C "C6'" . LCC B 2 1  ? -9.811  -19.109 0.611   1.00 66.14  ? 1   LCC B "C6'" 1 
HETATM 342 O "O5'" . LCC B 2 2  ? -8.280  -14.287 1.419   1.00 58.90  ? 2   LCC B "O5'" 1 
HETATM 343 C "C5'" . LCC B 2 2  ? -9.452  -14.457 2.253   1.00 51.55  ? 2   LCC B "C5'" 1 
HETATM 344 C "C4'" . LCC B 2 2  ? -8.787  -14.396 3.606   1.00 49.04  ? 2   LCC B "C4'" 1 
HETATM 345 O "O4'" . LCC B 2 2  ? -7.940  -15.492 3.920   1.00 46.78  ? 2   LCC B "O4'" 1 
HETATM 346 C "C1'" . LCC B 2 2  ? -7.177  -14.979 5.044   1.00 49.31  ? 2   LCC B "C1'" 1 
HETATM 347 N N1    . LCC B 2 2  ? -5.717  -15.007 4.846   1.00 47.67  ? 2   LCC B N1    1 
HETATM 348 C C6    . LCC B 2 2  ? -5.207  -15.243 3.573   1.00 49.09  ? 2   LCC B C6    1 
HETATM 349 C C5    . LCC B 2 2  ? -3.839  -15.255 3.396   1.00 52.79  ? 2   LCC B C5    1 
HETATM 350 C C5M   . LCC B 2 2  ? -3.282  -15.521 2.127   1.00 56.34  ? 2   LCC B C5M   1 
HETATM 351 C C4    . LCC B 2 2  ? -3.066  -15.008 4.512   1.00 50.86  ? 2   LCC B C4    1 
HETATM 352 N N4    . LCC B 2 2  ? -1.745  -15.011 4.371   1.00 55.17  ? 2   LCC B N4    1 
HETATM 353 N N3    . LCC B 2 2  ? -3.596  -14.758 5.703   1.00 50.33  ? 2   LCC B N3    1 
HETATM 354 C C2    . LCC B 2 2  ? -4.908  -14.752 5.901   1.00 49.71  ? 2   LCC B C2    1 
HETATM 355 O O2    . LCC B 2 2  ? -5.330  -14.522 7.054   1.00 48.19  ? 2   LCC B O2    1 
HETATM 356 C "C3'" . LCC B 2 2  ? -7.829  -13.269 3.768   1.00 48.25  ? 2   LCC B "C3'" 1 
HETATM 357 C "C2'" . LCC B 2 2  ? -7.623  -13.515 5.158   1.00 48.57  ? 2   LCC B "C2'" 1 
HETATM 358 O "O2'" . LCC B 2 2  ? -8.952  -13.378 5.688   1.00 50.64  ? 2   LCC B "O2'" 1 
HETATM 359 O "O3'" . LCC B 2 2  ? -8.513  -12.110 3.655   1.00 47.96  ? 2   LCC B "O3'" 1 
HETATM 360 C "C6'" . LCC B 2 2  ? -9.841  -14.144 4.720   1.00 51.10  ? 2   LCC B "C6'" 1 
HETATM 361 P P     . LCC B 2 2  ? -8.265  -15.120 0.038   1.00 58.47  ? 2   LCC B P     1 
HETATM 362 O O1P   . LCC B 2 2  ? -9.288  -14.268 -0.612  1.00 49.66  ? 2   LCC B O1P   1 
HETATM 363 O O2P   . LCC B 2 2  ? -6.949  -14.907 -0.624  1.00 46.45  ? 2   LCC B O2P   1 
HETATM 364 O "O5'" . LCC B 2 3  ? -7.585  -10.223 4.474   1.00 52.16  ? 3   LCC B "O5'" 1 
HETATM 365 C "C5'" . LCC B 2 3  ? -8.361  -9.903  5.646   1.00 49.98  ? 3   LCC B "C5'" 1 
HETATM 366 C "C4'" . LCC B 2 3  ? -7.253  -9.867  6.733   1.00 52.28  ? 3   LCC B "C4'" 1 
HETATM 367 O "O4'" . LCC B 2 3  ? -6.333  -10.941 6.799   1.00 40.92  ? 3   LCC B "O4'" 1 
HETATM 368 C "C1'" . LCC B 2 3  ? -5.318  -10.485 7.652   1.00 41.97  ? 3   LCC B "C1'" 1 
HETATM 369 N N1    . LCC B 2 3  ? -4.118  -10.761 6.922   1.00 40.97  ? 3   LCC B N1    1 
HETATM 370 C C6    . LCC B 2 3  ? -4.201  -11.127 5.580   1.00 42.12  ? 3   LCC B C6    1 
HETATM 371 C C5    . LCC B 2 3  ? -3.017  -11.424 4.924   1.00 48.23  ? 3   LCC B C5    1 
HETATM 372 C C5M   . LCC B 2 3  ? -3.141  -11.799 3.565   1.00 49.80  ? 3   LCC B C5M   1 
HETATM 373 C C4    . LCC B 2 3  ? -1.784  -11.345 5.654   1.00 46.59  ? 3   LCC B C4    1 
HETATM 374 N N4    . LCC B 2 3  ? -0.648  -11.620 5.034   1.00 42.25  ? 3   LCC B N4    1 
HETATM 375 N N3    . LCC B 2 3  ? -1.728  -10.980 6.953   1.00 46.13  ? 3   LCC B N3    1 
HETATM 376 C C2    . LCC B 2 3  ? -2.909  -10.681 7.576   1.00 48.66  ? 3   LCC B C2    1 
HETATM 377 O O2    . LCC B 2 3  ? -2.844  -10.334 8.771   1.00 47.35  ? 3   LCC B O2    1 
HETATM 378 C "C3'" . LCC B 2 3  ? -6.244  -8.785  6.594   1.00 53.87  ? 3   LCC B "C3'" 1 
HETATM 379 C "C2'" . LCC B 2 3  ? -5.579  -9.057  7.873   1.00 47.65  ? 3   LCC B "C2'" 1 
HETATM 380 O "O2'" . LCC B 2 3  ? -6.708  -8.878  8.790   1.00 49.52  ? 3   LCC B "O2'" 1 
HETATM 381 O "O3'" . LCC B 2 3  ? -6.820  -7.541  6.689   1.00 57.35  ? 3   LCC B "O3'" 1 
HETATM 382 C "C6'" . LCC B 2 3  ? -7.881  -9.569  8.144   1.00 50.78  ? 3   LCC B "C6'" 1 
HETATM 383 P P     . LCC B 2 3  ? -8.187  -10.663 3.017   1.00 50.95  ? 3   LCC B P     1 
HETATM 384 O O1P   . LCC B 2 3  ? -9.208  -9.945  2.213   1.00 56.79  ? 3   LCC B O1P   1 
HETATM 385 O O2P   . LCC B 2 3  ? -6.876  -10.768 2.321   1.00 45.57  ? 3   LCC B O2P   1 
HETATM 386 P P     . LCG B 2 4  ? -6.154  -6.159  5.990   1.00 47.85  ? 4   LCG B P     1 
HETATM 387 O OP1   . LCG B 2 4  ? -7.310  -5.227  5.872   1.00 45.15  ? 4   LCG B OP1   1 
HETATM 388 O "O5'" . LCG B 2 4  ? -5.032  -5.250  6.841   1.00 43.91  ? 4   LCG B "O5'" 1 
HETATM 389 C "C5'" . LCG B 2 4  ? -5.248  -5.132  8.238   1.00 48.38  ? 4   LCG B "C5'" 1 
HETATM 390 C "C3'" . LCG B 2 4  ? -2.943  -4.243  8.084   1.00 57.18  ? 4   LCG B "C3'" 1 
HETATM 391 C "C6'" . LCG B 2 4  ? -3.613  -4.567  10.299  1.00 68.78  ? 4   LCG B "C6'" 1 
HETATM 392 N N9    . LCG B 2 4  ? -1.235  -6.857  7.700   1.00 50.93  ? 4   LCG B N9    1 
HETATM 393 C C8    . LCG B 2 4  ? -1.800  -7.394  6.609   1.00 51.77  ? 4   LCG B C8    1 
HETATM 394 C C4    . LCG B 2 4  ? 0.063   -7.017  7.603   1.00 52.28  ? 4   LCG B C4    1 
HETATM 395 N N7    . LCG B 2 4  ? -0.850  -7.904  5.833   1.00 50.51  ? 4   LCG B N7    1 
HETATM 396 C C5    . LCG B 2 4  ? 0.302   -7.673  6.461   1.00 54.42  ? 4   LCG B C5    1 
HETATM 397 C C6    . LCG B 2 4  ? 1.553   -7.972  6.135   1.00 60.06  ? 4   LCG B C6    1 
HETATM 398 C "C2'" . LCG B 2 4  ? -1.737  -4.616  8.971   1.00 59.84  ? 4   LCG B "C2'" 1 
HETATM 399 O O6    . LCG B 2 4  ? 1.849   -8.560  5.097   1.00 65.39  ? 4   LCG B O6    1 
HETATM 400 C "C4'" . LCG B 2 4  ? -3.824  -5.158  8.787   1.00 55.84  ? 4   LCG B "C4'" 1 
HETATM 401 C "C1'" . LCG B 2 4  ? -1.837  -6.187  8.888   1.00 54.27  ? 4   LCG B "C1'" 1 
HETATM 402 C C2    . LCG B 2 4  ? 2.320   -6.941  8.171   1.00 59.53  ? 4   LCG B C2    1 
HETATM 403 N N1    . LCG B 2 4  ? 2.576   -7.623  6.988   1.00 62.02  ? 4   LCG B N1    1 
HETATM 404 O "O4'" . LCG B 2 4  ? -3.220  -6.470  8.672   1.00 51.77  ? 4   LCG B "O4'" 1 
HETATM 405 O OP2   . LCG B 2 4  ? -5.653  -6.475  4.625   1.00 41.62  ? 4   LCG B OP2   1 
HETATM 406 N N2    . LCG B 2 4  ? 3.352   -6.616  8.979   1.00 57.02  ? 4   LCG B N2    1 
HETATM 407 N N3    . LCG B 2 4  ? 1.037   -6.636  8.448   1.00 55.28  ? 4   LCG B N3    1 
HETATM 408 O "O2'" . LCG B 2 4  ? -2.123  -4.089  10.242  1.00 57.06  ? 4   LCG B "O2'" 1 
HETATM 409 O "O3'" . LCG B 2 4  ? -3.506  -2.900  8.330   1.00 46.98  ? 4   LCG B "O3'" 1 
ATOM   410 P P     . A   B 2 5  ? -3.064  -1.751  7.162   1.00 51.94  ? 5   A   B P     1 
ATOM   411 O OP1   . A   B 2 5  ? -3.873  -0.569  7.553   1.00 55.68  ? 5   A   B OP1   1 
ATOM   412 O OP2   . A   B 2 5  ? -3.148  -2.317  5.803   1.00 42.15  ? 5   A   B OP2   1 
ATOM   413 O "O5'" . A   B 2 5  ? -1.535  -1.420  7.422   1.00 45.51  ? 5   A   B "O5'" 1 
ATOM   414 C "C5'" . A   B 2 5  ? -1.159  -0.631  8.543   1.00 47.91  ? 5   A   B "C5'" 1 
ATOM   415 C "C4'" . A   B 2 5  ? 0.346   -0.688  8.706   1.00 51.84  ? 5   A   B "C4'" 1 
ATOM   416 O "O4'" . A   B 2 5  ? 0.739   -2.075  8.830   1.00 56.28  ? 5   A   B "O4'" 1 
ATOM   417 C "C3'" . A   B 2 5  ? 1.205   -0.186  7.549   1.00 49.61  ? 5   A   B "C3'" 1 
ATOM   418 O "O3'" . A   B 2 5  ? 1.358   1.225   7.523   1.00 51.01  ? 5   A   B "O3'" 1 
ATOM   419 C "C2'" . A   B 2 5  ? 2.513   -0.887  7.841   1.00 48.02  ? 5   A   B "C2'" 1 
ATOM   420 O "O2'" . A   B 2 5  ? 3.193   -0.358  8.941   1.00 41.93  ? 5   A   B "O2'" 1 
ATOM   421 C "C1'" . A   B 2 5  ? 2.001   -2.266  8.231   1.00 52.37  ? 5   A   B "C1'" 1 
ATOM   422 N N9    . A   B 2 5  ? 1.829   -3.164  7.092   1.00 52.46  ? 5   A   B N9    1 
ATOM   423 C C8    . A   B 2 5  ? 0.679   -3.550  6.445   1.00 51.78  ? 5   A   B C8    1 
ATOM   424 N N7    . A   B 2 5  ? 0.886   -4.382  5.455   1.00 54.22  ? 5   A   B N7    1 
ATOM   425 C C5    . A   B 2 5  ? 2.266   -4.545  5.439   1.00 55.91  ? 5   A   B C5    1 
ATOM   426 C C6    . A   B 2 5  ? 3.120   -5.309  4.625   1.00 55.89  ? 5   A   B C6    1 
ATOM   427 N N6    . A   B 2 5  ? 2.693   -6.073  3.617   1.00 53.36  ? 5   A   B N6    1 
ATOM   428 N N1    . A   B 2 5  ? 4.445   -5.268  4.894   1.00 56.75  ? 5   A   B N1    1 
ATOM   429 C C2    . A   B 2 5  ? 4.876   -4.490  5.901   1.00 46.47  ? 5   A   B C2    1 
ATOM   430 N N3    . A   B 2 5  ? 4.175   -3.720  6.722   1.00 45.85  ? 5   A   B N3    1 
ATOM   431 C C4    . A   B 2 5  ? 2.859   -3.802  6.445   1.00 52.50  ? 5   A   B C4    1 
ATOM   432 P P     . C   B 2 6  ? 1.444   1.988   6.123   1.00 47.54  ? 6   C   B P     1 
ATOM   433 O OP1   . C   B 2 6  ? 1.271   3.432   6.374   1.00 54.93  ? 6   C   B OP1   1 
ATOM   434 O OP2   . C   B 2 6  ? 0.523   1.350   5.167   1.00 44.74  ? 6   C   B OP2   1 
ATOM   435 O "O5'" . C   B 2 6  ? 2.961   1.703   5.722   1.00 47.70  ? 6   C   B "O5'" 1 
ATOM   436 C "C5'" . C   B 2 6  ? 4.048   2.090   6.593   1.00 52.50  ? 6   C   B "C5'" 1 
ATOM   437 C "C4'" . C   B 2 6  ? 5.361   1.520   6.106   1.00 52.39  ? 6   C   B "C4'" 1 
ATOM   438 O "O4'" . C   B 2 6  ? 5.297   0.076   6.168   1.00 54.84  ? 6   C   B "O4'" 1 
ATOM   439 C "C3'" . C   B 2 6  ? 5.714   1.832   4.663   1.00 53.65  ? 6   C   B "C3'" 1 
ATOM   440 O "O3'" . C   B 2 6  ? 6.401   3.056   4.526   1.00 49.79  ? 6   C   B "O3'" 1 
ATOM   441 C "C2'" . C   B 2 6  ? 6.591   0.659   4.274   1.00 54.26  ? 6   C   B "C2'" 1 
ATOM   442 O "O2'" . C   B 2 6  ? 7.913   0.792   4.724   1.00 55.05  ? 6   C   B "O2'" 1 
ATOM   443 C "C1'" . C   B 2 6  ? 5.894   -0.474  5.008   1.00 58.42  ? 6   C   B "C1'" 1 
ATOM   444 N N1    . C   B 2 6  ? 4.870   -1.153  4.196   1.00 56.91  ? 6   C   B N1    1 
ATOM   445 C C2    . C   B 2 6  ? 5.299   -2.152  3.329   1.00 56.50  ? 6   C   B C2    1 
ATOM   446 O O2    . C   B 2 6  ? 6.505   -2.404  3.267   1.00 65.37  ? 6   C   B O2    1 
ATOM   447 N N3    . C   B 2 6  ? 4.391   -2.812  2.572   1.00 61.73  ? 6   C   B N3    1 
ATOM   448 C C4    . C   B 2 6  ? 3.095   -2.507  2.671   1.00 61.01  ? 6   C   B C4    1 
ATOM   449 N N4    . C   B 2 6  ? 2.229   -3.187  1.909   1.00 51.69  ? 6   C   B N4    1 
ATOM   450 C C5    . C   B 2 6  ? 2.630   -1.477  3.541   1.00 60.82  ? 6   C   B C5    1 
ATOM   451 C C6    . C   B 2 6  ? 3.546   -0.824  4.269   1.00 60.60  ? 6   C   B C6    1 
ATOM   452 P P     . U   B 2 7  ? 6.582   3.705   3.056   1.00 57.86  ? 7   U   B P     1 
ATOM   453 O OP1   . U   B 2 7  ? 7.436   4.909   3.239   1.00 65.71  ? 7   U   B OP1   1 
ATOM   454 O OP2   . U   B 2 7  ? 5.251   3.839   2.388   1.00 54.84  ? 7   U   B OP2   1 
ATOM   455 O "O5'" . U   B 2 7  ? 7.393   2.596   2.251   1.00 60.71  ? 7   U   B "O5'" 1 
ATOM   456 C "C5'" . U   B 2 7  ? 8.834   2.600   2.329   1.00 69.69  ? 7   U   B "C5'" 1 
ATOM   457 C "C4'" . U   B 2 7  ? 9.421   1.729   1.263   1.00 67.13  ? 7   U   B "C4'" 1 
ATOM   458 O "O4'" . U   B 2 7  ? 8.887   0.399   1.410   1.00 60.61  ? 7   U   B "O4'" 1 
ATOM   459 C "C3'" . U   B 2 7  ? 9.059   2.127   -0.160  1.00 75.08  ? 7   U   B "C3'" 1 
ATOM   460 O "O3'" . U   B 2 7  ? 9.916   3.191   -0.564  1.00 72.14  ? 7   U   B "O3'" 1 
ATOM   461 C "C2'" . U   B 2 7  ? 9.253   0.814   -0.905  1.00 70.54  ? 7   U   B "C2'" 1 
ATOM   462 O "O2'" . U   B 2 7  ? 10.561  0.557   -1.369  1.00 95.03  ? 7   U   B "O2'" 1 
ATOM   463 C "C1'" . U   B 2 7  ? 8.771   -0.197  0.132   1.00 62.12  ? 7   U   B "C1'" 1 
ATOM   464 N N1    . U   B 2 7  ? 7.372   -0.579  -0.090  1.00 57.00  ? 7   U   B N1    1 
ATOM   465 C C2    . U   B 2 7  ? 7.139   -1.527  -1.062  1.00 64.85  ? 7   U   B C2    1 
ATOM   466 O O2    . U   B 2 7  ? 8.031   -2.025  -1.723  1.00 75.34  ? 7   U   B O2    1 
ATOM   467 N N3    . U   B 2 7  ? 5.819   -1.864  -1.237  1.00 60.70  ? 7   U   B N3    1 
ATOM   468 C C4    . U   B 2 7  ? 4.731   -1.345  -0.574  1.00 52.00  ? 7   U   B C4    1 
ATOM   469 O O4    . U   B 2 7  ? 3.603   -1.740  -0.862  1.00 39.68  ? 7   U   B O4    1 
ATOM   470 C C5    . U   B 2 7  ? 5.052   -0.363  0.416   1.00 57.65  ? 7   U   B C5    1 
ATOM   471 C C6    . U   B 2 7  ? 6.331   -0.022  0.619   1.00 59.74  ? 7   U   B C6    1 
ATOM   472 P P     . U   B 2 8  ? 9.422   4.392   -1.529  1.00 66.36  ? 8   U   B P     1 
ATOM   473 O OP1   . U   B 2 8  ? 10.467  5.457   -1.450  1.00 60.25  ? 8   U   B OP1   1 
ATOM   474 O OP2   . U   B 2 8  ? 8.042   4.737   -1.160  1.00 57.55  ? 8   U   B OP2   1 
ATOM   475 O "O5'" . U   B 2 8  ? 9.364   3.711   -2.969  1.00 64.26  ? 8   U   B "O5'" 1 
ATOM   476 C "C5'" . U   B 2 8  ? 10.576  3.203   -3.568  1.00 72.87  ? 8   U   B "C5'" 1 
ATOM   477 C "C4'" . U   B 2 8  ? 10.297  2.176   -4.639  1.00 73.05  ? 8   U   B "C4'" 1 
ATOM   478 O "O4'" . U   B 2 8  ? 9.756   0.955   -4.057  1.00 70.64  ? 8   U   B "O4'" 1 
ATOM   479 C "C3'" . U   B 2 8  ? 9.267   2.555   -5.694  1.00 82.33  ? 8   U   B "C3'" 1 
ATOM   480 O "O3'" . U   B 2 8  ? 9.724   3.388   -6.750  1.00 79.80  ? 8   U   B "O3'" 1 
ATOM   481 C "C2'" . U   B 2 8  ? 8.922   1.193   -6.271  1.00 86.39  ? 8   U   B "C2'" 1 
ATOM   482 O "O2'" . U   B 2 8  ? 9.853   0.686   -7.203  1.00 95.45  ? 8   U   B "O2'" 1 
ATOM   483 C "C1'" . U   B 2 8  ? 8.877   0.344   -5.000  1.00 83.18  ? 8   U   B "C1'" 1 
ATOM   484 N N1    . U   B 2 8  ? 7.507   0.297   -4.462  1.00 80.98  ? 8   U   B N1    1 
ATOM   485 C C2    . U   B 2 8  ? 6.607   -0.530  -5.111  1.00 80.83  ? 8   U   B C2    1 
ATOM   486 O O2    . U   B 2 8  ? 6.919   -1.236  -6.052  1.00 82.90  ? 8   U   B O2    1 
ATOM   487 N N3    . U   B 2 8  ? 5.334   -0.518  -4.597  1.00 79.24  ? 8   U   B N3    1 
ATOM   488 C C4    . U   B 2 8  ? 4.869   0.239   -3.542  1.00 79.44  ? 8   U   B C4    1 
ATOM   489 O O4    . U   B 2 8  ? 3.692   0.136   -3.195  1.00 74.22  ? 8   U   B O4    1 
ATOM   490 C C5    . U   B 2 8  ? 5.851   1.090   -2.943  1.00 82.27  ? 8   U   B C5    1 
ATOM   491 C C6    . U   B 2 8  ? 7.098   1.107   -3.425  1.00 84.24  ? 8   U   B C6    1 
ATOM   492 P P     . A   B 2 9  ? 8.951   4.743   -7.134  1.00 89.75  ? 9   A   B P     1 
ATOM   493 O OP1   . A   B 2 9  ? 9.925   5.852   -6.927  1.00 73.59  ? 9   A   B OP1   1 
ATOM   494 O OP2   . A   B 2 9  ? 7.704   4.785   -6.341  1.00 94.73  ? 9   A   B OP2   1 
ATOM   495 O "O5'" . A   B 2 9  ? 8.483   4.484   -8.634  1.00 79.47  ? 9   A   B "O5'" 1 
ATOM   496 C "C5'" . A   B 2 9  ? 8.984   3.381   -9.406  1.00 78.45  ? 9   A   B "C5'" 1 
ATOM   497 C "C4'" . A   B 2 9  ? 7.890   2.770   -10.252 1.00 86.29  ? 9   A   B "C4'" 1 
ATOM   498 O "O4'" . A   B 2 9  ? 7.332   1.614   -9.582  1.00 92.56  ? 9   A   B "O4'" 1 
ATOM   499 C "C3'" . A   B 2 9  ? 6.689   3.649   -10.573 1.00 86.29  ? 9   A   B "C3'" 1 
ATOM   500 O "O3'" . A   B 2 9  ? 6.988   4.440   -11.707 1.00 85.03  ? 9   A   B "O3'" 1 
ATOM   501 C "C2'" . A   B 2 9  ? 5.589   2.628   -10.858 1.00 87.37  ? 9   A   B "C2'" 1 
ATOM   502 O "O2'" . A   B 2 9  ? 5.415   2.234   -12.202 1.00 81.84  ? 9   A   B "O2'" 1 
ATOM   503 C "C1'" . A   B 2 9  ? 5.952   1.498   -9.892  1.00 89.47  ? 9   A   B "C1'" 1 
ATOM   504 N N9    . A   B 2 9  ? 5.192   1.615   -8.648  1.00 101.34 ? 9   A   B N9    1 
ATOM   505 C C8    . A   B 2 9  ? 5.508   2.324   -7.514  1.00 113.02 ? 9   A   B C8    1 
ATOM   506 N N7    . A   B 2 9  ? 4.591   2.265   -6.580  1.00 96.10  ? 9   A   B N7    1 
ATOM   507 C C5    . A   B 2 9  ? 3.593   1.486   -7.146  1.00 86.23  ? 9   A   B C5    1 
ATOM   508 C C6    . A   B 2 9  ? 2.350   1.061   -6.668  1.00 84.62  ? 9   A   B C6    1 
ATOM   509 N N6    . A   B 2 9  ? 1.885   1.362   -5.455  1.00 82.97  ? 9   A   B N6    1 
ATOM   510 N N1    . A   B 2 9  ? 1.593   0.289   -7.482  1.00 92.87  ? 9   A   B N1    1 
ATOM   511 C C2    . A   B 2 9  ? 2.073   -0.032  -8.691  1.00 89.68  ? 9   A   B C2    1 
ATOM   512 N N3    . A   B 2 9  ? 3.223   0.320   -9.255  1.00 92.60  ? 9   A   B N3    1 
ATOM   513 C C4    . A   B 2 9  ? 3.947   1.082   -8.420  1.00 89.83  ? 9   A   B C4    1 
ATOM   514 P P     . A   B 2 10 ? 6.184   5.766   -11.966 1.00 96.38  ? 10  A   B P     1 
ATOM   515 O OP1   . A   B 2 10 ? 6.705   6.390   -13.208 1.00 101.64 ? 10  A   B OP1   1 
ATOM   516 O OP2   . A   B 2 10 ? 6.123   6.522   -10.688 1.00 88.94  ? 10  A   B OP2   1 
ATOM   517 O "O5'" . A   B 2 10 ? 4.748   5.255   -12.399 1.00 79.60  ? 10  A   B "O5'" 1 
ATOM   518 C "C5'" . A   B 2 10 ? 4.518   4.904   -13.752 1.00 75.70  ? 10  A   B "C5'" 1 
ATOM   519 C "C4'" . A   B 2 10 ? 3.191   4.231   -13.821 1.00 79.46  ? 10  A   B "C4'" 1 
ATOM   520 O "O4'" . A   B 2 10 ? 3.076   3.288   -12.727 1.00 84.10  ? 10  A   B "O4'" 1 
ATOM   521 C "C3'" . A   B 2 10 ? 2.003   5.142   -13.571 1.00 82.67  ? 10  A   B "C3'" 1 
ATOM   522 O "O3'" . A   B 2 10 ? 1.743   6.021   -14.650 1.00 89.58  ? 10  A   B "O3'" 1 
ATOM   523 C "C2'" . A   B 2 10 ? 0.924   4.115   -13.267 1.00 85.88  ? 10  A   B "C2'" 1 
ATOM   524 O "O2'" . A   B 2 10 ? 0.363   3.456   -14.386 1.00 75.88  ? 10  A   B "O2'" 1 
ATOM   525 C "C1'" . A   B 2 10 ? 1.702   3.148   -12.373 1.00 93.89  ? 10  A   B "C1'" 1 
ATOM   526 N N9    . A   B 2 10 ? 1.537   3.431   -10.941 1.00 93.93  ? 10  A   B N9    1 
ATOM   527 C C8    . A   B 2 10 ? 2.294   4.254   -10.142 1.00 97.78  ? 10  A   B C8    1 
ATOM   528 N N7    . A   B 2 10 ? 1.881   4.308   -8.898  1.00 94.10  ? 10  A   B N7    1 
ATOM   529 C C5    . A   B 2 10 ? 0.768   3.480   -8.880  1.00 87.30  ? 10  A   B C5    1 
ATOM   530 C C6    . A   B 2 10 ? -0.132  3.130   -7.858  1.00 91.95  ? 10  A   B C6    1 
ATOM   531 N N6    . A   B 2 10 ? -0.031  3.580   -6.606  1.00 102.25 ? 10  A   B N6    1 
ATOM   532 N N1    . A   B 2 10 ? -1.149  2.296   -8.170  1.00 81.83  ? 10  A   B N1    1 
ATOM   533 C C2    . A   B 2 10 ? -1.246  1.851   -9.430  1.00 89.43  ? 10  A   B C2    1 
ATOM   534 N N3    . A   B 2 10 ? -0.465  2.113   -10.480 1.00 91.86  ? 10  A   B N3    1 
ATOM   535 C C4    . A   B 2 10 ? 0.536   2.944   -10.133 1.00 87.67  ? 10  A   B C4    1 
ATOM   536 P P     . G   B 2 11 ? 1.297   7.533   -14.357 1.00 100.70 ? 11  G   B P     1 
ATOM   537 O OP1   . G   B 2 11 ? 1.465   8.300   -15.612 1.00 107.14 ? 11  G   B OP1   1 
ATOM   538 O OP2   . G   B 2 11 ? 1.976   7.999   -13.114 1.00 104.77 ? 11  G   B OP2   1 
ATOM   539 O "O5'" . G   B 2 11 ? -0.262  7.417   -14.050 1.00 74.96  ? 11  G   B "O5'" 1 
ATOM   540 C "C5'" . G   B 2 11 ? -1.112  6.605   -14.860 1.00 64.10  ? 11  G   B "C5'" 1 
ATOM   541 C "C4'" . G   B 2 11 ? -2.236  6.091   -14.009 1.00 69.89  ? 11  G   B "C4'" 1 
ATOM   542 O "O4'" . G   B 2 11 ? -1.736  5.305   -12.898 1.00 76.04  ? 11  G   B "O4'" 1 
ATOM   543 C "C3'" . G   B 2 11 ? -3.065  7.117   -13.267 1.00 69.56  ? 11  G   B "C3'" 1 
ATOM   544 O "O3'" . G   B 2 11 ? -3.807  7.867   -14.204 1.00 72.33  ? 11  G   B "O3'" 1 
ATOM   545 C "C2'" . G   B 2 11 ? -3.843  6.203   -12.325 1.00 68.63  ? 11  G   B "C2'" 1 
ATOM   546 O "O2'" . G   B 2 11 ? -4.933  5.481   -12.868 1.00 56.86  ? 11  G   B "O2'" 1 
ATOM   547 C "C1'" . G   B 2 11 ? -2.729  5.256   -11.875 1.00 69.53  ? 11  G   B "C1'" 1 
ATOM   548 N N9    . G   B 2 11 ? -2.126  5.646   -10.599 1.00 72.55  ? 11  G   B N9    1 
ATOM   549 C C8    . G   B 2 11 ? -0.849  6.103   -10.365 1.00 75.81  ? 11  G   B C8    1 
ATOM   550 N N7    . G   B 2 11 ? -0.630  6.396   -9.111  1.00 64.28  ? 11  G   B N7    1 
ATOM   551 C C5    . G   B 2 11 ? -1.831  6.108   -8.478  1.00 75.98  ? 11  G   B C5    1 
ATOM   552 C C6    . G   B 2 11 ? -2.199  6.220   -7.113  1.00 77.35  ? 11  G   B C6    1 
ATOM   553 O O6    . G   B 2 11 ? -1.505  6.596   -6.161  1.00 81.68  ? 11  G   B O6    1 
ATOM   554 N N1    . G   B 2 11 ? -3.526  5.853   -6.908  1.00 66.13  ? 11  G   B N1    1 
ATOM   555 C C2    . G   B 2 11 ? -4.387  5.427   -7.891  1.00 68.96  ? 11  G   B C2    1 
ATOM   556 N N2    . G   B 2 11 ? -5.622  5.100   -7.500  1.00 70.21  ? 11  G   B N2    1 
ATOM   557 N N3    . G   B 2 11 ? -4.053  5.310   -9.165  1.00 71.68  ? 11  G   B N3    1 
ATOM   558 C C4    . G   B 2 11 ? -2.765  5.649   -9.383  1.00 72.43  ? 11  G   B C4    1 
ATOM   559 P P     . U   B 2 12 ? -4.554  9.193   -13.777 1.00 70.82  ? 12  U   B P     1 
ATOM   560 O OP1   . U   B 2 12 ? -5.182  9.719   -15.007 1.00 80.27  ? 12  U   B OP1   1 
ATOM   561 O OP2   . U   B 2 12 ? -3.607  10.073  -13.019 1.00 60.57  ? 12  U   B OP2   1 
ATOM   562 O "O5'" . U   B 2 12 ? -5.651  8.665   -12.750 1.00 72.17  ? 12  U   B "O5'" 1 
ATOM   563 C "C5'" . U   B 2 12 ? -6.946  8.184   -13.153 1.00 84.18  ? 12  U   B "C5'" 1 
ATOM   564 C "C4'" . U   B 2 12 ? -7.855  8.047   -11.947 1.00 85.39  ? 12  U   B "C4'" 1 
ATOM   565 O "O4'" . U   B 2 12 ? -7.209  7.215   -10.937 1.00 91.71  ? 12  U   B "O4'" 1 
ATOM   566 C "C3'" . U   B 2 12 ? -8.195  9.320   -11.188 1.00 78.21  ? 12  U   B "C3'" 1 
ATOM   567 O "O3'" . U   B 2 12 ? -9.235  10.113  -11.738 1.00 81.06  ? 12  U   B "O3'" 1 
ATOM   568 C "C2'" . U   B 2 12 ? -8.612  8.748   -9.842  1.00 79.37  ? 12  U   B "C2'" 1 
ATOM   569 O "O2'" . U   B 2 12 ? -9.899  8.159   -9.795  1.00 65.38  ? 12  U   B "O2'" 1 
ATOM   570 C "C1'" . U   B 2 12 ? -7.529  7.695   -9.639  1.00 80.45  ? 12  U   B "C1'" 1 
ATOM   571 N N1    . U   B 2 12 ? -6.296  8.187   -8.989  1.00 81.63  ? 12  U   B N1    1 
ATOM   572 C C2    . U   B 2 12 ? -6.315  8.364   -7.616  1.00 79.13  ? 12  U   B C2    1 
ATOM   573 O O2    . U   B 2 12 ? -7.312  8.181   -6.939  1.00 77.60  ? 12  U   B O2    1 
ATOM   574 N N3    . U   B 2 12 ? -5.128  8.792   -7.071  1.00 68.85  ? 12  U   B N3    1 
ATOM   575 C C4    . U   B 2 12 ? -3.954  9.067   -7.742  1.00 73.50  ? 12  U   B C4    1 
ATOM   576 O O4    . U   B 2 12 ? -2.975  9.464   -7.117  1.00 74.99  ? 12  U   B O4    1 
ATOM   577 C C5    . U   B 2 12 ? -4.017  8.867   -9.155  1.00 77.14  ? 12  U   B C5    1 
ATOM   578 C C6    . U   B 2 12 ? -5.157  8.449   -9.717  1.00 78.74  ? 12  U   B C6    1 
ATOM   579 P P     . C   B 2 13 ? -9.208  11.710  -11.562 1.00 86.95  ? 13  C   B P     1 
ATOM   580 O OP1   . C   B 2 13 ? -10.293 12.294  -12.397 1.00 91.95  ? 13  C   B OP1   1 
ATOM   581 O OP2   . C   B 2 13 ? -7.808  12.169  -11.715 1.00 93.38  ? 13  C   B OP2   1 
ATOM   582 O "O5'" . C   B 2 13 ? -9.620  11.952  -10.046 1.00 79.85  ? 13  C   B "O5'" 1 
ATOM   583 C "C5'" . C   B 2 13 ? -10.883 11.493  -9.562  1.00 83.95  ? 13  C   B "C5'" 1 
ATOM   584 C "C4'" . C   B 2 13 ? -10.884 11.427  -8.052  1.00 86.25  ? 13  C   B "C4'" 1 
ATOM   585 O "O4'" . C   B 2 13 ? -9.816  10.571  -7.548  1.00 88.94  ? 13  C   B "O4'" 1 
ATOM   586 C "C3'" . C   B 2 13 ? -10.642 12.732  -7.320  1.00 74.47  ? 13  C   B "C3'" 1 
ATOM   587 O "O3'" . C   B 2 13 ? -11.816 13.533  -7.335  1.00 74.79  ? 13  C   B "O3'" 1 
ATOM   588 C "C2'" . C   B 2 13 ? -10.297 12.220  -5.935  1.00 62.24  ? 13  C   B "C2'" 1 
ATOM   589 O "O2'" . C   B 2 13 ? -11.451 11.662  -5.363  1.00 52.72  ? 13  C   B "O2'" 1 
ATOM   590 C "C1'" . C   B 2 13 ? -9.386  11.044  -6.276  1.00 71.43  ? 13  C   B "C1'" 1 
ATOM   591 N N1    . C   B 2 13 ? -7.950  11.395  -6.341  1.00 72.36  ? 13  C   B N1    1 
ATOM   592 C C2    . C   B 2 13 ? -7.258  11.632  -5.147  1.00 68.21  ? 13  C   B C2    1 
ATOM   593 O O2    . C   B 2 13 ? -7.864  11.537  -4.072  1.00 64.70  ? 13  C   B O2    1 
ATOM   594 N N3    . C   B 2 13 ? -5.950  11.970  -5.198  1.00 65.92  ? 13  C   B N3    1 
ATOM   595 C C4    . C   B 2 13 ? -5.333  12.073  -6.376  1.00 65.91  ? 13  C   B C4    1 
ATOM   596 N N4    . C   B 2 13 ? -4.042  12.393  -6.378  1.00 73.35  ? 13  C   B N4    1 
ATOM   597 C C5    . C   B 2 13 ? -6.011  11.843  -7.604  1.00 66.22  ? 13  C   B C5    1 
ATOM   598 C C6    . C   B 2 13 ? -7.307  11.508  -7.542  1.00 69.92  ? 13  C   B C6    1 
ATOM   599 P P     . G   B 2 14 ? -11.723 15.029  -6.992  1.00 67.38  ? 14  G   B P     1 
ATOM   600 O OP1   . G   B 2 14 ? -13.066 15.639  -6.863  1.00 55.34  ? 14  G   B OP1   1 
ATOM   601 O OP2   . G   B 2 14 ? -10.710 15.541  -7.958  1.00 60.52  ? 14  G   B OP2   1 
ATOM   602 O "O5'" . G   B 2 14 ? -11.113 15.021  -5.521  1.00 63.66  ? 14  G   B "O5'" 1 
ATOM   603 C "C5'" . G   B 2 14 ? -11.716 15.779  -4.459  1.00 63.92  ? 14  G   B "C5'" 1 
ATOM   604 C "C4'" . G   B 2 14 ? -10.816 15.754  -3.245  1.00 67.03  ? 14  G   B "C4'" 1 
ATOM   605 O "O4'" . G   B 2 14 ? -9.795  14.745  -3.427  1.00 63.23  ? 14  G   B "O4'" 1 
ATOM   606 C "C3'" . G   B 2 14 ? -10.004 17.009  -2.977  1.00 66.60  ? 14  G   B "C3'" 1 
ATOM   607 O "O3'" . G   B 2 14 ? -10.731 18.094  -2.406  1.00 83.59  ? 14  G   B "O3'" 1 
ATOM   608 C "C2'" . G   B 2 14 ? -8.911  16.472  -2.069  1.00 59.13  ? 14  G   B "C2'" 1 
ATOM   609 O "O2'" . G   B 2 14 ? -9.347  16.345  -0.736  1.00 60.37  ? 14  G   B "O2'" 1 
ATOM   610 C "C1'" . G   B 2 14 ? -8.657  15.095  -2.675  1.00 58.04  ? 14  G   B "C1'" 1 
ATOM   611 N N9    . G   B 2 14 ? -7.487  15.036  -3.545  1.00 60.44  ? 14  G   B N9    1 
ATOM   612 C C8    . G   B 2 14 ? -7.445  14.842  -4.904  1.00 67.18  ? 14  G   B C8    1 
ATOM   613 N N7    . G   B 2 14 ? -6.230  14.816  -5.380  1.00 63.26  ? 14  G   B N7    1 
ATOM   614 C C5    . G   B 2 14 ? -5.423  14.964  -4.263  1.00 51.58  ? 14  G   B C5    1 
ATOM   615 C C6    . G   B 2 14 ? -4.017  15.022  -4.154  1.00 55.63  ? 14  G   B C6    1 
ATOM   616 O O6    . G   B 2 14 ? -3.174  14.956  -5.058  1.00 58.78  ? 14  G   B O6    1 
ATOM   617 N N1    . G   B 2 14 ? -3.613  15.198  -2.829  1.00 49.29  ? 14  G   B N1    1 
ATOM   618 C C2    . G   B 2 14 ? -4.461  15.316  -1.758  1.00 44.30  ? 14  G   B C2    1 
ATOM   619 N N2    . G   B 2 14 ? -3.898  15.475  -0.559  1.00 44.48  ? 14  G   B N2    1 
ATOM   620 N N3    . G   B 2 14 ? -5.774  15.280  -1.851  1.00 50.37  ? 14  G   B N3    1 
ATOM   621 C C4    . G   B 2 14 ? -6.183  15.111  -3.125  1.00 55.81  ? 14  G   B C4    1 
HETATM 622 P P1    B EQ4 C 3 .  ? 3.238   -19.188 11.952  0.20 78.62  ? 101 EQ4 A P1    1 
HETATM 623 O O1    B EQ4 C 3 .  ? 3.608   -18.309 10.817  0.20 76.67  ? 101 EQ4 A O1    1 
HETATM 624 O O2    B EQ4 C 3 .  ? 4.477   -19.198 12.987  0.20 77.02  ? 101 EQ4 A O2    1 
HETATM 625 C C1    B EQ4 C 3 .  ? 1.013   -17.699 12.171  0.20 70.46  ? 101 EQ4 A C1    1 
HETATM 626 O O3    B EQ4 C 3 .  ? 2.020   -18.500 12.830  0.20 73.27  ? 101 EQ4 A O3    1 
HETATM 627 C C2    B EQ4 C 3 .  ? -0.352  -17.695 12.905  0.20 68.30  ? 101 EQ4 A C2    1 
HETATM 628 O O4    B EQ4 C 3 .  ? -1.162  -16.581 12.405  0.20 67.94  ? 101 EQ4 A O4    1 
HETATM 629 C C3    B EQ4 C 3 .  ? -1.187  -18.950 12.602  0.20 67.98  ? 101 EQ4 A C3    1 
HETATM 630 O O5    B EQ4 C 3 .  ? -1.468  -19.696 13.810  0.20 67.60  ? 101 EQ4 A O5    1 
HETATM 631 C C4    B EQ4 C 3 .  ? -2.493  -18.419 12.003  0.20 66.48  ? 101 EQ4 A C4    1 
HETATM 632 O O6    B EQ4 C 3 .  ? -3.479  -18.179 13.027  0.20 65.72  ? 101 EQ4 A O6    1 
HETATM 633 C C5    B EQ4 C 3 .  ? -2.078  -17.107 11.394  0.20 64.67  ? 101 EQ4 A C5    1 
HETATM 634 N N1    B EQ4 C 3 .  ? -2.796  -17.857 6.283   0.20 58.80  ? 101 EQ4 A N1    1 
HETATM 635 C C6    B EQ4 C 3 .  ? -3.764  -17.691 7.269   0.20 58.74  ? 101 EQ4 A C6    1 
HETATM 636 N N2    B EQ4 C 3 .  ? -5.049  -17.717 6.939   0.20 58.86  ? 101 EQ4 A N2    1 
HETATM 637 N N3    B EQ4 C 3 .  ? -3.388  -17.506 8.545   0.20 59.96  ? 101 EQ4 A N3    1 
HETATM 638 C C7    B EQ4 C 3 .  ? -2.081  -17.482 8.874   0.20 60.88  ? 101 EQ4 A C7    1 
HETATM 639 C C8    B EQ4 C 3 .  ? -1.136  -17.637 7.936   0.20 59.69  ? 101 EQ4 A C8    1 
HETATM 640 C C9    B EQ4 C 3 .  ? -1.454  -17.825 6.657   0.20 58.08  ? 101 EQ4 A C9    1 
HETATM 641 O O7    B EQ4 C 3 .  ? -0.580  -17.971 5.803   0.20 57.05  ? 101 EQ4 A O7    1 
HETATM 642 N N4    B EQ4 C 3 .  ? 0.049   -17.576 8.535   0.20 61.04  ? 101 EQ4 A N4    1 
HETATM 643 C C10   B EQ4 C 3 .  ? -0.154  -17.378 9.834   0.20 61.76  ? 101 EQ4 A C10   1 
HETATM 644 N N5    B EQ4 C 3 .  ? -1.464  -17.317 10.049  0.20 61.63  ? 101 EQ4 A N5    1 
HETATM 645 N N6    B EQ4 C 3 .  ? 2.812   -20.833 11.614  0.20 75.60  ? 101 EQ4 A N6    1 
HETATM 646 C C11   B EQ4 C 3 .  ? 1.756   -21.486 12.107  0.20 74.37  ? 101 EQ4 A C11   1 
HETATM 647 C C12   B EQ4 C 3 .  ? 1.761   -22.726 11.616  0.20 73.18  ? 101 EQ4 A C12   1 
HETATM 648 N N7    B EQ4 C 3 .  ? 2.819   -22.859 10.815  0.20 72.69  ? 101 EQ4 A N7    1 
HETATM 649 C C13   B EQ4 C 3 .  ? 3.452   -21.694 10.824  0.20 72.37  ? 101 EQ4 A C13   1 
HETATM 650 N N8    B EQ4 C 3 .  ? 4.563   -21.442 10.139  0.20 69.25  ? 101 EQ4 A N8    1 
HETATM 651 P PA    A EQ1 D 4 .  ? 5.046   -14.820 12.428  0.80 87.57  ? 102 EQ1 A PA    1 
HETATM 652 P PG    A EQ1 D 4 .  ? 2.486   -19.566 11.621  0.80 146.75 ? 102 EQ1 A PG    1 
HETATM 653 C C1C   A EQ1 D 4 .  ? 3.766   -17.208 11.726  0.80 105.96 ? 102 EQ1 A C1C   1 
HETATM 654 C C1D   A EQ1 D 4 .  ? 0.697   -12.630 12.199  0.80 66.89  ? 102 EQ1 A C1D   1 
HETATM 655 C C1E   A EQ1 D 4 .  ? -1.881  -16.810 10.371  0.80 70.43  ? 102 EQ1 A C1E   1 
HETATM 656 N N1A   A EQ1 D 4 .  ? -1.198  -13.924 7.666   0.80 63.40  ? 102 EQ1 A N1A   1 
HETATM 657 N N1B   A EQ1 D 4 .  ? -2.676  -18.109 5.509   0.80 56.51  ? 102 EQ1 A N1B   1 
HETATM 658 N N1C   A EQ1 D 4 .  ? 4.273   -16.390 12.648  0.80 98.75  ? 102 EQ1 A N1C   1 
HETATM 659 O O1A   A EQ1 D 4 .  ? 5.249   -14.329 11.064  0.80 79.74  ? 102 EQ1 A O1A   1 
HETATM 660 O O1G   A EQ1 D 4 .  ? 2.816   -19.909 10.211  0.80 135.41 ? 102 EQ1 A O1G   1 
HETATM 661 C C2A   A EQ1 D 4 .  ? -1.826  -13.509 8.838   0.80 58.42  ? 102 EQ1 A C2A   1 
HETATM 662 C C2B   A EQ1 D 4 .  ? -3.581  -17.773 6.518   0.80 54.46  ? 102 EQ1 A C2B   1 
HETATM 663 C C2C   A EQ1 D 4 .  ? 3.445   -18.135 13.645  0.80 102.29 ? 102 EQ1 A C2C   1 
HETATM 664 C C2D   A EQ1 D 4 .  ? -0.128  -13.612 12.972  0.80 64.63  ? 102 EQ1 A C2D   1 
HETATM 665 C C2E   A EQ1 D 4 .  ? -2.873  -17.830 10.892  0.80 78.69  ? 102 EQ1 A C2E   1 
HETATM 666 N N2A   A EQ1 D 4 .  ? -3.148  -13.392 8.885   0.80 58.70  ? 102 EQ1 A N2A   1 
HETATM 667 N N2B   A EQ1 D 4 .  ? -4.878  -17.742 6.315   0.80 53.54  ? 102 EQ1 A N2B   1 
HETATM 668 N N2C   A EQ1 D 4 .  ? 3.270   -18.284 12.335  0.80 119.53 ? 102 EQ1 A N2C   1 
HETATM 669 O O2A   A EQ1 D 4 .  ? 5.844   -14.217 13.547  0.80 78.51  ? 102 EQ1 A O2A   1 
HETATM 670 O O2D   A EQ1 D 4 .  ? -1.162  -12.871 13.548  0.80 72.11  ? 102 EQ1 A O2D   1 
HETATM 671 O O2E   A EQ1 D 4 .  ? -4.150  -17.436 11.426  0.80 75.23  ? 102 EQ1 A O2E   1 
HETATM 672 O O2G   A EQ1 D 4 .  ? 2.610   -20.884 12.549  0.80 150.50 ? 102 EQ1 A O2G   1 
HETATM 673 C C3C   A EQ1 D 4 .  ? 4.067   -16.980 13.834  0.80 98.15  ? 102 EQ1 A C3C   1 
HETATM 674 C C3D   A EQ1 D 4 .  ? 0.684   -14.101 14.081  0.80 68.09  ? 102 EQ1 A C3D   1 
HETATM 675 C C3E   A EQ1 D 4 .  ? -2.169  -18.528 12.071  0.80 89.92  ? 102 EQ1 A C3E   1 
HETATM 676 N N3A   A EQ1 D 4 .  ? -1.081  -13.230 9.906   0.80 57.94  ? 102 EQ1 A N3A   1 
HETATM 677 N N3B   A EQ1 D 4 .  ? -3.112  -17.461 7.719   0.80 56.08  ? 102 EQ1 A N3B   1 
HETATM 678 N N3C   A EQ1 D 4 .  ? 3.773   -17.002 10.403  0.80 97.17  ? 102 EQ1 A N3C   1 
HETATM 679 O O3D   A EQ1 D 4 .  ? -0.162  -14.085 15.287  0.80 67.51  ? 102 EQ1 A O3D   1 
HETATM 680 O O3E   A EQ1 D 4 .  ? -3.091  -18.709 13.175  0.80 95.23  ? 102 EQ1 A O3E   1 
HETATM 681 C C4A   A EQ1 D 4 .  ? 0.263   -13.346 9.878   0.80 65.64  ? 102 EQ1 A C4A   1 
HETATM 682 C C4B   A EQ1 D 4 .  ? -1.785  -17.473 7.965   0.80 57.94  ? 102 EQ1 A C4B   1 
HETATM 683 C C4D   A EQ1 D 4 .  ? 1.818   -13.076 14.197  0.80 69.64  ? 102 EQ1 A C4D   1 
HETATM 684 C C4E   A EQ1 D 4 .  ? -1.042  -17.570 12.482  0.80 97.07  ? 102 EQ1 A C4E   1 
HETATM 685 O O4D   A EQ1 D 4 .  ? 1.647   -12.141 13.158  0.80 71.67  ? 102 EQ1 A O4D   1 
HETATM 686 O O4E   A EQ1 D 4 .  ? -0.923  -16.599 11.405  0.80 89.78  ? 102 EQ1 A O4E   1 
HETATM 687 C C5A   A EQ1 D 4 .  ? 0.898   -13.749 8.766   0.80 68.08  ? 102 EQ1 A C5A   1 
HETATM 688 C C5B   A EQ1 D 4 .  ? -0.883  -17.787 7.016   0.80 53.11  ? 102 EQ1 A C5B   1 
HETATM 689 C C5D   A EQ1 D 4 .  ? 3.226   -13.707 14.123  0.80 74.24  ? 102 EQ1 A C5D   1 
HETATM 690 C C5E   A EQ1 D 4 .  ? 0.332   -18.195 12.809  0.80 108.99 ? 102 EQ1 A C5E   1 
HETATM 691 O O5D   A EQ1 D 4 .  ? 3.635   -13.955 12.769  0.80 74.67  ? 102 EQ1 A O5D   1 
HETATM 692 O O5E   A EQ1 D 4 .  ? 0.841   -19.171 11.815  0.80 135.61 ? 102 EQ1 A O5E   1 
HETATM 693 C C6A   A EQ1 D 4 .  ? 0.200   -14.034 7.660   0.80 67.82  ? 102 EQ1 A C6A   1 
HETATM 694 C C6B   A EQ1 D 4 .  ? -1.296  -18.113 5.782   0.80 53.25  ? 102 EQ1 A C6B   1 
HETATM 695 O O6A   A EQ1 D 4 .  ? 0.775   -14.390 6.636   0.80 68.75  ? 102 EQ1 A O6A   1 
HETATM 696 O O6B   A EQ1 D 4 .  ? -0.518  -18.403 4.873   0.80 51.81  ? 102 EQ1 A O6B   1 
HETATM 697 N N7A   A EQ1 D 4 .  ? 2.205   -13.776 9.016   0.80 67.40  ? 102 EQ1 A N7A   1 
HETATM 698 N N7B   A EQ1 D 4 .  ? 0.322   -17.724 7.581   0.80 57.10  ? 102 EQ1 A N7B   1 
HETATM 699 C C8A   A EQ1 D 4 .  ? 2.362   -13.372 10.277  0.80 67.41  ? 102 EQ1 A C8A   1 
HETATM 700 C C8B   A EQ1 D 4 .  ? 0.160   -17.368 8.863   0.80 62.38  ? 102 EQ1 A C8B   1 
HETATM 701 N N9A   A EQ1 D 4 .  ? 1.173   -13.132 10.831  0.80 67.59  ? 102 EQ1 A N9A   1 
HETATM 702 N N9B   A EQ1 D 4 .  ? -1.150  -17.223 9.110   0.80 64.12  ? 102 EQ1 A N9B   1 
HETATM 703 P PA    . EQ1 E 4 .  ? -8.823  20.098  -5.510  1.00 115.22 ? 103 EQ1 A PA    1 
HETATM 704 P PG    . EQ1 E 4 .  ? -5.411  24.166  -6.364  1.00 142.23 ? 103 EQ1 A PG    1 
HETATM 705 C C1C   . EQ1 E 4 .  ? -6.930  21.966  -6.098  1.00 123.57 ? 103 EQ1 A C1C   1 
HETATM 706 C C1D   . EQ1 E 4 .  ? -5.879  19.328  -1.391  1.00 62.01  ? 103 EQ1 A C1D   1 
HETATM 707 C C1E   . EQ1 E 4 .  ? -2.159  22.636  -2.604  1.00 80.54  ? 103 EQ1 A C1E   1 
HETATM 708 N N1A   . EQ1 E 4 .  ? -1.163  18.535  -3.238  1.00 64.76  ? 103 EQ1 A N1A   1 
HETATM 709 N N1B   . EQ1 E 4 .  ? 1.775   20.977  -5.606  1.00 54.52  ? 103 EQ1 A N1B   1 
HETATM 710 N N1C   . EQ1 E 4 .  ? -8.122  21.663  -5.544  1.00 128.23 ? 103 EQ1 A N1C   1 
HETATM 711 O O1A   . EQ1 E 4 .  ? -7.970  18.990  -5.946  1.00 116.43 ? 103 EQ1 A O1A   1 
HETATM 712 O O1G   . EQ1 E 4 .  ? -4.572  23.736  -7.515  1.00 124.52 ? 103 EQ1 A O1G   1 
HETATM 713 C C2A   . EQ1 E 4 .  ? -1.552  18.876  -1.970  1.00 58.55  ? 103 EQ1 A C2A   1 
HETATM 714 C C2B   . EQ1 E 4 .  ? 1.831   21.523  -4.338  1.00 51.91  ? 103 EQ1 A C2B   1 
HETATM 715 C C2C   . EQ1 E 4 .  ? -7.763  23.791  -5.276  1.00 125.23 ? 103 EQ1 A C2C   1 
HETATM 716 C C2D   . EQ1 E 4 .  ? -5.780  20.747  -0.937  1.00 63.75  ? 103 EQ1 A C2D   1 
HETATM 717 C C2E   . EQ1 E 4 .  ? -1.574  24.008  -2.281  1.00 91.69  ? 103 EQ1 A C2E   1 
HETATM 718 N N2A   . EQ1 E 4 .  ? -0.607  19.026  -1.058  1.00 57.51  ? 103 EQ1 A N2A   1 
HETATM 719 N N2B   . EQ1 E 4 .  ? 3.012   21.643  -3.794  1.00 52.30  ? 103 EQ1 A N2B   1 
HETATM 720 N N2C   . EQ1 E 4 .  ? -6.719  23.275  -5.932  1.00 133.41 ? 103 EQ1 A N2C   1 
HETATM 721 O O2A   . EQ1 E 4 .  ? -10.259 19.923  -5.684  1.00 101.40 ? 103 EQ1 A O2A   1 
HETATM 722 O O2D   . EQ1 E 4 .  ? -5.925  20.847  0.485   1.00 60.64  ? 103 EQ1 A O2D   1 
HETATM 723 O O2E   . EQ1 E 4 .  ? -1.398  24.145  -0.856  1.00 92.31  ? 103 EQ1 A O2E   1 
HETATM 724 O O2G   . EQ1 E 4 .  ? -5.846  25.715  -6.510  1.00 131.54 ? 103 EQ1 A O2G   1 
HETATM 725 C C3C   . EQ1 E 4 .  ? -8.628  22.807  -5.050  1.00 126.48 ? 103 EQ1 A C3C   1 
HETATM 726 C C3D   . EQ1 E 4 .  ? -6.962  21.405  -1.537  1.00 70.80  ? 103 EQ1 A C3D   1 
HETATM 727 C C3E   . EQ1 E 4 .  ? -2.631  25.004  -2.829  1.00 101.20 ? 103 EQ1 A C3E   1 
HETATM 728 N N3A   . EQ1 E 4 .  ? -2.857  19.039  -1.712  1.00 56.93  ? 103 EQ1 A N3A   1 
HETATM 729 N N3B   . EQ1 E 4 .  ? 0.711   21.900  -3.703  1.00 52.85  ? 103 EQ1 A N3B   1 
HETATM 730 N N3C   . EQ1 E 4 .  ? -6.093  21.121  -6.729  1.00 99.58  ? 103 EQ1 A N3C   1 
HETATM 731 O O3D   . EQ1 E 4 .  ? -7.391  22.415  -0.582  1.00 81.90  ? 103 EQ1 A O3D   1 
HETATM 732 O O3E   . EQ1 E 4 .  ? -2.562  26.336  -2.174  1.00 90.25  ? 103 EQ1 A O3E   1 
HETATM 733 C C4A   . EQ1 E 4 .  ? -3.784  18.875  -2.671  1.00 58.44  ? 103 EQ1 A C4A   1 
HETATM 734 C C4B   . EQ1 E 4 .  ? -0.483  21.745  -4.334  1.00 62.03  ? 103 EQ1 A C4B   1 
HETATM 735 C C4D   . EQ1 E 4 .  ? -8.012  20.305  -1.595  1.00 74.47  ? 103 EQ1 A C4D   1 
HETATM 736 C C4E   . EQ1 E 4 .  ? -3.957  24.225  -2.564  1.00 101.75 ? 103 EQ1 A C4E   1 
HETATM 737 O O4D   . EQ1 E 4 .  ? -7.261  19.108  -1.688  1.00 74.56  ? 103 EQ1 A O4D   1 
HETATM 738 O O4E   . EQ1 E 4 .  ? -3.610  22.830  -2.633  1.00 97.14  ? 103 EQ1 A O4E   1 
HETATM 739 C C5A   . EQ1 E 4 .  ? -3.438  18.549  -3.925  1.00 62.74  ? 103 EQ1 A C5A   1 
HETATM 740 C C5B   . EQ1 E 4 .  ? -0.555  21.208  -5.584  1.00 53.46  ? 103 EQ1 A C5B   1 
HETATM 741 C C5D   . EQ1 E 4 .  ? -9.051  20.509  -2.730  1.00 77.95  ? 103 EQ1 A C5D   1 
HETATM 742 C C5E   . EQ1 E 4 .  ? -5.063  24.372  -3.606  1.00 110.16 ? 103 EQ1 A C5E   1 
HETATM 743 O O5D   . EQ1 E 4 .  ? -8.664  19.739  -3.866  1.00 90.07  ? 103 EQ1 A O5D   1 
HETATM 744 O O5E   . EQ1 E 4 .  ? -4.514  24.221  -4.957  1.00 128.01 ? 103 EQ1 A O5E   1 
HETATM 745 C C6A   . EQ1 E 4 .  ? -2.139  18.375  -4.217  1.00 67.79  ? 103 EQ1 A C6A   1 
HETATM 746 C C6B   . EQ1 E 4 .  ? 0.540   20.828  -6.229  1.00 52.78  ? 103 EQ1 A C6B   1 
HETATM 747 O O6A   . EQ1 E 4 .  ? -1.763  18.077  -5.349  1.00 74.71  ? 103 EQ1 A O6A   1 
HETATM 748 O O6B   . EQ1 E 4 .  ? 0.511   20.376  -7.369  1.00 51.43  ? 103 EQ1 A O6B   1 
HETATM 749 N N7A   . EQ1 E 4 .  ? -4.543  18.457  -4.683  1.00 59.15  ? 103 EQ1 A N7A   1 
HETATM 750 N N7B   . EQ1 E 4 .  ? -1.816  21.188  -5.966  1.00 57.31  ? 103 EQ1 A N7B   1 
HETATM 751 C C8A   . EQ1 E 4 .  ? -5.562  18.716  -3.860  1.00 59.64  ? 103 EQ1 A C8A   1 
HETATM 752 C C8B   . EQ1 E 4 .  ? -2.533  21.689  -4.941  1.00 70.07  ? 103 EQ1 A C8B   1 
HETATM 753 N N9A   . EQ1 E 4 .  ? -5.106  18.995  -2.631  1.00 60.25  ? 103 EQ1 A N9A   1 
HETATM 754 N N9B   . EQ1 E 4 .  ? -1.728  22.050  -3.927  1.00 70.13  ? 103 EQ1 A N9B   1 
HETATM 755 O O     . HOH F 5 .  ? 4.319   -15.339 6.413   1.00 51.26  ? 201 HOH A O     1 
HETATM 756 O O     . HOH F 5 .  ? -9.908  4.997   4.366   1.00 37.32  ? 202 HOH A O     1 
HETATM 757 O O     . HOH F 5 .  ? -4.180  17.288  -8.244  1.00 58.52  ? 203 HOH A O     1 
HETATM 758 O O     . HOH F 5 .  ? -6.458  -1.477  2.688   1.00 31.64  ? 204 HOH A O     1 
HETATM 759 O O     . HOH G 5 .  ? -6.133  -0.755  5.261   1.00 33.42  ? 101 HOH B O     1 
HETATM 760 O O     . HOH G 5 .  ? 3.113   6.407   3.055   1.00 32.36  ? 102 HOH B O     1 
# 
